data_2E8P
#
_entry.id   2E8P
#
_cell.length_a   1.000
_cell.length_b   1.000
_cell.length_c   1.000
_cell.angle_alpha   90.00
_cell.angle_beta   90.00
_cell.angle_gamma   90.00
#
_symmetry.space_group_name_H-M   'P 1'
#
_entity_poly.entity_id   1
_entity_poly.type   'polypeptide(L)'
_entity_poly.pdbx_seq_one_letter_code
;GSSGSSGQMSLEGTEKASWLGEQPQFWSKTQVLDWISYQVEKNKYDASAIDFSRCDMDGATLCNCALEELRLVFGPLGDQ
LHAQLRDLTSSS
;
_entity_poly.pdbx_strand_id   A
#
# COMPACT_ATOMS: atom_id res chain seq x y z
N GLY A 1 5.47 -2.04 -25.66
CA GLY A 1 5.64 -3.05 -26.69
C GLY A 1 5.51 -2.47 -28.09
N SER A 2 4.29 -2.17 -28.49
CA SER A 2 4.03 -1.63 -29.82
C SER A 2 2.67 -0.92 -29.86
N SER A 3 2.69 0.38 -30.13
CA SER A 3 1.46 1.17 -30.20
C SER A 3 0.63 0.99 -28.94
N GLY A 4 1.12 1.54 -27.84
CA GLY A 4 0.41 1.43 -26.58
C GLY A 4 0.67 0.12 -25.87
N SER A 5 -0.22 -0.85 -26.08
CA SER A 5 -0.08 -2.15 -25.45
C SER A 5 -0.09 -2.04 -23.93
N SER A 6 -0.86 -1.08 -23.42
CA SER A 6 -0.97 -0.86 -21.99
C SER A 6 -2.08 0.14 -21.67
N GLY A 7 -2.79 -0.12 -20.58
CA GLY A 7 -3.88 0.76 -20.17
C GLY A 7 -5.20 0.38 -20.82
N GLN A 8 -5.36 -0.91 -21.12
CA GLN A 8 -6.58 -1.39 -21.75
C GLN A 8 -7.30 -2.39 -20.85
N MET A 9 -7.60 -1.96 -19.63
CA MET A 9 -8.30 -2.81 -18.67
C MET A 9 -8.54 -2.08 -17.36
N SER A 10 -9.81 -1.80 -17.07
CA SER A 10 -10.19 -1.09 -15.85
C SER A 10 -9.49 0.26 -15.78
N LEU A 11 -10.15 1.29 -16.29
CA LEU A 11 -9.60 2.64 -16.28
C LEU A 11 -10.58 3.62 -15.64
N GLU A 12 -11.24 3.18 -14.57
CA GLU A 12 -12.20 4.02 -13.86
C GLU A 12 -12.06 3.85 -12.35
N GLY A 13 -12.16 4.96 -11.62
CA GLY A 13 -12.04 4.92 -10.18
C GLY A 13 -11.69 6.26 -9.58
N THR A 14 -12.66 6.89 -8.93
CA THR A 14 -12.45 8.20 -8.32
C THR A 14 -13.30 8.35 -7.06
N GLU A 15 -12.82 7.80 -5.95
CA GLU A 15 -13.53 7.87 -4.69
C GLU A 15 -12.55 8.06 -3.53
N LYS A 16 -11.48 8.80 -3.77
CA LYS A 16 -10.47 9.06 -2.75
C LYS A 16 -9.84 7.75 -2.28
N ALA A 17 -8.93 7.86 -1.32
CA ALA A 17 -8.24 6.68 -0.77
C ALA A 17 -8.65 6.44 0.68
N SER A 18 -8.92 5.18 1.01
CA SER A 18 -9.32 4.81 2.36
C SER A 18 -8.23 5.14 3.36
N TRP A 19 -7.01 5.33 2.86
CA TRP A 19 -5.88 5.65 3.71
C TRP A 19 -5.41 7.08 3.47
N LEU A 20 -6.28 7.89 2.87
CA LEU A 20 -5.95 9.29 2.58
C LEU A 20 -6.68 10.21 3.54
N GLY A 21 -5.91 11.03 4.26
CA GLY A 21 -6.50 11.97 5.20
C GLY A 21 -6.18 11.62 6.64
N GLU A 22 -5.77 10.38 6.87
CA GLU A 22 -5.43 9.92 8.22
C GLU A 22 -4.00 9.41 8.27
N GLN A 23 -3.33 9.67 9.39
CA GLN A 23 -1.95 9.25 9.57
C GLN A 23 -1.82 7.74 9.47
N PRO A 24 -0.60 7.25 9.21
CA PRO A 24 -0.32 5.82 9.07
C PRO A 24 -0.43 5.08 10.41
N GLN A 25 -0.59 5.84 11.48
CA GLN A 25 -0.71 5.25 12.82
C GLN A 25 -2.16 4.87 13.11
N PHE A 26 -3.09 5.53 12.43
CA PHE A 26 -4.51 5.26 12.62
C PHE A 26 -5.10 4.58 11.39
N TRP A 27 -4.39 3.58 10.88
CA TRP A 27 -4.85 2.84 9.70
C TRP A 27 -5.55 1.55 10.11
N SER A 28 -6.40 1.04 9.22
CA SER A 28 -7.14 -0.19 9.49
C SER A 28 -6.51 -1.36 8.74
N LYS A 29 -6.91 -2.57 9.13
CA LYS A 29 -6.39 -3.79 8.49
C LYS A 29 -6.61 -3.75 6.99
N THR A 30 -7.64 -3.02 6.56
CA THR A 30 -7.96 -2.90 5.14
C THR A 30 -7.14 -1.80 4.48
N GLN A 31 -7.06 -0.65 5.16
CA GLN A 31 -6.30 0.48 4.63
C GLN A 31 -4.88 0.07 4.26
N VAL A 32 -4.24 -0.67 5.16
CA VAL A 32 -2.86 -1.14 4.94
C VAL A 32 -2.75 -1.84 3.58
N LEU A 33 -3.37 -3.01 3.49
CA LEU A 33 -3.33 -3.79 2.25
C LEU A 33 -3.79 -2.95 1.06
N ASP A 34 -4.65 -1.98 1.33
CA ASP A 34 -5.17 -1.10 0.29
C ASP A 34 -4.07 -0.17 -0.23
N TRP A 35 -3.19 0.25 0.68
CA TRP A 35 -2.09 1.15 0.31
C TRP A 35 -1.00 0.40 -0.43
N ILE A 36 -0.86 -0.88 -0.13
CA ILE A 36 0.16 -1.71 -0.77
C ILE A 36 -0.09 -1.81 -2.27
N SER A 37 -1.32 -2.15 -2.65
CA SER A 37 -1.67 -2.28 -4.06
C SER A 37 -1.29 -1.03 -4.83
N TYR A 38 -1.41 0.12 -4.18
CA TYR A 38 -1.08 1.39 -4.81
C TYR A 38 0.41 1.45 -5.19
N GLN A 39 1.25 1.02 -4.26
CA GLN A 39 2.70 1.02 -4.50
C GLN A 39 3.10 -0.16 -5.37
N VAL A 40 2.27 -1.20 -5.37
CA VAL A 40 2.54 -2.39 -6.17
C VAL A 40 2.16 -2.18 -7.63
N GLU A 41 1.19 -1.31 -7.86
CA GLU A 41 0.73 -1.01 -9.21
C GLU A 41 1.55 0.11 -9.84
N LYS A 42 2.14 0.94 -8.98
CA LYS A 42 2.95 2.06 -9.44
C LYS A 42 4.38 1.62 -9.71
N ASN A 43 4.89 0.73 -8.87
CA ASN A 43 6.24 0.21 -9.01
C ASN A 43 6.30 -0.87 -10.08
N LYS A 44 5.15 -1.20 -10.65
CA LYS A 44 5.08 -2.22 -11.69
C LYS A 44 5.49 -3.58 -11.15
N TYR A 45 5.44 -3.74 -9.83
CA TYR A 45 5.82 -4.99 -9.19
C TYR A 45 4.84 -6.10 -9.56
N ASP A 46 5.39 -7.25 -9.94
CA ASP A 46 4.58 -8.39 -10.32
C ASP A 46 3.57 -8.74 -9.22
N ALA A 47 3.94 -8.43 -7.97
CA ALA A 47 3.07 -8.70 -6.83
C ALA A 47 2.85 -10.20 -6.67
N SER A 48 3.79 -10.99 -7.16
CA SER A 48 3.70 -12.44 -7.05
C SER A 48 4.68 -12.99 -6.03
N ALA A 49 5.01 -12.16 -5.04
CA ALA A 49 5.95 -12.57 -4.00
C ALA A 49 5.45 -12.14 -2.62
N ILE A 50 4.93 -10.92 -2.54
CA ILE A 50 4.42 -10.39 -1.28
C ILE A 50 3.43 -11.36 -0.64
N ASP A 51 3.47 -11.44 0.69
CA ASP A 51 2.57 -12.32 1.43
C ASP A 51 1.50 -11.52 2.16
N PHE A 52 0.43 -11.20 1.45
CA PHE A 52 -0.68 -10.44 2.03
C PHE A 52 -1.20 -11.11 3.29
N SER A 53 -1.07 -12.43 3.35
CA SER A 53 -1.53 -13.20 4.50
C SER A 53 -0.72 -12.86 5.74
N ARG A 54 0.51 -12.41 5.54
CA ARG A 54 1.39 -12.04 6.64
C ARG A 54 1.14 -10.61 7.08
N CYS A 55 0.66 -9.79 6.15
CA CYS A 55 0.38 -8.39 6.44
C CYS A 55 -0.88 -8.24 7.27
N ASP A 56 -0.78 -8.58 8.55
CA ASP A 56 -1.91 -8.49 9.46
C ASP A 56 -1.88 -7.18 10.25
N MET A 57 -0.97 -6.29 9.88
CA MET A 57 -0.83 -5.01 10.54
C MET A 57 -2.03 -4.10 10.24
N ASP A 58 -2.67 -3.62 11.30
CA ASP A 58 -3.83 -2.75 11.16
C ASP A 58 -3.40 -1.33 10.76
N GLY A 59 -2.41 -0.80 11.48
CA GLY A 59 -1.92 0.53 11.20
C GLY A 59 -0.75 0.92 12.09
N ALA A 60 -0.98 0.92 13.40
CA ALA A 60 0.05 1.28 14.35
C ALA A 60 1.23 0.31 14.27
N THR A 61 0.97 -0.91 13.83
CA THR A 61 2.00 -1.93 13.71
C THR A 61 2.85 -1.69 12.46
N LEU A 62 2.25 -1.08 11.44
CA LEU A 62 2.96 -0.80 10.20
C LEU A 62 4.02 0.28 10.42
N CYS A 63 3.63 1.37 11.06
CA CYS A 63 4.54 2.47 11.33
C CYS A 63 5.60 2.07 12.36
N ASN A 64 5.25 1.11 13.21
CA ASN A 64 6.16 0.63 14.24
C ASN A 64 7.09 -0.46 13.68
N CYS A 65 6.63 -1.15 12.66
CA CYS A 65 7.41 -2.21 12.04
C CYS A 65 8.81 -1.72 11.67
N ALA A 66 9.70 -2.65 11.38
CA ALA A 66 11.07 -2.31 11.02
C ALA A 66 11.30 -2.45 9.52
N LEU A 67 12.31 -1.76 9.00
CA LEU A 67 12.63 -1.82 7.58
C LEU A 67 12.77 -3.26 7.11
N GLU A 68 13.72 -3.98 7.69
CA GLU A 68 13.96 -5.38 7.33
C GLU A 68 12.66 -6.18 7.40
N GLU A 69 11.77 -5.78 8.30
CA GLU A 69 10.49 -6.46 8.47
C GLU A 69 9.62 -6.30 7.22
N LEU A 70 9.41 -5.05 6.82
CA LEU A 70 8.60 -4.76 5.64
C LEU A 70 9.16 -5.45 4.40
N ARG A 71 10.46 -5.72 4.42
CA ARG A 71 11.11 -6.40 3.30
C ARG A 71 10.87 -7.90 3.34
N LEU A 72 10.54 -8.40 4.53
CA LEU A 72 10.28 -9.83 4.70
C LEU A 72 8.79 -10.13 4.54
N VAL A 73 7.97 -9.10 4.62
CA VAL A 73 6.53 -9.25 4.48
C VAL A 73 6.06 -8.84 3.10
N PHE A 74 6.80 -7.93 2.46
CA PHE A 74 6.46 -7.45 1.13
C PHE A 74 7.61 -7.71 0.16
N GLY A 75 8.44 -8.68 0.49
CA GLY A 75 9.57 -9.00 -0.37
C GLY A 75 10.52 -7.84 -0.55
N PRO A 76 11.18 -7.79 -1.71
CA PRO A 76 12.13 -6.71 -2.04
C PRO A 76 11.43 -5.37 -2.27
N LEU A 77 10.11 -5.40 -2.29
CA LEU A 77 9.32 -4.19 -2.50
C LEU A 77 9.33 -3.32 -1.25
N GLY A 78 9.53 -3.94 -0.10
CA GLY A 78 9.55 -3.20 1.16
C GLY A 78 10.52 -2.02 1.12
N ASP A 79 11.67 -2.23 0.50
CA ASP A 79 12.67 -1.18 0.40
C ASP A 79 12.07 0.10 -0.17
N GLN A 80 11.05 -0.06 -1.01
CA GLN A 80 10.38 1.08 -1.63
C GLN A 80 9.25 1.59 -0.75
N LEU A 81 8.51 0.65 -0.16
CA LEU A 81 7.38 1.01 0.71
C LEU A 81 7.86 1.81 1.92
N HIS A 82 8.92 1.33 2.57
CA HIS A 82 9.48 2.00 3.74
C HIS A 82 9.76 3.47 3.43
N ALA A 83 10.43 3.72 2.31
CA ALA A 83 10.77 5.08 1.90
C ALA A 83 9.54 5.97 1.90
N GLN A 84 8.39 5.40 1.53
CA GLN A 84 7.14 6.15 1.49
C GLN A 84 6.59 6.35 2.89
N LEU A 85 6.52 5.27 3.67
CA LEU A 85 6.00 5.33 5.03
C LEU A 85 6.84 6.29 5.89
N ARG A 86 8.11 6.43 5.52
CA ARG A 86 9.02 7.31 6.25
C ARG A 86 8.62 8.77 6.07
N ASP A 87 7.96 9.06 4.96
CA ASP A 87 7.53 10.43 4.66
C ASP A 87 6.16 10.69 5.27
N LEU A 88 5.30 9.67 5.29
CA LEU A 88 3.97 9.81 5.85
C LEU A 88 4.02 10.22 7.32
N THR A 89 4.78 9.46 8.11
CA THR A 89 4.92 9.74 9.54
C THR A 89 5.71 11.02 9.76
N SER A 90 6.70 11.28 8.91
CA SER A 90 7.53 12.47 9.01
C SER A 90 6.68 13.72 9.05
N SER A 91 5.70 13.79 8.15
CA SER A 91 4.81 14.95 8.08
C SER A 91 5.59 16.22 7.79
N SER A 92 4.91 17.36 7.85
CA SER A 92 5.54 18.65 7.60
C SER A 92 5.72 19.44 8.88
N GLY A 1 0.62 -0.15 -29.92
CA GLY A 1 -0.79 -0.14 -29.63
C GLY A 1 -1.48 -1.44 -30.01
N SER A 2 -1.72 -2.30 -29.02
CA SER A 2 -2.36 -3.58 -29.27
C SER A 2 -3.40 -3.89 -28.19
N SER A 3 -4.06 -5.03 -28.32
CA SER A 3 -5.08 -5.44 -27.35
C SER A 3 -5.28 -6.95 -27.39
N GLY A 4 -6.18 -7.44 -26.53
CA GLY A 4 -6.44 -8.86 -26.47
C GLY A 4 -7.85 -9.17 -25.99
N SER A 5 -7.96 -9.54 -24.72
CA SER A 5 -9.26 -9.86 -24.14
C SER A 5 -9.19 -9.85 -22.61
N SER A 6 -10.26 -9.39 -21.98
CA SER A 6 -10.33 -9.32 -20.53
C SER A 6 -11.75 -9.05 -20.06
N GLY A 7 -12.41 -8.09 -20.70
CA GLY A 7 -13.77 -7.75 -20.32
C GLY A 7 -14.18 -6.37 -20.81
N GLN A 8 -15.37 -5.94 -20.40
CA GLN A 8 -15.87 -4.62 -20.78
C GLN A 8 -15.87 -3.66 -19.60
N MET A 9 -14.70 -3.09 -19.31
CA MET A 9 -14.56 -2.16 -18.20
C MET A 9 -14.20 -0.77 -18.70
N SER A 10 -14.97 0.23 -18.28
CA SER A 10 -14.72 1.61 -18.69
C SER A 10 -15.14 2.58 -17.60
N LEU A 11 -14.54 2.45 -16.43
CA LEU A 11 -14.86 3.32 -15.30
C LEU A 11 -13.85 4.47 -15.19
N GLU A 12 -14.34 5.64 -14.81
CA GLU A 12 -13.48 6.81 -14.67
C GLU A 12 -14.10 7.82 -13.69
N GLY A 13 -13.25 8.61 -13.05
CA GLY A 13 -13.72 9.61 -12.12
C GLY A 13 -12.60 10.22 -11.29
N THR A 14 -12.94 10.73 -10.12
CA THR A 14 -11.96 11.35 -9.24
C THR A 14 -12.29 11.08 -7.77
N GLU A 15 -11.61 10.10 -7.19
CA GLU A 15 -11.83 9.75 -5.79
C GLU A 15 -10.55 9.89 -4.98
N LYS A 16 -10.64 9.65 -3.68
CA LYS A 16 -9.49 9.75 -2.80
C LYS A 16 -9.08 8.37 -2.27
N ALA A 17 -8.00 8.34 -1.49
CA ALA A 17 -7.52 7.08 -0.93
C ALA A 17 -7.92 6.95 0.53
N SER A 18 -8.32 5.74 0.92
CA SER A 18 -8.74 5.46 2.29
C SER A 18 -7.60 5.71 3.26
N TRP A 19 -6.38 5.75 2.74
CA TRP A 19 -5.20 5.98 3.57
C TRP A 19 -4.60 7.34 3.29
N LEU A 20 -5.37 8.22 2.67
CA LEU A 20 -4.92 9.56 2.34
C LEU A 20 -5.58 10.60 3.25
N GLY A 21 -4.76 11.35 3.97
CA GLY A 21 -5.28 12.36 4.87
C GLY A 21 -5.04 12.03 6.33
N GLU A 22 -4.76 10.76 6.62
CA GLU A 22 -4.52 10.31 7.98
C GLU A 22 -3.14 9.68 8.10
N GLN A 23 -2.49 9.90 9.23
CA GLN A 23 -1.16 9.34 9.47
C GLN A 23 -1.19 7.82 9.41
N PRO A 24 -0.01 7.21 9.21
CA PRO A 24 0.12 5.74 9.13
C PRO A 24 -0.11 5.07 10.48
N GLN A 25 -0.21 5.88 11.53
CA GLN A 25 -0.43 5.36 12.87
C GLN A 25 -1.92 5.12 13.13
N PHE A 26 -2.76 5.82 12.39
CA PHE A 26 -4.21 5.69 12.53
C PHE A 26 -4.82 5.05 11.29
N TRP A 27 -4.21 3.96 10.83
CA TRP A 27 -4.70 3.26 9.65
C TRP A 27 -5.54 2.05 10.05
N SER A 28 -6.32 1.53 9.10
CA SER A 28 -7.18 0.38 9.35
C SER A 28 -6.64 -0.86 8.65
N LYS A 29 -7.12 -2.02 9.07
CA LYS A 29 -6.69 -3.29 8.47
C LYS A 29 -6.90 -3.28 6.95
N THR A 30 -7.86 -2.47 6.50
CA THR A 30 -8.16 -2.37 5.08
C THR A 30 -7.24 -1.35 4.40
N GLN A 31 -7.04 -0.21 5.06
CA GLN A 31 -6.19 0.84 4.51
C GLN A 31 -4.79 0.31 4.23
N VAL A 32 -4.26 -0.49 5.15
CA VAL A 32 -2.93 -1.06 4.98
C VAL A 32 -2.82 -1.85 3.69
N LEU A 33 -3.55 -2.96 3.61
CA LEU A 33 -3.52 -3.81 2.43
C LEU A 33 -3.92 -3.02 1.19
N ASP A 34 -4.68 -1.95 1.39
CA ASP A 34 -5.13 -1.11 0.29
C ASP A 34 -4.00 -0.18 -0.18
N TRP A 35 -3.07 0.11 0.74
CA TRP A 35 -1.94 0.98 0.42
C TRP A 35 -0.87 0.22 -0.36
N ILE A 36 -0.70 -1.06 -0.01
CA ILE A 36 0.29 -1.90 -0.68
C ILE A 36 0.03 -2.00 -2.18
N SER A 37 -1.20 -2.37 -2.52
CA SER A 37 -1.58 -2.51 -3.92
C SER A 37 -1.23 -1.25 -4.71
N TYR A 38 -1.38 -0.10 -4.06
CA TYR A 38 -1.08 1.18 -4.70
C TYR A 38 0.39 1.26 -5.09
N GLN A 39 1.27 0.87 -4.18
CA GLN A 39 2.70 0.90 -4.43
C GLN A 39 3.12 -0.27 -5.32
N VAL A 40 2.31 -1.33 -5.31
CA VAL A 40 2.59 -2.51 -6.12
C VAL A 40 2.22 -2.29 -7.57
N GLU A 41 1.24 -1.41 -7.81
CA GLU A 41 0.78 -1.11 -9.15
C GLU A 41 1.57 0.06 -9.74
N LYS A 42 2.12 0.90 -8.87
CA LYS A 42 2.89 2.06 -9.29
C LYS A 42 4.35 1.68 -9.55
N ASN A 43 4.83 0.70 -8.81
CA ASN A 43 6.21 0.24 -8.94
C ASN A 43 6.31 -0.86 -10.01
N LYS A 44 5.21 -1.09 -10.71
CA LYS A 44 5.17 -2.12 -11.75
C LYS A 44 5.68 -3.45 -11.22
N TYR A 45 5.47 -3.68 -9.93
CA TYR A 45 5.90 -4.92 -9.29
C TYR A 45 5.00 -6.08 -9.69
N ASP A 46 5.60 -7.20 -10.07
CA ASP A 46 4.85 -8.38 -10.46
C ASP A 46 3.88 -8.81 -9.37
N ALA A 47 4.21 -8.45 -8.12
CA ALA A 47 3.37 -8.80 -6.99
C ALA A 47 3.28 -10.31 -6.80
N SER A 48 4.29 -11.02 -7.29
CA SER A 48 4.32 -12.48 -7.19
C SER A 48 5.37 -12.92 -6.17
N ALA A 49 5.66 -12.05 -5.21
CA ALA A 49 6.64 -12.36 -4.17
C ALA A 49 6.11 -11.98 -2.80
N ILE A 50 5.44 -10.84 -2.71
CA ILE A 50 4.88 -10.36 -1.45
C ILE A 50 4.04 -11.44 -0.78
N ASP A 51 4.12 -11.50 0.54
CA ASP A 51 3.36 -12.49 1.31
C ASP A 51 2.30 -11.81 2.18
N PHE A 52 1.17 -11.49 1.57
CA PHE A 52 0.08 -10.83 2.30
C PHE A 52 -0.36 -11.67 3.49
N SER A 53 -0.11 -12.97 3.42
CA SER A 53 -0.48 -13.88 4.50
C SER A 53 0.07 -13.40 5.84
N ARG A 54 1.29 -12.87 5.80
CA ARG A 54 1.94 -12.37 7.02
C ARG A 54 1.78 -10.86 7.14
N CYS A 55 0.76 -10.33 6.47
CA CYS A 55 0.49 -8.90 6.50
C CYS A 55 -0.61 -8.57 7.49
N ASP A 56 -0.36 -8.84 8.77
CA ASP A 56 -1.34 -8.57 9.82
C ASP A 56 -1.05 -7.23 10.50
N MET A 57 -1.25 -6.15 9.77
CA MET A 57 -1.02 -4.81 10.30
C MET A 57 -2.22 -3.91 10.05
N ASP A 58 -2.74 -3.31 11.10
CA ASP A 58 -3.89 -2.41 11.00
C ASP A 58 -3.45 -0.99 10.70
N GLY A 59 -2.41 -0.54 11.41
CA GLY A 59 -1.90 0.80 11.21
C GLY A 59 -0.69 1.11 12.08
N ALA A 60 -0.87 1.05 13.39
CA ALA A 60 0.21 1.31 14.32
C ALA A 60 1.32 0.29 14.17
N THR A 61 0.98 -0.89 13.68
CA THR A 61 1.95 -1.96 13.48
C THR A 61 2.81 -1.70 12.24
N LEU A 62 2.21 -1.05 11.24
CA LEU A 62 2.92 -0.75 10.00
C LEU A 62 3.99 0.31 10.23
N CYS A 63 3.62 1.38 10.93
CA CYS A 63 4.55 2.46 11.21
C CYS A 63 5.58 2.03 12.26
N ASN A 64 5.21 1.07 13.09
CA ASN A 64 6.10 0.57 14.13
C ASN A 64 7.02 -0.52 13.57
N CYS A 65 6.56 -1.21 12.53
CA CYS A 65 7.35 -2.26 11.91
C CYS A 65 8.75 -1.77 11.57
N ALA A 66 9.65 -2.71 11.30
CA ALA A 66 11.02 -2.38 10.95
C ALA A 66 11.25 -2.48 9.44
N LEU A 67 12.26 -1.77 8.95
CA LEU A 67 12.58 -1.78 7.53
C LEU A 67 12.73 -3.20 7.02
N GLU A 68 13.69 -3.94 7.57
CA GLU A 68 13.94 -5.32 7.18
C GLU A 68 12.65 -6.14 7.22
N GLU A 69 11.83 -5.87 8.23
CA GLU A 69 10.56 -6.57 8.39
C GLU A 69 9.69 -6.44 7.15
N LEU A 70 9.43 -5.19 6.77
CA LEU A 70 8.61 -4.92 5.59
C LEU A 70 9.21 -5.55 4.34
N ARG A 71 10.51 -5.77 4.37
CA ARG A 71 11.22 -6.38 3.24
C ARG A 71 11.05 -7.89 3.25
N LEU A 72 10.74 -8.44 4.42
CA LEU A 72 10.55 -9.88 4.57
C LEU A 72 9.09 -10.27 4.38
N VAL A 73 8.20 -9.28 4.47
CA VAL A 73 6.77 -9.52 4.30
C VAL A 73 6.31 -9.10 2.92
N PHE A 74 7.00 -8.11 2.34
CA PHE A 74 6.64 -7.63 1.01
C PHE A 74 7.81 -7.80 0.04
N GLY A 75 8.69 -8.75 0.35
CA GLY A 75 9.84 -8.99 -0.50
C GLY A 75 10.73 -7.78 -0.64
N PRO A 76 11.40 -7.67 -1.80
CA PRO A 76 12.30 -6.55 -2.10
C PRO A 76 11.54 -5.24 -2.30
N LEU A 77 10.22 -5.33 -2.34
CA LEU A 77 9.37 -4.15 -2.52
C LEU A 77 9.33 -3.30 -1.26
N GLY A 78 9.56 -3.94 -0.12
CA GLY A 78 9.53 -3.23 1.15
C GLY A 78 10.43 -2.01 1.14
N ASP A 79 11.61 -2.15 0.54
CA ASP A 79 12.56 -1.04 0.46
C ASP A 79 11.90 0.21 -0.10
N GLN A 80 10.90 0.01 -0.96
CA GLN A 80 10.19 1.13 -1.56
C GLN A 80 9.02 1.57 -0.69
N LEU A 81 8.41 0.61 0.00
CA LEU A 81 7.28 0.89 0.88
C LEU A 81 7.71 1.71 2.09
N HIS A 82 8.80 1.27 2.72
CA HIS A 82 9.32 1.96 3.90
C HIS A 82 9.58 3.43 3.60
N ALA A 83 10.23 3.69 2.46
CA ALA A 83 10.56 5.05 2.06
C ALA A 83 9.30 5.93 2.08
N GLN A 84 8.21 5.40 1.53
CA GLN A 84 6.95 6.15 1.48
C GLN A 84 6.38 6.35 2.89
N LEU A 85 6.58 5.35 3.75
CA LEU A 85 6.09 5.41 5.12
C LEU A 85 6.88 6.41 5.94
N ARG A 86 8.17 6.53 5.63
CA ARG A 86 9.05 7.46 6.33
C ARG A 86 8.62 8.90 6.10
N ASP A 87 7.98 9.15 4.96
CA ASP A 87 7.52 10.48 4.62
C ASP A 87 6.12 10.73 5.18
N LEU A 88 5.36 9.66 5.35
CA LEU A 88 3.99 9.76 5.87
C LEU A 88 4.01 10.03 7.37
N THR A 89 4.83 9.29 8.10
CA THR A 89 4.95 9.45 9.54
C THR A 89 5.44 10.85 9.90
N SER A 90 6.26 11.43 9.03
CA SER A 90 6.80 12.76 9.26
C SER A 90 5.93 13.82 8.58
N SER A 91 5.31 14.67 9.40
CA SER A 91 4.43 15.72 8.88
C SER A 91 3.37 15.14 7.95
N SER A 92 2.31 14.60 8.54
CA SER A 92 1.23 14.02 7.76
C SER A 92 1.76 13.00 6.76
N GLY A 1 -23.42 -27.09 0.81
CA GLY A 1 -22.16 -26.38 0.91
C GLY A 1 -21.59 -26.04 -0.45
N SER A 2 -20.32 -25.61 -0.47
CA SER A 2 -19.65 -25.24 -1.71
C SER A 2 -20.42 -24.13 -2.43
N SER A 3 -20.71 -23.06 -1.70
CA SER A 3 -21.44 -21.92 -2.27
C SER A 3 -21.28 -20.68 -1.40
N GLY A 4 -21.06 -19.55 -2.04
CA GLY A 4 -20.89 -18.30 -1.31
C GLY A 4 -22.05 -17.35 -1.49
N SER A 5 -21.87 -16.10 -1.09
CA SER A 5 -22.92 -15.10 -1.21
C SER A 5 -22.44 -13.90 -2.01
N SER A 6 -23.36 -12.97 -2.30
CA SER A 6 -23.02 -11.79 -3.07
C SER A 6 -22.54 -12.16 -4.47
N GLY A 7 -22.31 -11.14 -5.29
CA GLY A 7 -21.85 -11.38 -6.65
C GLY A 7 -20.76 -10.42 -7.07
N GLN A 8 -19.98 -9.97 -6.09
CA GLN A 8 -18.88 -9.04 -6.36
C GLN A 8 -19.37 -7.84 -7.16
N MET A 9 -20.22 -7.02 -6.53
CA MET A 9 -20.77 -5.83 -7.19
C MET A 9 -20.73 -4.63 -6.24
N SER A 10 -20.13 -3.53 -6.71
CA SER A 10 -20.04 -2.32 -5.91
C SER A 10 -20.44 -1.09 -6.73
N LEU A 11 -21.54 -0.48 -6.34
CA LEU A 11 -22.03 0.72 -7.04
C LEU A 11 -22.72 1.66 -6.07
N GLU A 12 -22.05 1.98 -4.97
CA GLU A 12 -22.61 2.88 -3.96
C GLU A 12 -22.09 4.31 -4.17
N GLY A 13 -20.81 4.51 -3.90
CA GLY A 13 -20.22 5.82 -4.07
C GLY A 13 -19.06 6.06 -3.13
N THR A 14 -17.85 6.11 -3.68
CA THR A 14 -16.65 6.32 -2.88
C THR A 14 -15.47 6.76 -3.76
N GLU A 15 -14.82 7.84 -3.35
CA GLU A 15 -13.68 8.37 -4.10
C GLU A 15 -12.46 8.53 -3.19
N LYS A 16 -11.36 9.01 -3.76
CA LYS A 16 -10.13 9.22 -3.01
C LYS A 16 -9.60 7.89 -2.48
N ALA A 17 -8.56 7.97 -1.65
CA ALA A 17 -7.96 6.78 -1.06
C ALA A 17 -8.41 6.58 0.37
N SER A 18 -8.73 5.34 0.73
CA SER A 18 -9.19 5.03 2.08
C SER A 18 -8.11 5.35 3.11
N TRP A 19 -6.87 5.49 2.64
CA TRP A 19 -5.75 5.79 3.51
C TRP A 19 -5.23 7.20 3.25
N LEU A 20 -6.05 8.01 2.60
CA LEU A 20 -5.68 9.40 2.29
C LEU A 20 -6.39 10.37 3.21
N GLY A 21 -5.61 11.15 3.96
CA GLY A 21 -6.19 12.12 4.87
C GLY A 21 -5.88 11.81 6.32
N GLU A 22 -5.50 10.56 6.59
CA GLU A 22 -5.18 10.14 7.94
C GLU A 22 -3.77 9.59 8.02
N GLN A 23 -3.08 9.86 9.13
CA GLN A 23 -1.72 9.39 9.32
C GLN A 23 -1.66 7.85 9.27
N PRO A 24 -0.45 7.33 9.03
CA PRO A 24 -0.23 5.88 8.95
C PRO A 24 -0.38 5.19 10.30
N GLN A 25 -0.49 5.99 11.36
CA GLN A 25 -0.64 5.46 12.71
C GLN A 25 -2.10 5.13 13.01
N PHE A 26 -3.01 5.79 12.29
CA PHE A 26 -4.44 5.57 12.49
C PHE A 26 -5.04 4.87 11.27
N TRP A 27 -4.38 3.83 10.78
CA TRP A 27 -4.85 3.09 9.62
C TRP A 27 -5.61 1.84 10.05
N SER A 28 -6.41 1.30 9.14
CA SER A 28 -7.19 0.10 9.42
C SER A 28 -6.60 -1.12 8.73
N LYS A 29 -7.01 -2.31 9.15
CA LYS A 29 -6.52 -3.55 8.56
C LYS A 29 -6.72 -3.55 7.05
N THR A 30 -7.72 -2.80 6.59
CA THR A 30 -8.02 -2.73 5.16
C THR A 30 -7.17 -1.65 4.48
N GLN A 31 -7.09 -0.50 5.11
CA GLN A 31 -6.31 0.61 4.56
C GLN A 31 -4.88 0.17 4.25
N VAL A 32 -4.26 -0.53 5.20
CA VAL A 32 -2.90 -1.01 5.02
C VAL A 32 -2.75 -1.78 3.72
N LEU A 33 -3.47 -2.90 3.61
CA LEU A 33 -3.42 -3.73 2.42
C LEU A 33 -3.86 -2.94 1.19
N ASP A 34 -4.71 -1.94 1.40
CA ASP A 34 -5.20 -1.10 0.32
C ASP A 34 -4.12 -0.16 -0.18
N TRP A 35 -3.19 0.19 0.70
CA TRP A 35 -2.09 1.08 0.35
C TRP A 35 -1.01 0.35 -0.43
N ILE A 36 -0.85 -0.94 -0.13
CA ILE A 36 0.16 -1.75 -0.80
C ILE A 36 -0.11 -1.83 -2.30
N SER A 37 -1.34 -2.18 -2.65
CA SER A 37 -1.73 -2.29 -4.05
C SER A 37 -1.35 -1.03 -4.82
N TYR A 38 -1.47 0.12 -4.17
CA TYR A 38 -1.14 1.40 -4.79
C TYR A 38 0.33 1.44 -5.19
N GLN A 39 1.20 1.03 -4.27
CA GLN A 39 2.63 1.03 -4.53
C GLN A 39 3.02 -0.15 -5.43
N VAL A 40 2.20 -1.19 -5.43
CA VAL A 40 2.46 -2.37 -6.24
C VAL A 40 2.10 -2.12 -7.70
N GLU A 41 1.08 -1.29 -7.93
CA GLU A 41 0.64 -0.97 -9.27
C GLU A 41 1.49 0.16 -9.87
N LYS A 42 2.06 0.98 -9.00
CA LYS A 42 2.90 2.09 -9.44
C LYS A 42 4.33 1.63 -9.70
N ASN A 43 4.83 0.75 -8.85
CA ASN A 43 6.18 0.22 -8.99
C ASN A 43 6.23 -0.87 -10.05
N LYS A 44 5.08 -1.20 -10.61
CA LYS A 44 4.98 -2.23 -11.64
C LYS A 44 5.39 -3.59 -11.08
N TYR A 45 5.33 -3.73 -9.76
CA TYR A 45 5.69 -4.98 -9.10
C TYR A 45 4.73 -6.09 -9.49
N ASP A 46 5.29 -7.25 -9.87
CA ASP A 46 4.48 -8.39 -10.26
C ASP A 46 3.44 -8.72 -9.19
N ALA A 47 3.78 -8.42 -7.95
CA ALA A 47 2.87 -8.68 -6.83
C ALA A 47 2.63 -10.18 -6.66
N SER A 48 3.59 -10.98 -7.12
CA SER A 48 3.47 -12.43 -7.03
C SER A 48 4.46 -12.99 -6.00
N ALA A 49 4.82 -12.15 -5.03
CA ALA A 49 5.76 -12.56 -3.98
C ALA A 49 5.27 -12.10 -2.61
N ILE A 50 4.74 -10.89 -2.55
CA ILE A 50 4.24 -10.33 -1.30
C ILE A 50 3.28 -11.29 -0.62
N ASP A 51 3.36 -11.39 0.70
CA ASP A 51 2.49 -12.26 1.47
C ASP A 51 1.46 -11.46 2.26
N PHE A 52 0.39 -11.05 1.59
CA PHE A 52 -0.66 -10.27 2.23
C PHE A 52 -1.14 -10.96 3.52
N SER A 53 -1.06 -12.28 3.53
CA SER A 53 -1.49 -13.05 4.69
C SER A 53 -0.73 -12.63 5.94
N ARG A 54 0.58 -12.50 5.82
CA ARG A 54 1.43 -12.10 6.94
C ARG A 54 1.20 -10.64 7.29
N CYS A 55 0.74 -9.86 6.32
CA CYS A 55 0.49 -8.45 6.52
C CYS A 55 -0.79 -8.23 7.33
N ASP A 56 -0.75 -8.58 8.61
CA ASP A 56 -1.90 -8.43 9.48
C ASP A 56 -1.69 -7.30 10.48
N MET A 57 -1.65 -6.06 9.98
CA MET A 57 -1.45 -4.90 10.83
C MET A 57 -2.50 -3.83 10.54
N ASP A 58 -3.19 -3.41 11.59
CA ASP A 58 -4.23 -2.39 11.47
C ASP A 58 -3.65 -1.09 10.93
N GLY A 59 -2.61 -0.59 11.60
CA GLY A 59 -1.98 0.64 11.18
C GLY A 59 -0.77 0.99 12.03
N ALA A 60 -0.98 1.17 13.33
CA ALA A 60 0.09 1.49 14.25
C ALA A 60 1.21 0.47 14.18
N THR A 61 0.84 -0.79 13.93
CA THR A 61 1.81 -1.88 13.84
C THR A 61 2.67 -1.74 12.59
N LEU A 62 2.09 -1.20 11.53
CA LEU A 62 2.81 -1.02 10.27
C LEU A 62 4.00 -0.08 10.45
N CYS A 63 3.73 1.09 11.03
CA CYS A 63 4.78 2.08 11.26
C CYS A 63 5.72 1.63 12.38
N ASN A 64 5.20 0.80 13.27
CA ASN A 64 5.99 0.28 14.39
C ASN A 64 6.99 -0.77 13.91
N CYS A 65 6.65 -1.45 12.82
CA CYS A 65 7.52 -2.48 12.26
C CYS A 65 8.90 -1.91 11.92
N ALA A 66 9.76 -2.77 11.41
CA ALA A 66 11.12 -2.35 11.04
C ALA A 66 11.33 -2.49 9.53
N LEU A 67 12.33 -1.77 9.02
CA LEU A 67 12.65 -1.81 7.61
C LEU A 67 12.80 -3.24 7.11
N GLU A 68 13.75 -3.96 7.69
CA GLU A 68 14.00 -5.35 7.31
C GLU A 68 12.70 -6.16 7.35
N GLU A 69 11.83 -5.82 8.29
CA GLU A 69 10.56 -6.52 8.44
C GLU A 69 9.70 -6.37 7.18
N LEU A 70 9.47 -5.11 6.79
CA LEU A 70 8.67 -4.83 5.60
C LEU A 70 9.25 -5.51 4.37
N ARG A 71 10.56 -5.76 4.41
CA ARG A 71 11.24 -6.40 3.28
C ARG A 71 11.02 -7.92 3.31
N LEU A 72 10.69 -8.44 4.49
CA LEU A 72 10.45 -9.87 4.64
C LEU A 72 8.97 -10.19 4.47
N VAL A 73 8.13 -9.17 4.55
CA VAL A 73 6.69 -9.35 4.39
C VAL A 73 6.23 -8.94 3.00
N PHE A 74 6.96 -8.00 2.39
CA PHE A 74 6.63 -7.52 1.06
C PHE A 74 7.80 -7.74 0.09
N GLY A 75 8.65 -8.71 0.42
CA GLY A 75 9.79 -9.02 -0.41
C GLY A 75 10.71 -7.83 -0.58
N PRO A 76 11.39 -7.75 -1.74
CA PRO A 76 12.33 -6.67 -2.05
C PRO A 76 11.62 -5.34 -2.28
N LEU A 77 10.28 -5.39 -2.31
CA LEU A 77 9.49 -4.19 -2.52
C LEU A 77 9.46 -3.32 -1.27
N GLY A 78 9.67 -3.95 -0.11
CA GLY A 78 9.66 -3.23 1.14
C GLY A 78 10.60 -2.04 1.12
N ASP A 79 11.76 -2.20 0.48
CA ASP A 79 12.74 -1.12 0.39
C ASP A 79 12.10 0.15 -0.17
N GLN A 80 11.08 -0.03 -1.00
CA GLN A 80 10.38 1.11 -1.60
C GLN A 80 9.23 1.57 -0.72
N LEU A 81 8.52 0.62 -0.13
CA LEU A 81 7.39 0.93 0.74
C LEU A 81 7.85 1.72 1.96
N HIS A 82 8.88 1.22 2.62
CA HIS A 82 9.43 1.88 3.81
C HIS A 82 9.71 3.35 3.54
N ALA A 83 10.40 3.62 2.43
CA ALA A 83 10.74 4.98 2.05
C ALA A 83 9.51 5.88 2.05
N GLN A 84 8.37 5.31 1.66
CA GLN A 84 7.12 6.06 1.61
C GLN A 84 6.56 6.26 3.01
N LEU A 85 6.49 5.17 3.77
CA LEU A 85 5.97 5.22 5.14
C LEU A 85 6.76 6.21 5.99
N ARG A 86 8.02 6.43 5.61
CA ARG A 86 8.88 7.35 6.34
C ARG A 86 8.46 8.79 6.09
N ASP A 87 7.92 9.06 4.91
CA ASP A 87 7.47 10.40 4.55
C ASP A 87 6.09 10.69 5.14
N LEU A 88 5.23 9.67 5.13
CA LEU A 88 3.88 9.81 5.66
C LEU A 88 3.90 10.39 7.06
N THR A 89 4.78 9.87 7.91
CA THR A 89 4.89 10.34 9.28
C THR A 89 5.76 11.59 9.36
N SER A 90 7.01 11.47 8.91
CA SER A 90 7.95 12.59 8.92
C SER A 90 7.35 13.81 8.25
N SER A 91 6.91 14.78 9.05
CA SER A 91 6.31 16.00 8.53
C SER A 91 5.08 15.68 7.68
N SER A 92 4.42 16.72 7.19
CA SER A 92 3.22 16.56 6.37
C SER A 92 3.36 17.31 5.05
N GLY A 1 2.40 -8.17 -35.46
CA GLY A 1 3.47 -8.59 -34.58
C GLY A 1 3.13 -8.44 -33.11
N SER A 2 3.56 -7.35 -32.51
CA SER A 2 3.30 -7.09 -31.10
C SER A 2 3.20 -5.59 -30.82
N SER A 3 2.33 -5.22 -29.89
CA SER A 3 2.14 -3.82 -29.54
C SER A 3 3.41 -3.23 -28.93
N GLY A 4 3.90 -2.15 -29.52
CA GLY A 4 5.11 -1.51 -29.03
C GLY A 4 4.98 -1.08 -27.59
N SER A 5 4.00 -0.22 -27.31
CA SER A 5 3.78 0.28 -25.95
C SER A 5 3.42 -0.86 -25.01
N SER A 6 3.93 -0.80 -23.79
CA SER A 6 3.67 -1.83 -22.79
C SER A 6 2.16 -2.04 -22.62
N GLY A 7 1.80 -3.23 -22.14
CA GLY A 7 0.39 -3.53 -21.94
C GLY A 7 -0.30 -2.53 -21.04
N GLN A 8 -1.55 -2.21 -21.37
CA GLN A 8 -2.32 -1.25 -20.58
C GLN A 8 -3.77 -1.22 -21.03
N MET A 9 -4.68 -1.10 -20.06
CA MET A 9 -6.11 -1.05 -20.37
C MET A 9 -6.92 -0.74 -19.11
N SER A 10 -6.76 0.48 -18.60
CA SER A 10 -7.48 0.91 -17.41
C SER A 10 -8.78 1.60 -17.78
N LEU A 11 -9.89 1.06 -17.27
CA LEU A 11 -11.21 1.62 -17.55
C LEU A 11 -12.10 1.55 -16.31
N GLU A 12 -11.99 2.56 -15.45
CA GLU A 12 -12.78 2.62 -14.23
C GLU A 12 -12.50 3.90 -13.45
N GLY A 13 -13.47 4.33 -12.66
CA GLY A 13 -13.31 5.54 -11.88
C GLY A 13 -12.94 5.26 -10.44
N THR A 14 -11.83 5.81 -9.98
CA THR A 14 -11.37 5.61 -8.62
C THR A 14 -10.54 6.79 -8.14
N GLU A 15 -11.12 7.62 -7.28
CA GLU A 15 -10.44 8.78 -6.74
C GLU A 15 -10.28 8.68 -5.23
N LYS A 16 -9.46 9.56 -4.66
CA LYS A 16 -9.22 9.57 -3.22
C LYS A 16 -8.61 8.25 -2.76
N ALA A 17 -8.33 8.15 -1.46
CA ALA A 17 -7.76 6.94 -0.90
C ALA A 17 -8.18 6.75 0.56
N SER A 18 -8.53 5.51 0.91
CA SER A 18 -8.97 5.20 2.26
C SER A 18 -7.85 5.50 3.27
N TRP A 19 -6.63 5.60 2.77
CA TRP A 19 -5.48 5.86 3.63
C TRP A 19 -4.93 7.26 3.37
N LEU A 20 -5.74 8.11 2.74
CA LEU A 20 -5.33 9.48 2.42
C LEU A 20 -6.02 10.47 3.36
N GLY A 21 -5.22 11.25 4.09
CA GLY A 21 -5.77 12.23 4.99
C GLY A 21 -5.49 11.90 6.45
N GLU A 22 -5.15 10.64 6.70
CA GLU A 22 -4.85 10.20 8.06
C GLU A 22 -3.45 9.61 8.15
N GLN A 23 -2.78 9.85 9.27
CA GLN A 23 -1.43 9.35 9.48
C GLN A 23 -1.39 7.83 9.40
N PRO A 24 -0.20 7.27 9.17
CA PRO A 24 0.00 5.83 9.07
C PRO A 24 -0.17 5.12 10.41
N GLN A 25 -0.29 5.91 11.48
CA GLN A 25 -0.46 5.35 12.81
C GLN A 25 -1.93 5.06 13.10
N PHE A 26 -2.82 5.76 12.39
CA PHE A 26 -4.25 5.57 12.57
C PHE A 26 -4.87 4.90 11.35
N TRP A 27 -4.21 3.85 10.86
CA TRP A 27 -4.69 3.11 9.69
C TRP A 27 -5.47 1.87 10.11
N SER A 28 -6.28 1.35 9.19
CA SER A 28 -7.08 0.17 9.47
C SER A 28 -6.49 -1.06 8.78
N LYS A 29 -6.96 -2.24 9.16
CA LYS A 29 -6.49 -3.48 8.57
C LYS A 29 -6.70 -3.48 7.06
N THR A 30 -7.66 -2.70 6.60
CA THR A 30 -7.97 -2.62 5.17
C THR A 30 -7.11 -1.56 4.50
N GLN A 31 -7.01 -0.39 5.14
CA GLN A 31 -6.20 0.70 4.60
C GLN A 31 -4.80 0.24 4.24
N VAL A 32 -4.18 -0.49 5.17
CA VAL A 32 -2.83 -0.99 4.96
C VAL A 32 -2.73 -1.79 3.67
N LEU A 33 -3.47 -2.89 3.61
CA LEU A 33 -3.47 -3.75 2.43
C LEU A 33 -3.90 -2.97 1.19
N ASP A 34 -4.67 -1.91 1.40
CA ASP A 34 -5.14 -1.07 0.30
C ASP A 34 -4.03 -0.13 -0.18
N TRP A 35 -3.10 0.18 0.71
CA TRP A 35 -1.99 1.07 0.38
C TRP A 35 -0.90 0.31 -0.39
N ILE A 36 -0.74 -0.96 -0.07
CA ILE A 36 0.26 -1.79 -0.73
C ILE A 36 0.00 -1.89 -2.22
N SER A 37 -1.22 -2.25 -2.59
CA SER A 37 -1.60 -2.37 -4.00
C SER A 37 -1.24 -1.11 -4.77
N TYR A 38 -1.38 0.04 -4.11
CA TYR A 38 -1.07 1.32 -4.74
C TYR A 38 0.40 1.39 -5.13
N GLN A 39 1.28 0.99 -4.21
CA GLN A 39 2.71 1.02 -4.46
C GLN A 39 3.13 -0.16 -5.34
N VAL A 40 2.32 -1.21 -5.35
CA VAL A 40 2.60 -2.39 -6.16
C VAL A 40 2.23 -2.16 -7.62
N GLU A 41 1.27 -1.27 -7.85
CA GLU A 41 0.83 -0.96 -9.20
C GLU A 41 1.62 0.22 -9.77
N LYS A 42 2.18 1.04 -8.89
CA LYS A 42 2.96 2.20 -9.31
C LYS A 42 4.41 1.81 -9.55
N ASN A 43 4.88 0.81 -8.81
CA ASN A 43 6.26 0.34 -8.94
C ASN A 43 6.36 -0.75 -10.00
N LYS A 44 5.26 -0.96 -10.72
CA LYS A 44 5.23 -1.98 -11.77
C LYS A 44 5.71 -3.33 -11.23
N TYR A 45 5.48 -3.56 -9.94
CA TYR A 45 5.90 -4.81 -9.31
C TYR A 45 4.96 -5.96 -9.70
N ASP A 46 5.55 -7.09 -10.06
CA ASP A 46 4.78 -8.26 -10.47
C ASP A 46 3.79 -8.65 -9.37
N ALA A 47 4.12 -8.30 -8.13
CA ALA A 47 3.26 -8.62 -7.00
C ALA A 47 3.14 -10.12 -6.79
N SER A 48 4.13 -10.86 -7.28
CA SER A 48 4.13 -12.31 -7.16
C SER A 48 5.16 -12.78 -6.13
N ALA A 49 5.46 -11.90 -5.17
CA ALA A 49 6.43 -12.22 -4.13
C ALA A 49 5.89 -11.83 -2.76
N ILE A 50 5.25 -10.67 -2.69
CA ILE A 50 4.69 -10.17 -1.43
C ILE A 50 3.82 -11.23 -0.76
N ASP A 51 3.97 -11.36 0.55
CA ASP A 51 3.19 -12.33 1.31
C ASP A 51 2.14 -11.63 2.16
N PHE A 52 1.05 -11.20 1.52
CA PHE A 52 -0.02 -10.51 2.23
C PHE A 52 -0.57 -11.36 3.36
N SER A 53 -0.40 -12.68 3.24
CA SER A 53 -0.88 -13.61 4.25
C SER A 53 -0.30 -13.27 5.62
N ARG A 54 0.86 -12.63 5.62
CA ARG A 54 1.53 -12.24 6.85
C ARG A 54 1.47 -10.73 7.06
N CYS A 55 0.48 -10.10 6.44
CA CYS A 55 0.31 -8.66 6.55
C CYS A 55 -0.75 -8.31 7.58
N ASP A 56 -0.53 -8.74 8.82
CA ASP A 56 -1.48 -8.48 9.90
C ASP A 56 -1.11 -7.19 10.64
N MET A 57 -1.28 -6.06 9.96
CA MET A 57 -0.97 -4.77 10.54
C MET A 57 -2.13 -3.79 10.36
N ASP A 58 -2.77 -3.44 11.46
CA ASP A 58 -3.91 -2.52 11.42
C ASP A 58 -3.46 -1.13 10.97
N GLY A 59 -2.41 -0.62 11.59
CA GLY A 59 -1.89 0.70 11.23
C GLY A 59 -0.68 1.08 12.05
N ALA A 60 -0.81 1.00 13.37
CA ALA A 60 0.29 1.34 14.27
C ALA A 60 1.42 0.33 14.18
N THR A 61 1.09 -0.89 13.77
CA THR A 61 2.08 -1.95 13.63
C THR A 61 2.92 -1.76 12.37
N LEU A 62 2.31 -1.20 11.33
CA LEU A 62 3.01 -0.95 10.08
C LEU A 62 4.04 0.15 10.23
N CYS A 63 3.65 1.26 10.84
CA CYS A 63 4.54 2.38 11.06
C CYS A 63 5.64 2.03 12.08
N ASN A 64 5.32 1.08 12.95
CA ASN A 64 6.27 0.65 13.98
C ASN A 64 7.19 -0.45 13.44
N CYS A 65 6.69 -1.19 12.46
CA CYS A 65 7.47 -2.28 11.86
C CYS A 65 8.84 -1.79 11.43
N ALA A 66 9.81 -2.70 11.40
CA ALA A 66 11.18 -2.36 11.01
C ALA A 66 11.34 -2.43 9.50
N LEU A 67 12.33 -1.70 8.98
CA LEU A 67 12.60 -1.69 7.54
C LEU A 67 12.71 -3.10 6.99
N GLU A 68 13.70 -3.85 7.49
CA GLU A 68 13.92 -5.22 7.05
C GLU A 68 12.63 -6.03 7.13
N GLU A 69 11.89 -5.87 8.23
CA GLU A 69 10.64 -6.59 8.43
C GLU A 69 9.72 -6.41 7.22
N LEU A 70 9.49 -5.15 6.84
CA LEU A 70 8.63 -4.85 5.71
C LEU A 70 9.14 -5.52 4.43
N ARG A 71 10.44 -5.78 4.39
CA ARG A 71 11.05 -6.42 3.23
C ARG A 71 10.90 -7.94 3.30
N LEU A 72 10.50 -8.44 4.47
CA LEU A 72 10.32 -9.86 4.66
C LEU A 72 8.86 -10.26 4.41
N VAL A 73 7.96 -9.28 4.51
CA VAL A 73 6.54 -9.53 4.28
C VAL A 73 6.12 -9.07 2.88
N PHE A 74 6.82 -8.08 2.36
CA PHE A 74 6.52 -7.55 1.03
C PHE A 74 7.69 -7.77 0.08
N GLY A 75 8.51 -8.78 0.38
CA GLY A 75 9.66 -9.07 -0.46
C GLY A 75 10.59 -7.89 -0.60
N PRO A 76 11.28 -7.81 -1.75
CA PRO A 76 12.22 -6.73 -2.03
C PRO A 76 11.52 -5.38 -2.23
N LEU A 77 10.21 -5.41 -2.28
CA LEU A 77 9.42 -4.20 -2.46
C LEU A 77 9.38 -3.37 -1.18
N GLY A 78 9.58 -4.03 -0.05
CA GLY A 78 9.57 -3.34 1.23
C GLY A 78 10.51 -2.14 1.24
N ASP A 79 11.66 -2.29 0.60
CA ASP A 79 12.65 -1.22 0.54
C ASP A 79 12.02 0.07 0.02
N GLN A 80 10.98 -0.07 -0.80
CA GLN A 80 10.29 1.08 -1.37
C GLN A 80 9.16 1.54 -0.47
N LEU A 81 8.39 0.58 0.05
CA LEU A 81 7.27 0.88 0.92
C LEU A 81 7.72 1.68 2.14
N HIS A 82 8.82 1.24 2.74
CA HIS A 82 9.37 1.91 3.92
C HIS A 82 9.67 3.37 3.62
N ALA A 83 10.34 3.60 2.49
CA ALA A 83 10.70 4.96 2.09
C ALA A 83 9.48 5.88 2.10
N GLN A 84 8.37 5.39 1.54
CA GLN A 84 7.14 6.16 1.49
C GLN A 84 6.59 6.42 2.89
N LEU A 85 6.48 5.36 3.67
CA LEU A 85 5.97 5.46 5.04
C LEU A 85 6.77 6.48 5.84
N ARG A 86 8.08 6.53 5.59
CA ARG A 86 8.95 7.46 6.28
C ARG A 86 8.51 8.90 6.04
N ASP A 87 7.85 9.14 4.92
CA ASP A 87 7.38 10.47 4.56
C ASP A 87 5.97 10.70 5.10
N LEU A 88 5.19 9.62 5.20
CA LEU A 88 3.83 9.71 5.68
C LEU A 88 3.80 10.06 7.17
N THR A 89 4.58 9.34 7.97
CA THR A 89 4.65 9.58 9.40
C THR A 89 4.93 11.04 9.70
N SER A 90 6.01 11.57 9.11
CA SER A 90 6.39 12.96 9.32
C SER A 90 7.34 13.43 8.22
N SER A 91 7.63 14.72 8.21
CA SER A 91 8.52 15.30 7.22
C SER A 91 9.84 15.73 7.84
N SER A 92 10.22 15.05 8.93
CA SER A 92 11.46 15.36 9.62
C SER A 92 12.34 14.12 9.73
N GLY A 1 -0.06 1.14 -28.34
CA GLY A 1 -1.39 1.50 -28.82
C GLY A 1 -1.92 2.76 -28.16
N SER A 2 -2.38 3.70 -28.98
CA SER A 2 -2.91 4.95 -28.47
C SER A 2 -4.04 5.47 -29.37
N SER A 3 -5.22 4.91 -29.21
CA SER A 3 -6.38 5.31 -30.00
C SER A 3 -7.50 5.83 -29.11
N GLY A 4 -7.80 7.12 -29.23
CA GLY A 4 -8.86 7.72 -28.43
C GLY A 4 -8.83 9.23 -28.48
N SER A 5 -9.86 9.82 -29.08
CA SER A 5 -9.94 11.28 -29.20
C SER A 5 -11.19 11.80 -28.48
N SER A 6 -11.42 11.31 -27.26
CA SER A 6 -12.58 11.73 -26.48
C SER A 6 -12.18 12.79 -25.45
N GLY A 7 -11.33 12.40 -24.52
CA GLY A 7 -10.89 13.32 -23.49
C GLY A 7 -10.79 12.67 -22.12
N GLN A 8 -11.32 13.35 -21.10
CA GLN A 8 -11.29 12.83 -19.75
C GLN A 8 -9.85 12.60 -19.27
N MET A 9 -9.28 13.62 -18.64
CA MET A 9 -7.92 13.55 -18.14
C MET A 9 -7.87 12.78 -16.82
N SER A 10 -6.66 12.39 -16.42
CA SER A 10 -6.48 11.65 -15.17
C SER A 10 -7.27 10.34 -15.20
N LEU A 11 -7.18 9.58 -14.11
CA LEU A 11 -7.88 8.31 -14.01
C LEU A 11 -9.16 8.47 -13.19
N GLU A 12 -10.26 7.93 -13.71
CA GLU A 12 -11.55 8.01 -13.03
C GLU A 12 -11.79 6.76 -12.19
N GLY A 13 -12.93 6.73 -11.50
CA GLY A 13 -13.26 5.59 -10.67
C GLY A 13 -13.20 5.92 -9.18
N THR A 14 -12.03 6.35 -8.72
CA THR A 14 -11.85 6.70 -7.32
C THR A 14 -11.05 7.99 -7.17
N GLU A 15 -11.69 9.02 -6.62
CA GLU A 15 -11.04 10.31 -6.42
C GLU A 15 -10.63 10.49 -4.95
N LYS A 16 -10.29 9.38 -4.31
CA LYS A 16 -9.88 9.42 -2.91
C LYS A 16 -9.21 8.12 -2.50
N ALA A 17 -8.84 8.02 -1.22
CA ALA A 17 -8.20 6.82 -0.71
C ALA A 17 -8.55 6.59 0.76
N SER A 18 -8.84 5.35 1.11
CA SER A 18 -9.21 5.00 2.48
C SER A 18 -8.05 5.31 3.43
N TRP A 19 -6.85 5.44 2.88
CA TRP A 19 -5.67 5.73 3.69
C TRP A 19 -5.17 7.14 3.41
N LEU A 20 -6.03 7.98 2.84
CA LEU A 20 -5.67 9.35 2.53
C LEU A 20 -6.38 10.32 3.46
N GLY A 21 -5.61 11.12 4.20
CA GLY A 21 -6.18 12.07 5.12
C GLY A 21 -5.90 11.74 6.57
N GLU A 22 -5.52 10.49 6.82
CA GLU A 22 -5.22 10.04 8.17
C GLU A 22 -3.80 9.47 8.25
N GLN A 23 -3.14 9.73 9.38
CA GLN A 23 -1.78 9.25 9.58
C GLN A 23 -1.72 7.73 9.49
N PRO A 24 -0.51 7.19 9.26
CA PRO A 24 -0.28 5.74 9.15
C PRO A 24 -0.44 5.03 10.49
N GLN A 25 -0.57 5.81 11.56
CA GLN A 25 -0.74 5.26 12.89
C GLN A 25 -2.20 4.91 13.17
N PHE A 26 -3.11 5.58 12.46
CA PHE A 26 -4.53 5.35 12.63
C PHE A 26 -5.13 4.70 11.38
N TRP A 27 -4.45 3.67 10.90
CA TRP A 27 -4.92 2.95 9.71
C TRP A 27 -5.68 1.68 10.10
N SER A 28 -6.43 1.14 9.15
CA SER A 28 -7.22 -0.07 9.40
C SER A 28 -6.61 -1.27 8.66
N LYS A 29 -7.03 -2.46 9.05
CA LYS A 29 -6.53 -3.69 8.43
C LYS A 29 -6.75 -3.66 6.92
N THR A 30 -7.75 -2.90 6.48
CA THR A 30 -8.06 -2.79 5.07
C THR A 30 -7.23 -1.70 4.40
N GLN A 31 -7.10 -0.56 5.08
CA GLN A 31 -6.33 0.55 4.55
C GLN A 31 -4.89 0.13 4.25
N VAL A 32 -4.27 -0.56 5.21
CA VAL A 32 -2.90 -1.02 5.03
C VAL A 32 -2.73 -1.80 3.72
N LEU A 33 -3.43 -2.92 3.62
CA LEU A 33 -3.36 -3.74 2.41
C LEU A 33 -3.84 -2.97 1.19
N ASP A 34 -4.71 -1.98 1.43
CA ASP A 34 -5.24 -1.17 0.34
C ASP A 34 -4.18 -0.20 -0.18
N TRP A 35 -3.23 0.15 0.67
CA TRP A 35 -2.16 1.06 0.30
C TRP A 35 -1.06 0.34 -0.47
N ILE A 36 -0.85 -0.94 -0.13
CA ILE A 36 0.17 -1.74 -0.79
C ILE A 36 -0.12 -1.88 -2.28
N SER A 37 -1.34 -2.28 -2.61
CA SER A 37 -1.73 -2.46 -4.00
C SER A 37 -1.42 -1.21 -4.82
N TYR A 38 -1.56 -0.04 -4.18
CA TYR A 38 -1.30 1.22 -4.85
C TYR A 38 0.17 1.32 -5.27
N GLN A 39 1.06 0.94 -4.37
CA GLN A 39 2.49 0.99 -4.64
C GLN A 39 2.92 -0.20 -5.51
N VAL A 40 2.15 -1.27 -5.45
CA VAL A 40 2.44 -2.47 -6.23
C VAL A 40 2.08 -2.27 -7.70
N GLU A 41 1.11 -1.39 -7.95
CA GLU A 41 0.66 -1.12 -9.32
C GLU A 41 1.47 0.02 -9.93
N LYS A 42 2.01 0.88 -9.07
CA LYS A 42 2.80 2.02 -9.52
C LYS A 42 4.26 1.61 -9.75
N ASN A 43 4.77 0.74 -8.89
CA ASN A 43 6.15 0.27 -9.00
C ASN A 43 6.26 -0.82 -10.06
N LYS A 44 5.13 -1.19 -10.66
CA LYS A 44 5.11 -2.21 -11.69
C LYS A 44 5.55 -3.56 -11.13
N TYR A 45 5.45 -3.70 -9.81
CA TYR A 45 5.85 -4.94 -9.15
C TYR A 45 4.93 -6.09 -9.57
N ASP A 46 5.54 -7.23 -9.91
CA ASP A 46 4.78 -8.40 -10.32
C ASP A 46 3.72 -8.76 -9.28
N ALA A 47 4.00 -8.43 -8.03
CA ALA A 47 3.07 -8.72 -6.94
C ALA A 47 2.89 -10.22 -6.75
N SER A 48 3.89 -10.99 -7.17
CA SER A 48 3.83 -12.44 -7.07
C SER A 48 4.80 -12.94 -5.99
N ALA A 49 5.07 -12.08 -5.00
CA ALA A 49 5.97 -12.44 -3.91
C ALA A 49 5.42 -11.98 -2.57
N ILE A 50 4.85 -10.78 -2.55
CA ILE A 50 4.30 -10.22 -1.32
C ILE A 50 3.32 -11.20 -0.68
N ASP A 51 3.49 -11.44 0.62
CA ASP A 51 2.63 -12.35 1.36
C ASP A 51 1.54 -11.59 2.10
N PHE A 52 0.45 -11.28 1.38
CA PHE A 52 -0.66 -10.55 1.97
C PHE A 52 -1.14 -11.22 3.27
N SER A 53 -1.13 -12.55 3.27
CA SER A 53 -1.56 -13.31 4.44
C SER A 53 -0.74 -12.92 5.67
N ARG A 54 0.51 -12.51 5.44
CA ARG A 54 1.39 -12.11 6.52
C ARG A 54 1.16 -10.66 6.91
N CYS A 55 0.65 -9.87 5.97
CA CYS A 55 0.38 -8.46 6.21
C CYS A 55 -0.87 -8.28 7.05
N ASP A 56 -0.79 -8.68 8.32
CA ASP A 56 -1.92 -8.56 9.23
C ASP A 56 -1.68 -7.45 10.25
N MET A 57 -1.68 -6.20 9.77
CA MET A 57 -1.46 -5.05 10.64
C MET A 57 -2.54 -3.99 10.42
N ASP A 58 -3.21 -3.61 11.50
CA ASP A 58 -4.26 -2.60 11.42
C ASP A 58 -3.71 -1.27 10.94
N GLY A 59 -2.68 -0.78 11.64
CA GLY A 59 -2.08 0.49 11.27
C GLY A 59 -0.86 0.83 12.12
N ALA A 60 -1.07 0.93 13.43
CA ALA A 60 0.01 1.23 14.35
C ALA A 60 1.17 0.23 14.21
N THR A 61 0.82 -1.00 13.85
CA THR A 61 1.82 -2.04 13.68
C THR A 61 2.65 -1.82 12.42
N LEU A 62 2.07 -1.12 11.45
CA LEU A 62 2.76 -0.82 10.19
C LEU A 62 3.83 0.23 10.39
N CYS A 63 3.45 1.34 11.04
CA CYS A 63 4.39 2.43 11.30
C CYS A 63 5.43 2.02 12.32
N ASN A 64 5.08 1.06 13.18
CA ASN A 64 5.99 0.58 14.22
C ASN A 64 6.94 -0.47 13.66
N CYS A 65 6.50 -1.16 12.61
CA CYS A 65 7.31 -2.19 11.98
C CYS A 65 8.70 -1.67 11.65
N ALA A 66 9.61 -2.59 11.30
CA ALA A 66 10.97 -2.21 10.95
C ALA A 66 11.22 -2.39 9.46
N LEU A 67 12.24 -1.69 8.95
CA LEU A 67 12.59 -1.77 7.54
C LEU A 67 12.76 -3.22 7.10
N GLU A 68 13.70 -3.92 7.72
CA GLU A 68 13.97 -5.31 7.39
C GLU A 68 12.69 -6.13 7.44
N GLU A 69 11.77 -5.75 8.33
CA GLU A 69 10.51 -6.45 8.47
C GLU A 69 9.66 -6.30 7.21
N LEU A 70 9.42 -5.06 6.80
CA LEU A 70 8.62 -4.78 5.62
C LEU A 70 9.22 -5.46 4.39
N ARG A 71 10.53 -5.70 4.43
CA ARG A 71 11.22 -6.34 3.33
C ARG A 71 11.01 -7.85 3.36
N LEU A 72 10.68 -8.38 4.53
CA LEU A 72 10.45 -9.81 4.69
C LEU A 72 8.98 -10.15 4.51
N VAL A 73 8.13 -9.13 4.57
CA VAL A 73 6.69 -9.32 4.40
C VAL A 73 6.24 -8.93 3.00
N PHE A 74 6.97 -7.99 2.40
CA PHE A 74 6.64 -7.52 1.05
C PHE A 74 7.81 -7.74 0.11
N GLY A 75 8.68 -8.70 0.45
CA GLY A 75 9.83 -8.98 -0.38
C GLY A 75 10.75 -7.79 -0.55
N PRO A 76 11.43 -7.72 -1.70
CA PRO A 76 12.36 -6.62 -2.00
C PRO A 76 11.64 -5.30 -2.24
N LEU A 77 10.31 -5.36 -2.29
CA LEU A 77 9.49 -4.16 -2.51
C LEU A 77 9.44 -3.30 -1.26
N GLY A 78 9.65 -3.92 -0.10
CA GLY A 78 9.63 -3.19 1.15
C GLY A 78 10.55 -1.99 1.14
N ASP A 79 11.69 -2.13 0.47
CA ASP A 79 12.66 -1.04 0.38
C ASP A 79 12.01 0.22 -0.19
N GLN A 80 10.96 0.03 -0.97
CA GLN A 80 10.25 1.15 -1.59
C GLN A 80 9.09 1.61 -0.71
N LEU A 81 8.41 0.65 -0.09
CA LEU A 81 7.27 0.95 0.78
C LEU A 81 7.74 1.66 2.04
N HIS A 82 8.96 1.36 2.47
CA HIS A 82 9.52 1.99 3.67
C HIS A 82 9.73 3.48 3.46
N ALA A 83 10.46 3.83 2.41
CA ALA A 83 10.74 5.23 2.09
C ALA A 83 9.44 6.00 1.87
N GLN A 84 8.37 5.28 1.56
CA GLN A 84 7.08 5.91 1.31
C GLN A 84 6.33 6.13 2.62
N LEU A 85 6.66 5.34 3.64
CA LEU A 85 6.02 5.45 4.93
C LEU A 85 6.80 6.38 5.85
N ARG A 86 8.12 6.39 5.68
CA ARG A 86 8.99 7.24 6.48
C ARG A 86 8.71 8.72 6.24
N ASP A 87 8.22 9.03 5.05
CA ASP A 87 7.89 10.40 4.69
C ASP A 87 6.56 10.83 5.30
N LEU A 88 5.64 9.87 5.43
CA LEU A 88 4.33 10.15 6.00
C LEU A 88 4.44 10.46 7.48
N THR A 89 5.11 9.58 8.22
CA THR A 89 5.30 9.77 9.66
C THR A 89 6.28 10.90 9.95
N SER A 90 7.56 10.63 9.70
CA SER A 90 8.61 11.62 9.93
C SER A 90 9.04 12.29 8.63
N SER A 91 10.09 13.08 8.70
CA SER A 91 10.61 13.78 7.53
C SER A 91 9.53 14.70 6.92
N SER A 92 9.88 15.33 5.82
CA SER A 92 8.94 16.23 5.14
C SER A 92 7.80 15.46 4.50
N GLY A 1 -24.79 9.81 -34.02
CA GLY A 1 -23.79 9.35 -34.97
C GLY A 1 -22.60 8.70 -34.30
N SER A 2 -22.35 9.10 -33.05
CA SER A 2 -21.23 8.55 -32.29
C SER A 2 -21.50 7.12 -31.86
N SER A 3 -22.49 6.95 -30.98
CA SER A 3 -22.86 5.62 -30.49
C SER A 3 -21.68 4.96 -29.80
N GLY A 4 -20.91 5.75 -29.05
CA GLY A 4 -19.76 5.22 -28.35
C GLY A 4 -20.00 5.09 -26.86
N SER A 5 -19.56 3.99 -26.28
CA SER A 5 -19.74 3.74 -24.84
C SER A 5 -18.42 3.33 -24.21
N SER A 6 -17.83 4.25 -23.44
CA SER A 6 -16.56 3.98 -22.76
C SER A 6 -16.20 5.12 -21.81
N GLY A 7 -15.57 4.78 -20.69
CA GLY A 7 -15.19 5.77 -19.72
C GLY A 7 -14.56 5.16 -18.48
N GLN A 8 -14.06 6.02 -17.59
CA GLN A 8 -13.42 5.54 -16.37
C GLN A 8 -14.39 4.72 -15.52
N MET A 9 -15.62 5.19 -15.41
CA MET A 9 -16.65 4.49 -14.65
C MET A 9 -16.16 4.20 -13.23
N SER A 10 -16.93 3.41 -12.49
CA SER A 10 -16.58 3.05 -11.13
C SER A 10 -16.44 4.31 -10.26
N LEU A 11 -16.15 4.10 -8.98
CA LEU A 11 -15.99 5.21 -8.04
C LEU A 11 -15.34 4.75 -6.75
N GLU A 12 -14.14 4.20 -6.86
CA GLU A 12 -13.41 3.71 -5.69
C GLU A 12 -11.93 3.57 -5.99
N GLY A 13 -11.17 4.65 -5.76
CA GLY A 13 -9.75 4.63 -6.01
C GLY A 13 -9.37 5.43 -7.25
N THR A 14 -10.16 6.46 -7.56
CA THR A 14 -9.90 7.29 -8.72
C THR A 14 -9.56 8.71 -8.30
N GLU A 15 -10.13 9.16 -7.18
CA GLU A 15 -9.89 10.49 -6.68
C GLU A 15 -9.92 10.52 -5.15
N LYS A 16 -9.56 9.40 -4.54
CA LYS A 16 -9.54 9.28 -3.09
C LYS A 16 -8.81 8.02 -2.65
N ALA A 17 -8.76 7.79 -1.34
CA ALA A 17 -8.09 6.61 -0.80
C ALA A 17 -8.50 6.38 0.65
N SER A 18 -8.78 5.12 0.98
CA SER A 18 -9.19 4.77 2.35
C SER A 18 -8.10 5.10 3.35
N TRP A 19 -6.87 5.28 2.84
CA TRP A 19 -5.73 5.61 3.70
C TRP A 19 -5.26 7.03 3.46
N LEU A 20 -6.12 7.84 2.84
CA LEU A 20 -5.79 9.22 2.55
C LEU A 20 -6.54 10.17 3.48
N GLY A 21 -5.78 10.98 4.22
CA GLY A 21 -6.38 11.92 5.14
C GLY A 21 -6.08 11.59 6.59
N GLU A 22 -5.67 10.35 6.83
CA GLU A 22 -5.36 9.89 8.18
C GLU A 22 -3.92 9.39 8.27
N GLN A 23 -3.28 9.66 9.40
CA GLN A 23 -1.90 9.22 9.60
C GLN A 23 -1.77 7.71 9.50
N PRO A 24 -0.55 7.22 9.26
CA PRO A 24 -0.28 5.78 9.15
C PRO A 24 -0.41 5.06 10.48
N GLN A 25 -0.57 5.82 11.55
CA GLN A 25 -0.71 5.25 12.88
C GLN A 25 -2.16 4.87 13.16
N PHE A 26 -3.09 5.52 12.46
CA PHE A 26 -4.51 5.26 12.63
C PHE A 26 -5.09 4.58 11.40
N TRP A 27 -4.38 3.57 10.90
CA TRP A 27 -4.82 2.83 9.73
C TRP A 27 -5.54 1.55 10.12
N SER A 28 -6.35 1.01 9.22
CA SER A 28 -7.09 -0.22 9.48
C SER A 28 -6.46 -1.40 8.74
N LYS A 29 -6.88 -2.60 9.10
CA LYS A 29 -6.37 -3.82 8.48
C LYS A 29 -6.58 -3.78 6.97
N THR A 30 -7.60 -3.04 6.53
CA THR A 30 -7.91 -2.92 5.12
C THR A 30 -7.09 -1.83 4.46
N GLN A 31 -6.99 -0.68 5.13
CA GLN A 31 -6.22 0.44 4.61
C GLN A 31 -4.81 0.02 4.24
N VAL A 32 -4.16 -0.70 5.15
CA VAL A 32 -2.80 -1.17 4.93
C VAL A 32 -2.69 -1.91 3.60
N LEU A 33 -3.33 -3.07 3.51
CA LEU A 33 -3.31 -3.87 2.30
C LEU A 33 -3.79 -3.06 1.10
N ASP A 34 -4.63 -2.06 1.35
CA ASP A 34 -5.15 -1.20 0.30
C ASP A 34 -4.09 -0.23 -0.19
N TRP A 35 -3.15 0.11 0.68
CA TRP A 35 -2.07 1.04 0.33
C TRP A 35 -0.98 0.32 -0.45
N ILE A 36 -0.78 -0.96 -0.16
CA ILE A 36 0.23 -1.75 -0.84
C ILE A 36 -0.03 -1.82 -2.34
N SER A 37 -1.26 -2.20 -2.70
CA SER A 37 -1.65 -2.30 -4.10
C SER A 37 -1.31 -1.02 -4.86
N TYR A 38 -1.47 0.11 -4.19
CA TYR A 38 -1.18 1.41 -4.79
C TYR A 38 0.29 1.51 -5.20
N GLN A 39 1.18 1.11 -4.29
CA GLN A 39 2.61 1.15 -4.56
C GLN A 39 3.03 0.01 -5.47
N VAL A 40 2.24 -1.06 -5.47
CA VAL A 40 2.53 -2.23 -6.30
C VAL A 40 2.11 -1.99 -7.74
N GLU A 41 1.11 -1.14 -7.94
CA GLU A 41 0.62 -0.83 -9.28
C GLU A 41 1.43 0.31 -9.90
N LYS A 42 2.01 1.15 -9.05
CA LYS A 42 2.80 2.28 -9.52
C LYS A 42 4.22 1.83 -9.86
N ASN A 43 4.85 1.09 -8.97
CA ASN A 43 6.20 0.60 -9.17
C ASN A 43 6.22 -0.52 -10.21
N LYS A 44 5.03 -0.99 -10.60
CA LYS A 44 4.90 -2.05 -11.58
C LYS A 44 5.52 -3.34 -11.07
N TYR A 45 5.41 -3.56 -9.77
CA TYR A 45 5.97 -4.77 -9.14
C TYR A 45 5.16 -6.01 -9.54
N ASP A 46 5.86 -7.11 -9.75
CA ASP A 46 5.21 -8.36 -10.13
C ASP A 46 4.09 -8.71 -9.16
N ALA A 47 4.30 -8.37 -7.88
CA ALA A 47 3.30 -8.65 -6.85
C ALA A 47 3.05 -10.15 -6.71
N SER A 48 4.04 -10.95 -7.10
CA SER A 48 3.93 -12.40 -7.02
C SER A 48 4.84 -12.96 -5.95
N ALA A 49 5.14 -12.14 -4.94
CA ALA A 49 6.01 -12.56 -3.85
C ALA A 49 5.47 -12.09 -2.51
N ILE A 50 4.96 -10.86 -2.48
CA ILE A 50 4.41 -10.29 -1.25
C ILE A 50 3.38 -11.23 -0.63
N ASP A 51 3.47 -11.43 0.68
CA ASP A 51 2.54 -12.31 1.40
C ASP A 51 1.50 -11.48 2.16
N PHE A 52 0.45 -11.07 1.46
CA PHE A 52 -0.61 -10.28 2.08
C PHE A 52 -1.16 -10.98 3.32
N SER A 53 -1.07 -12.31 3.33
CA SER A 53 -1.56 -13.10 4.46
C SER A 53 -0.77 -12.79 5.73
N ARG A 54 0.49 -12.39 5.54
CA ARG A 54 1.36 -12.07 6.67
C ARG A 54 1.13 -10.63 7.14
N CYS A 55 0.68 -9.78 6.22
CA CYS A 55 0.42 -8.38 6.54
C CYS A 55 -0.84 -8.23 7.36
N ASP A 56 -0.75 -8.58 8.65
CA ASP A 56 -1.90 -8.48 9.55
C ASP A 56 -1.87 -7.17 10.33
N MET A 57 -0.95 -6.28 9.94
CA MET A 57 -0.83 -4.98 10.59
C MET A 57 -2.02 -4.08 10.28
N ASP A 58 -2.69 -3.59 11.32
CA ASP A 58 -3.84 -2.73 11.15
C ASP A 58 -3.41 -1.31 10.76
N GLY A 59 -2.46 -0.76 11.51
CA GLY A 59 -1.97 0.58 11.23
C GLY A 59 -0.80 0.96 12.11
N ALA A 60 -0.99 0.90 13.42
CA ALA A 60 0.06 1.25 14.36
C ALA A 60 1.23 0.29 14.26
N THR A 61 0.94 -0.95 13.87
CA THR A 61 1.97 -1.97 13.72
C THR A 61 2.82 -1.72 12.48
N LEU A 62 2.22 -1.10 11.47
CA LEU A 62 2.92 -0.81 10.23
C LEU A 62 3.98 0.27 10.44
N CYS A 63 3.57 1.38 11.06
CA CYS A 63 4.49 2.48 11.33
C CYS A 63 5.53 2.09 12.37
N ASN A 64 5.17 1.13 13.22
CA ASN A 64 6.08 0.67 14.26
C ASN A 64 7.01 -0.42 13.74
N CYS A 65 6.56 -1.12 12.70
CA CYS A 65 7.36 -2.18 12.11
C CYS A 65 8.75 -1.69 11.75
N ALA A 66 9.65 -2.61 11.44
CA ALA A 66 11.03 -2.26 11.08
C ALA A 66 11.25 -2.42 9.59
N LEU A 67 12.27 -1.73 9.07
CA LEU A 67 12.59 -1.78 7.65
C LEU A 67 12.74 -3.22 7.19
N GLU A 68 13.69 -3.94 7.77
CA GLU A 68 13.93 -5.34 7.41
C GLU A 68 12.63 -6.14 7.48
N GLU A 69 11.75 -5.76 8.39
CA GLU A 69 10.48 -6.44 8.55
C GLU A 69 9.61 -6.29 7.30
N LEU A 70 9.39 -5.05 6.88
CA LEU A 70 8.58 -4.77 5.71
C LEU A 70 9.14 -5.47 4.48
N ARG A 71 10.44 -5.74 4.51
CA ARG A 71 11.11 -6.41 3.39
C ARG A 71 10.85 -7.92 3.44
N LEU A 72 10.51 -8.41 4.63
CA LEU A 72 10.25 -9.84 4.80
C LEU A 72 8.76 -10.14 4.64
N VAL A 73 7.93 -9.10 4.70
CA VAL A 73 6.50 -9.25 4.55
C VAL A 73 6.04 -8.86 3.15
N PHE A 74 6.78 -7.95 2.53
CA PHE A 74 6.46 -7.48 1.19
C PHE A 74 7.62 -7.75 0.22
N GLY A 75 8.45 -8.72 0.57
CA GLY A 75 9.59 -9.05 -0.27
C GLY A 75 10.53 -7.88 -0.46
N PRO A 76 11.21 -7.84 -1.61
CA PRO A 76 12.17 -6.77 -1.95
C PRO A 76 11.47 -5.44 -2.18
N LEU A 77 10.14 -5.46 -2.21
CA LEU A 77 9.36 -4.25 -2.44
C LEU A 77 9.35 -3.36 -1.19
N GLY A 78 9.55 -3.99 -0.03
CA GLY A 78 9.56 -3.24 1.21
C GLY A 78 10.50 -2.07 1.18
N ASP A 79 11.68 -2.27 0.59
CA ASP A 79 12.68 -1.22 0.50
C ASP A 79 12.08 0.06 -0.11
N GLN A 80 11.11 -0.13 -1.01
CA GLN A 80 10.46 1.00 -1.66
C GLN A 80 9.31 1.53 -0.80
N LEU A 81 8.56 0.62 -0.20
CA LEU A 81 7.43 1.00 0.65
C LEU A 81 7.91 1.83 1.85
N HIS A 82 8.99 1.39 2.47
CA HIS A 82 9.54 2.09 3.63
C HIS A 82 9.78 3.57 3.29
N ALA A 83 10.40 3.82 2.14
CA ALA A 83 10.69 5.18 1.71
C ALA A 83 9.44 6.05 1.77
N GLN A 84 8.31 5.48 1.37
CA GLN A 84 7.05 6.21 1.38
C GLN A 84 6.52 6.38 2.80
N LEU A 85 6.52 5.29 3.57
CA LEU A 85 6.05 5.33 4.95
C LEU A 85 6.85 6.33 5.77
N ARG A 86 8.12 6.51 5.40
CA ARG A 86 9.00 7.43 6.11
C ARG A 86 8.53 8.87 5.93
N ASP A 87 7.90 9.15 4.78
CA ASP A 87 7.42 10.49 4.49
C ASP A 87 6.07 10.73 5.17
N LEU A 88 5.33 9.66 5.41
CA LEU A 88 4.02 9.76 6.05
C LEU A 88 4.17 10.04 7.54
N THR A 89 5.05 9.28 8.20
CA THR A 89 5.29 9.46 9.62
C THR A 89 6.25 10.62 9.89
N SER A 90 7.09 10.91 8.91
CA SER A 90 8.06 12.00 9.04
C SER A 90 8.07 12.87 7.78
N SER A 91 7.42 14.02 7.87
CA SER A 91 7.34 14.95 6.74
C SER A 91 8.30 16.12 6.94
N SER A 92 9.52 15.81 7.37
CA SER A 92 10.54 16.83 7.60
C SER A 92 11.42 17.00 6.36
N GLY A 1 -8.24 -2.14 -29.74
CA GLY A 1 -9.32 -1.48 -29.03
C GLY A 1 -10.43 -1.01 -29.95
N SER A 2 -11.07 -1.96 -30.62
CA SER A 2 -12.15 -1.65 -31.55
C SER A 2 -13.36 -2.55 -31.29
N SER A 3 -13.62 -2.84 -30.03
CA SER A 3 -14.75 -3.69 -29.64
C SER A 3 -15.45 -3.13 -28.42
N GLY A 4 -16.17 -2.03 -28.60
CA GLY A 4 -16.89 -1.41 -27.50
C GLY A 4 -16.01 -0.50 -26.68
N SER A 5 -16.28 0.79 -26.74
CA SER A 5 -15.49 1.78 -25.99
C SER A 5 -16.25 3.09 -25.86
N SER A 6 -17.27 3.11 -25.00
CA SER A 6 -18.07 4.30 -24.78
C SER A 6 -18.70 4.77 -26.09
N GLY A 7 -19.42 5.89 -26.02
CA GLY A 7 -20.06 6.43 -27.21
C GLY A 7 -21.16 7.42 -26.88
N GLN A 8 -20.90 8.70 -27.17
CA GLN A 8 -21.88 9.74 -26.89
C GLN A 8 -22.27 9.75 -25.42
N MET A 9 -21.32 10.12 -24.57
CA MET A 9 -21.57 10.17 -23.13
C MET A 9 -20.75 11.28 -22.47
N SER A 10 -20.79 11.34 -21.15
CA SER A 10 -20.06 12.36 -20.40
C SER A 10 -19.76 11.88 -18.98
N LEU A 11 -19.61 10.57 -18.82
CA LEU A 11 -19.32 10.00 -17.51
C LEU A 11 -17.96 10.43 -17.00
N GLU A 12 -17.91 10.85 -15.75
CA GLU A 12 -16.67 11.30 -15.14
C GLU A 12 -16.82 11.49 -13.63
N GLY A 13 -15.73 11.33 -12.90
CA GLY A 13 -15.77 11.48 -11.45
C GLY A 13 -14.39 11.38 -10.83
N THR A 14 -14.36 11.17 -9.51
CA THR A 14 -13.10 11.06 -8.79
C THR A 14 -13.33 10.53 -7.37
N GLU A 15 -12.67 9.41 -7.06
CA GLU A 15 -12.80 8.80 -5.74
C GLU A 15 -11.62 9.17 -4.85
N LYS A 16 -11.62 8.66 -3.63
CA LYS A 16 -10.54 8.93 -2.68
C LYS A 16 -10.05 7.65 -2.04
N ALA A 17 -8.75 7.61 -1.73
CA ALA A 17 -8.14 6.44 -1.11
C ALA A 17 -8.65 6.24 0.31
N SER A 18 -8.93 4.99 0.67
CA SER A 18 -9.43 4.67 2.00
C SER A 18 -8.41 5.04 3.07
N TRP A 19 -7.18 5.23 2.65
CA TRP A 19 -6.10 5.60 3.57
C TRP A 19 -5.64 7.03 3.32
N LEU A 20 -6.47 7.80 2.63
CA LEU A 20 -6.14 9.19 2.34
C LEU A 20 -6.88 10.14 3.27
N GLY A 21 -6.13 10.97 3.98
CA GLY A 21 -6.72 11.91 4.91
C GLY A 21 -6.38 11.60 6.36
N GLU A 22 -5.95 10.36 6.62
CA GLU A 22 -5.60 9.95 7.96
C GLU A 22 -4.15 9.47 8.02
N GLN A 23 -3.48 9.76 9.13
CA GLN A 23 -2.09 9.36 9.30
C GLN A 23 -1.94 7.84 9.23
N PRO A 24 -0.71 7.38 8.96
CA PRO A 24 -0.41 5.94 8.85
C PRO A 24 -0.50 5.23 10.20
N GLN A 25 -0.65 6.00 11.27
CA GLN A 25 -0.76 5.45 12.61
C GLN A 25 -2.19 5.05 12.93
N PHE A 26 -3.15 5.68 12.24
CA PHE A 26 -4.56 5.39 12.45
C PHE A 26 -5.15 4.67 11.25
N TRP A 27 -4.43 3.68 10.75
CA TRP A 27 -4.89 2.91 9.60
C TRP A 27 -5.55 1.61 10.03
N SER A 28 -6.41 1.06 9.17
CA SER A 28 -7.12 -0.17 9.47
C SER A 28 -6.48 -1.35 8.75
N LYS A 29 -6.85 -2.56 9.15
CA LYS A 29 -6.32 -3.77 8.56
C LYS A 29 -6.55 -3.78 7.04
N THR A 30 -7.62 -3.13 6.61
CA THR A 30 -7.96 -3.06 5.19
C THR A 30 -7.17 -1.95 4.50
N GLN A 31 -7.06 -0.80 5.16
CA GLN A 31 -6.34 0.34 4.60
C GLN A 31 -4.92 -0.06 4.22
N VAL A 32 -4.23 -0.73 5.14
CA VAL A 32 -2.86 -1.16 4.91
C VAL A 32 -2.75 -1.93 3.60
N LEU A 33 -3.42 -3.07 3.53
CA LEU A 33 -3.40 -3.91 2.34
C LEU A 33 -3.85 -3.11 1.11
N ASP A 34 -4.65 -2.09 1.34
CA ASP A 34 -5.15 -1.25 0.26
C ASP A 34 -4.08 -0.27 -0.21
N TRP A 35 -3.18 0.09 0.70
CA TRP A 35 -2.10 1.01 0.37
C TRP A 35 -1.00 0.32 -0.43
N ILE A 36 -0.80 -0.97 -0.15
CA ILE A 36 0.22 -1.74 -0.85
C ILE A 36 -0.06 -1.79 -2.35
N SER A 37 -1.26 -2.16 -2.72
CA SER A 37 -1.66 -2.25 -4.12
C SER A 37 -1.32 -0.94 -4.85
N TYR A 38 -1.48 0.17 -4.15
CA TYR A 38 -1.20 1.48 -4.74
C TYR A 38 0.27 1.59 -5.15
N GLN A 39 1.16 1.17 -4.24
CA GLN A 39 2.59 1.23 -4.50
C GLN A 39 3.02 0.10 -5.44
N VAL A 40 2.23 -0.98 -5.45
CA VAL A 40 2.53 -2.12 -6.31
C VAL A 40 2.12 -1.85 -7.75
N GLU A 41 1.12 -0.99 -7.93
CA GLU A 41 0.64 -0.65 -9.26
C GLU A 41 1.45 0.48 -9.86
N LYS A 42 2.03 1.31 -9.00
CA LYS A 42 2.84 2.44 -9.44
C LYS A 42 4.25 1.99 -9.80
N ASN A 43 4.87 1.24 -8.90
CA ASN A 43 6.22 0.75 -9.13
C ASN A 43 6.24 -0.36 -10.17
N LYS A 44 5.05 -0.81 -10.57
CA LYS A 44 4.93 -1.86 -11.57
C LYS A 44 5.55 -3.16 -11.08
N TYR A 45 5.44 -3.41 -9.77
CA TYR A 45 6.00 -4.61 -9.18
C TYR A 45 5.19 -5.85 -9.58
N ASP A 46 5.89 -6.94 -9.84
CA ASP A 46 5.24 -8.19 -10.25
C ASP A 46 4.14 -8.57 -9.26
N ALA A 47 4.35 -8.23 -8.00
CA ALA A 47 3.37 -8.53 -6.96
C ALA A 47 3.17 -10.04 -6.82
N SER A 48 4.18 -10.81 -7.20
CA SER A 48 4.12 -12.25 -7.12
C SER A 48 5.05 -12.78 -6.04
N ALA A 49 5.20 -12.01 -4.96
CA ALA A 49 6.07 -12.40 -3.86
C ALA A 49 5.50 -11.93 -2.52
N ILE A 50 4.98 -10.71 -2.50
CA ILE A 50 4.41 -10.14 -1.29
C ILE A 50 3.37 -11.08 -0.68
N ASP A 51 3.48 -11.29 0.62
CA ASP A 51 2.55 -12.18 1.33
C ASP A 51 1.54 -11.37 2.12
N PHE A 52 0.47 -10.94 1.45
CA PHE A 52 -0.57 -10.16 2.09
C PHE A 52 -1.11 -10.87 3.33
N SER A 53 -1.03 -12.20 3.31
CA SER A 53 -1.52 -13.01 4.43
C SER A 53 -0.73 -12.70 5.70
N ARG A 54 0.52 -12.26 5.53
CA ARG A 54 1.38 -11.95 6.66
C ARG A 54 1.16 -10.51 7.12
N CYS A 55 0.70 -9.66 6.20
CA CYS A 55 0.44 -8.26 6.52
C CYS A 55 -0.83 -8.12 7.34
N ASP A 56 -0.74 -8.47 8.61
CA ASP A 56 -1.90 -8.37 9.52
C ASP A 56 -1.86 -7.07 10.30
N MET A 57 -0.94 -6.18 9.93
CA MET A 57 -0.81 -4.89 10.60
C MET A 57 -2.01 -3.99 10.29
N ASP A 58 -2.66 -3.51 11.34
CA ASP A 58 -3.82 -2.63 11.19
C ASP A 58 -3.38 -1.23 10.75
N GLY A 59 -2.40 -0.68 11.45
CA GLY A 59 -1.90 0.64 11.13
C GLY A 59 -0.74 1.07 12.01
N ALA A 60 -0.97 1.08 13.32
CA ALA A 60 0.07 1.46 14.27
C ALA A 60 1.25 0.50 14.21
N THR A 61 0.96 -0.76 13.92
CA THR A 61 1.99 -1.78 13.83
C THR A 61 2.86 -1.59 12.59
N LEU A 62 2.25 -1.06 11.53
CA LEU A 62 2.96 -0.83 10.28
C LEU A 62 4.06 0.21 10.45
N CYS A 63 3.73 1.31 11.12
CA CYS A 63 4.69 2.37 11.36
C CYS A 63 5.73 1.95 12.40
N ASN A 64 5.33 1.04 13.27
CA ASN A 64 6.24 0.54 14.31
C ASN A 64 7.16 -0.54 13.78
N CYS A 65 6.70 -1.23 12.73
CA CYS A 65 7.49 -2.30 12.12
C CYS A 65 8.89 -1.81 11.76
N ALA A 66 9.77 -2.75 11.42
CA ALA A 66 11.13 -2.40 11.06
C ALA A 66 11.36 -2.55 9.56
N LEU A 67 12.38 -1.87 9.05
CA LEU A 67 12.70 -1.92 7.63
C LEU A 67 12.83 -3.37 7.16
N GLU A 68 13.77 -4.09 7.74
CA GLU A 68 14.00 -5.49 7.37
C GLU A 68 12.68 -6.28 7.43
N GLU A 69 11.80 -5.89 8.34
CA GLU A 69 10.52 -6.55 8.50
C GLU A 69 9.65 -6.37 7.24
N LEU A 70 9.45 -5.12 6.85
CA LEU A 70 8.64 -4.81 5.68
C LEU A 70 9.19 -5.51 4.44
N ARG A 71 10.49 -5.80 4.45
CA ARG A 71 11.13 -6.47 3.33
C ARG A 71 10.86 -7.98 3.36
N LEU A 72 10.52 -8.48 4.54
CA LEU A 72 10.23 -9.90 4.71
C LEU A 72 8.73 -10.18 4.55
N VAL A 73 7.93 -9.12 4.63
CA VAL A 73 6.49 -9.26 4.48
C VAL A 73 6.04 -8.84 3.08
N PHE A 74 6.79 -7.93 2.47
CA PHE A 74 6.47 -7.44 1.13
C PHE A 74 7.62 -7.70 0.17
N GLY A 75 8.45 -8.71 0.50
CA GLY A 75 9.57 -9.04 -0.35
C GLY A 75 10.53 -7.89 -0.53
N PRO A 76 11.20 -7.84 -1.69
CA PRO A 76 12.17 -6.78 -2.00
C PRO A 76 11.50 -5.43 -2.23
N LEU A 77 10.18 -5.44 -2.25
CA LEU A 77 9.40 -4.21 -2.46
C LEU A 77 9.42 -3.34 -1.21
N GLY A 78 9.61 -3.98 -0.06
CA GLY A 78 9.64 -3.25 1.20
C GLY A 78 10.60 -2.08 1.17
N ASP A 79 11.75 -2.29 0.53
CA ASP A 79 12.76 -1.24 0.43
C ASP A 79 12.17 0.05 -0.12
N GLN A 80 11.13 -0.09 -0.94
CA GLN A 80 10.47 1.06 -1.54
C GLN A 80 9.34 1.56 -0.65
N LEU A 81 8.56 0.63 -0.10
CA LEU A 81 7.45 0.98 0.77
C LEU A 81 7.93 1.75 2.00
N HIS A 82 9.01 1.25 2.61
CA HIS A 82 9.56 1.89 3.79
C HIS A 82 9.81 3.38 3.54
N ALA A 83 10.51 3.68 2.45
CA ALA A 83 10.81 5.06 2.09
C ALA A 83 9.55 5.91 2.07
N GLN A 84 8.44 5.31 1.66
CA GLN A 84 7.17 6.01 1.59
C GLN A 84 6.58 6.22 2.98
N LEU A 85 6.47 5.12 3.73
CA LEU A 85 5.92 5.18 5.08
C LEU A 85 6.70 6.16 5.95
N ARG A 86 7.97 6.36 5.60
CA ARG A 86 8.83 7.27 6.35
C ARG A 86 8.46 8.73 6.05
N ASP A 87 7.89 8.96 4.88
CA ASP A 87 7.49 10.31 4.49
C ASP A 87 6.09 10.63 5.01
N LEU A 88 5.20 9.64 4.97
CA LEU A 88 3.83 9.83 5.44
C LEU A 88 3.81 10.39 6.86
N THR A 89 4.75 9.92 7.69
CA THR A 89 4.84 10.38 9.07
C THR A 89 5.73 11.62 9.18
N SER A 90 7.02 11.42 8.92
CA SER A 90 7.98 12.51 9.00
C SER A 90 8.02 13.30 7.69
N SER A 91 7.16 14.31 7.59
CA SER A 91 7.10 15.14 6.39
C SER A 91 7.88 16.43 6.58
N SER A 92 8.81 16.68 5.66
CA SER A 92 9.65 17.88 5.72
C SER A 92 10.44 17.92 7.03
N GLY A 1 -15.39 -4.02 -7.27
CA GLY A 1 -14.66 -5.04 -6.54
C GLY A 1 -15.50 -6.29 -6.31
N SER A 2 -14.90 -7.30 -5.69
CA SER A 2 -15.59 -8.56 -5.42
C SER A 2 -16.06 -8.60 -3.96
N SER A 3 -17.21 -8.00 -3.70
CA SER A 3 -17.77 -7.97 -2.35
C SER A 3 -19.18 -7.40 -2.36
N GLY A 4 -19.83 -7.42 -1.20
CA GLY A 4 -21.19 -6.89 -1.10
C GLY A 4 -21.25 -5.39 -1.31
N SER A 5 -22.46 -4.88 -1.49
CA SER A 5 -22.66 -3.45 -1.71
C SER A 5 -24.15 -3.11 -1.76
N SER A 6 -24.47 -1.89 -1.37
CA SER A 6 -25.87 -1.42 -1.37
C SER A 6 -25.94 0.08 -1.55
N GLY A 7 -25.08 0.62 -2.41
CA GLY A 7 -25.06 2.05 -2.66
C GLY A 7 -25.60 2.40 -4.03
N GLN A 8 -26.86 2.86 -4.07
CA GLN A 8 -27.49 3.24 -5.32
C GLN A 8 -27.19 4.69 -5.68
N MET A 9 -25.91 4.98 -5.94
CA MET A 9 -25.50 6.34 -6.29
C MET A 9 -24.04 6.36 -6.74
N SER A 10 -23.63 5.32 -7.47
CA SER A 10 -22.26 5.22 -7.95
C SER A 10 -22.21 5.43 -9.47
N LEU A 11 -21.40 6.40 -9.88
CA LEU A 11 -21.25 6.70 -11.31
C LEU A 11 -19.77 6.90 -11.67
N GLU A 12 -19.46 6.74 -12.95
CA GLU A 12 -18.09 6.91 -13.43
C GLU A 12 -17.56 8.29 -13.08
N GLY A 13 -16.67 8.35 -12.10
CA GLY A 13 -16.10 9.62 -11.69
C GLY A 13 -14.73 9.46 -11.04
N THR A 14 -14.66 9.70 -9.74
CA THR A 14 -13.41 9.59 -9.00
C THR A 14 -13.66 9.62 -7.49
N GLU A 15 -12.97 8.74 -6.77
CA GLU A 15 -13.12 8.67 -5.32
C GLU A 15 -11.78 8.93 -4.63
N LYS A 16 -11.80 8.94 -3.30
CA LYS A 16 -10.58 9.16 -2.52
C LYS A 16 -9.97 7.84 -2.07
N ALA A 17 -8.98 7.93 -1.19
CA ALA A 17 -8.31 6.74 -0.68
C ALA A 17 -8.66 6.50 0.78
N SER A 18 -8.93 5.24 1.12
CA SER A 18 -9.29 4.87 2.48
C SER A 18 -8.15 5.19 3.44
N TRP A 19 -6.96 5.35 2.90
CA TRP A 19 -5.78 5.67 3.71
C TRP A 19 -5.30 7.08 3.46
N LEU A 20 -6.19 7.91 2.89
CA LEU A 20 -5.85 9.30 2.60
C LEU A 20 -6.57 10.24 3.56
N GLY A 21 -5.79 11.03 4.29
CA GLY A 21 -6.36 11.97 5.24
C GLY A 21 -6.02 11.63 6.67
N GLU A 22 -5.63 10.37 6.90
CA GLU A 22 -5.28 9.92 8.24
C GLU A 22 -3.85 9.40 8.29
N GLN A 23 -3.17 9.65 9.39
CA GLN A 23 -1.79 9.20 9.57
C GLN A 23 -1.69 7.69 9.45
N PRO A 24 -0.47 7.19 9.18
CA PRO A 24 -0.22 5.75 9.05
C PRO A 24 -0.33 5.01 10.38
N GLN A 25 -0.46 5.78 11.46
CA GLN A 25 -0.56 5.19 12.79
C GLN A 25 -2.01 4.82 13.10
N PHE A 26 -2.95 5.49 12.43
CA PHE A 26 -4.37 5.22 12.63
C PHE A 26 -4.98 4.55 11.40
N TRP A 27 -4.29 3.54 10.88
CA TRP A 27 -4.76 2.82 9.70
C TRP A 27 -5.47 1.53 10.11
N SER A 28 -6.28 1.00 9.19
CA SER A 28 -7.01 -0.23 9.46
C SER A 28 -6.39 -1.41 8.71
N LYS A 29 -6.78 -2.62 9.10
CA LYS A 29 -6.25 -3.83 8.47
C LYS A 29 -6.48 -3.79 6.96
N THR A 30 -7.51 -3.07 6.53
CA THR A 30 -7.83 -2.94 5.12
C THR A 30 -7.02 -1.82 4.46
N GLN A 31 -6.98 -0.67 5.11
CA GLN A 31 -6.24 0.48 4.59
C GLN A 31 -4.80 0.09 4.28
N VAL A 32 -4.18 -0.64 5.20
CA VAL A 32 -2.80 -1.07 5.03
C VAL A 32 -2.60 -1.75 3.67
N LEU A 33 -3.26 -2.89 3.49
CA LEU A 33 -3.16 -3.64 2.24
C LEU A 33 -3.61 -2.79 1.06
N ASP A 34 -4.71 -2.07 1.25
CA ASP A 34 -5.25 -1.21 0.19
C ASP A 34 -4.20 -0.23 -0.30
N TRP A 35 -3.24 0.10 0.57
CA TRP A 35 -2.18 1.03 0.22
C TRP A 35 -1.05 0.32 -0.52
N ILE A 36 -0.83 -0.95 -0.18
CA ILE A 36 0.22 -1.73 -0.81
C ILE A 36 -0.02 -1.87 -2.31
N SER A 37 -1.22 -2.31 -2.68
CA SER A 37 -1.58 -2.47 -4.08
C SER A 37 -1.27 -1.20 -4.87
N TYR A 38 -1.48 -0.05 -4.24
CA TYR A 38 -1.23 1.23 -4.89
C TYR A 38 0.24 1.37 -5.27
N GLN A 39 1.12 1.04 -4.34
CA GLN A 39 2.56 1.12 -4.57
C GLN A 39 3.03 -0.02 -5.45
N VAL A 40 2.29 -1.13 -5.42
CA VAL A 40 2.64 -2.31 -6.21
C VAL A 40 2.30 -2.10 -7.69
N GLU A 41 1.31 -1.24 -7.95
CA GLU A 41 0.90 -0.96 -9.31
C GLU A 41 1.62 0.27 -9.87
N LYS A 42 2.06 1.14 -8.96
CA LYS A 42 2.77 2.35 -9.36
C LYS A 42 4.17 2.03 -9.86
N ASN A 43 4.87 1.16 -9.13
CA ASN A 43 6.22 0.77 -9.51
C ASN A 43 6.19 -0.42 -10.47
N LYS A 44 4.99 -0.81 -10.88
CA LYS A 44 4.81 -1.92 -11.81
C LYS A 44 5.40 -3.21 -11.22
N TYR A 45 5.54 -3.23 -9.90
CA TYR A 45 6.09 -4.40 -9.22
C TYR A 45 5.35 -5.67 -9.64
N ASP A 46 6.12 -6.71 -10.00
CA ASP A 46 5.54 -7.98 -10.41
C ASP A 46 4.57 -8.50 -9.36
N ALA A 47 4.80 -8.14 -8.11
CA ALA A 47 3.95 -8.57 -7.02
C ALA A 47 3.95 -10.09 -6.88
N SER A 48 5.01 -10.72 -7.37
CA SER A 48 5.13 -12.17 -7.32
C SER A 48 6.13 -12.59 -6.24
N ALA A 49 6.31 -11.73 -5.24
CA ALA A 49 7.23 -12.01 -4.15
C ALA A 49 6.53 -11.91 -2.79
N ILE A 50 5.61 -10.96 -2.68
CA ILE A 50 4.87 -10.76 -1.44
C ILE A 50 4.16 -12.04 -1.01
N ASP A 51 4.19 -12.32 0.29
CA ASP A 51 3.54 -13.51 0.82
C ASP A 51 2.08 -13.22 1.18
N PHE A 52 1.80 -11.98 1.54
CA PHE A 52 0.44 -11.58 1.91
C PHE A 52 -0.07 -12.42 3.07
N SER A 53 0.85 -12.99 3.85
CA SER A 53 0.49 -13.81 5.00
C SER A 53 0.98 -13.20 6.29
N ARG A 54 2.10 -12.47 6.21
CA ARG A 54 2.68 -11.84 7.38
C ARG A 54 2.34 -10.34 7.41
N CYS A 55 1.32 -9.96 6.65
CA CYS A 55 0.90 -8.56 6.59
C CYS A 55 -0.31 -8.33 7.48
N ASP A 56 -0.24 -8.81 8.72
CA ASP A 56 -1.33 -8.66 9.67
C ASP A 56 -1.09 -7.46 10.58
N MET A 57 -1.16 -6.26 10.00
CA MET A 57 -0.96 -5.03 10.75
C MET A 57 -2.09 -4.03 10.49
N ASP A 58 -2.80 -3.67 11.55
CA ASP A 58 -3.91 -2.73 11.44
C ASP A 58 -3.42 -1.38 10.93
N GLY A 59 -2.39 -0.85 11.59
CA GLY A 59 -1.85 0.44 11.19
C GLY A 59 -0.65 0.85 12.04
N ALA A 60 -0.86 0.99 13.34
CA ALA A 60 0.21 1.37 14.25
C ALA A 60 1.38 0.41 14.15
N THR A 61 1.10 -0.83 13.73
CA THR A 61 2.14 -1.84 13.60
C THR A 61 2.99 -1.60 12.35
N LEU A 62 2.40 -0.92 11.37
CA LEU A 62 3.10 -0.63 10.12
C LEU A 62 4.16 0.44 10.34
N CYS A 63 3.80 1.51 11.03
CA CYS A 63 4.72 2.60 11.30
C CYS A 63 5.76 2.18 12.35
N ASN A 64 5.39 1.23 13.19
CA ASN A 64 6.29 0.74 14.23
C ASN A 64 7.17 -0.39 13.70
N CYS A 65 6.69 -1.08 12.67
CA CYS A 65 7.44 -2.18 12.08
C CYS A 65 8.86 -1.74 11.72
N ALA A 66 9.71 -2.71 11.41
CA ALA A 66 11.09 -2.42 11.04
C ALA A 66 11.30 -2.54 9.54
N LEU A 67 12.34 -1.87 9.04
CA LEU A 67 12.64 -1.90 7.61
C LEU A 67 12.72 -3.33 7.10
N GLU A 68 13.63 -4.11 7.65
CA GLU A 68 13.81 -5.50 7.25
C GLU A 68 12.48 -6.25 7.29
N GLU A 69 11.71 -6.01 8.35
CA GLU A 69 10.41 -6.65 8.51
C GLU A 69 9.55 -6.47 7.26
N LEU A 70 9.32 -5.21 6.89
CA LEU A 70 8.52 -4.90 5.71
C LEU A 70 9.08 -5.56 4.46
N ARG A 71 10.39 -5.82 4.48
CA ARG A 71 11.06 -6.46 3.35
C ARG A 71 10.84 -7.97 3.37
N LEU A 72 10.51 -8.49 4.55
CA LEU A 72 10.29 -9.92 4.70
C LEU A 72 8.82 -10.27 4.51
N VAL A 73 7.95 -9.25 4.59
CA VAL A 73 6.53 -9.45 4.42
C VAL A 73 6.07 -9.04 3.03
N PHE A 74 6.77 -8.06 2.45
CA PHE A 74 6.44 -7.57 1.12
C PHE A 74 7.60 -7.79 0.15
N GLY A 75 8.46 -8.76 0.47
CA GLY A 75 9.59 -9.05 -0.37
C GLY A 75 10.52 -7.86 -0.52
N PRO A 76 11.21 -7.78 -1.67
CA PRO A 76 12.14 -6.69 -1.97
C PRO A 76 11.43 -5.36 -2.19
N LEU A 77 10.10 -5.40 -2.22
CA LEU A 77 9.30 -4.20 -2.41
C LEU A 77 9.28 -3.35 -1.15
N GLY A 78 9.47 -3.99 0.00
CA GLY A 78 9.48 -3.27 1.25
C GLY A 78 10.41 -2.09 1.25
N ASP A 79 11.59 -2.27 0.66
CA ASP A 79 12.58 -1.20 0.59
C ASP A 79 11.98 0.07 -0.01
N GLN A 80 10.99 -0.11 -0.88
CA GLN A 80 10.33 1.02 -1.53
C GLN A 80 9.15 1.51 -0.69
N LEU A 81 8.53 0.58 0.03
CA LEU A 81 7.39 0.91 0.88
C LEU A 81 7.82 1.70 2.10
N HIS A 82 8.99 1.36 2.63
CA HIS A 82 9.53 2.04 3.81
C HIS A 82 9.77 3.52 3.52
N ALA A 83 10.33 3.80 2.35
CA ALA A 83 10.62 5.17 1.96
C ALA A 83 9.35 6.04 2.02
N GLN A 84 8.27 5.53 1.45
CA GLN A 84 7.01 6.26 1.45
C GLN A 84 6.50 6.47 2.87
N LEU A 85 6.42 5.38 3.64
CA LEU A 85 5.95 5.46 5.01
C LEU A 85 6.78 6.44 5.83
N ARG A 86 8.07 6.53 5.51
CA ARG A 86 8.98 7.43 6.21
C ARG A 86 8.52 8.87 6.05
N ASP A 87 7.91 9.18 4.91
CA ASP A 87 7.42 10.52 4.63
C ASP A 87 6.06 10.76 5.27
N LEU A 88 5.25 9.70 5.33
CA LEU A 88 3.92 9.80 5.92
C LEU A 88 4.00 10.17 7.40
N THR A 89 4.81 9.42 8.14
CA THR A 89 4.98 9.67 9.57
C THR A 89 5.70 10.99 9.82
N SER A 90 6.61 11.33 8.91
CA SER A 90 7.38 12.58 9.03
C SER A 90 6.63 13.74 8.37
N SER A 91 5.81 14.43 9.16
CA SER A 91 5.04 15.56 8.65
C SER A 91 4.42 16.34 9.79
N SER A 92 5.22 16.68 10.79
CA SER A 92 4.75 17.43 11.94
C SER A 92 3.59 16.71 12.61
N GLY A 1 -17.80 -14.59 -40.02
CA GLY A 1 -17.55 -14.32 -38.62
C GLY A 1 -16.64 -13.13 -38.40
N SER A 2 -16.87 -12.41 -37.31
CA SER A 2 -16.06 -11.23 -37.00
C SER A 2 -15.05 -11.54 -35.89
N SER A 3 -15.56 -11.86 -34.71
CA SER A 3 -14.72 -12.18 -33.56
C SER A 3 -15.41 -13.17 -32.63
N GLY A 4 -14.62 -14.06 -32.04
CA GLY A 4 -15.17 -15.06 -31.14
C GLY A 4 -14.41 -15.15 -29.84
N SER A 5 -14.28 -14.02 -29.15
CA SER A 5 -13.54 -13.97 -27.88
C SER A 5 -14.50 -13.68 -26.73
N SER A 6 -15.50 -12.84 -26.99
CA SER A 6 -16.47 -12.47 -25.96
C SER A 6 -15.78 -11.86 -24.75
N GLY A 7 -16.58 -11.48 -23.75
CA GLY A 7 -16.02 -10.88 -22.55
C GLY A 7 -15.81 -9.38 -22.70
N GLN A 8 -15.79 -8.67 -21.57
CA GLN A 8 -15.60 -7.23 -21.58
C GLN A 8 -15.09 -6.75 -20.23
N MET A 9 -14.73 -5.47 -20.16
CA MET A 9 -14.22 -4.88 -18.93
C MET A 9 -15.30 -4.06 -18.24
N SER A 10 -15.15 -3.88 -16.93
CA SER A 10 -16.11 -3.11 -16.15
C SER A 10 -15.59 -1.70 -15.87
N LEU A 11 -14.28 -1.57 -15.79
CA LEU A 11 -13.64 -0.28 -15.53
C LEU A 11 -14.14 0.30 -14.21
N GLU A 12 -13.99 -0.45 -13.14
CA GLU A 12 -14.42 -0.01 -11.82
C GLU A 12 -13.77 1.32 -11.45
N GLY A 13 -14.55 2.20 -10.82
CA GLY A 13 -14.03 3.50 -10.43
C GLY A 13 -13.32 3.47 -9.09
N THR A 14 -12.57 4.52 -8.79
CA THR A 14 -11.84 4.61 -7.53
C THR A 14 -11.50 6.05 -7.19
N GLU A 15 -12.36 6.70 -6.42
CA GLU A 15 -12.15 8.08 -6.03
C GLU A 15 -11.57 8.16 -4.61
N LYS A 16 -10.59 9.03 -4.43
CA LYS A 16 -9.96 9.20 -3.12
C LYS A 16 -9.29 7.91 -2.66
N ALA A 17 -8.83 7.89 -1.42
CA ALA A 17 -8.18 6.72 -0.85
C ALA A 17 -8.58 6.50 0.59
N SER A 18 -8.88 5.25 0.93
CA SER A 18 -9.28 4.90 2.29
C SER A 18 -8.18 5.24 3.30
N TRP A 19 -6.95 5.39 2.80
CA TRP A 19 -5.82 5.71 3.65
C TRP A 19 -5.33 7.14 3.38
N LEU A 20 -6.18 7.95 2.77
CA LEU A 20 -5.83 9.33 2.46
C LEU A 20 -6.55 10.29 3.40
N GLY A 21 -5.78 11.08 4.14
CA GLY A 21 -6.35 12.03 5.06
C GLY A 21 -6.02 11.72 6.50
N GLU A 22 -5.62 10.47 6.76
CA GLU A 22 -5.28 10.04 8.10
C GLU A 22 -3.84 9.51 8.16
N GLN A 23 -3.16 9.79 9.26
CA GLN A 23 -1.78 9.34 9.43
C GLN A 23 -1.68 7.82 9.36
N PRO A 24 -0.47 7.31 9.09
CA PRO A 24 -0.22 5.87 8.99
C PRO A 24 -0.32 5.17 10.33
N GLN A 25 -0.45 5.95 11.40
CA GLN A 25 -0.56 5.40 12.74
C GLN A 25 -2.01 5.03 13.07
N PHE A 26 -2.94 5.69 12.38
CA PHE A 26 -4.36 5.45 12.59
C PHE A 26 -4.99 4.76 11.38
N TRP A 27 -4.30 3.73 10.88
CA TRP A 27 -4.78 2.99 9.72
C TRP A 27 -5.50 1.72 10.16
N SER A 28 -6.24 1.11 9.24
CA SER A 28 -6.98 -0.11 9.52
C SER A 28 -6.38 -1.29 8.76
N LYS A 29 -6.83 -2.50 9.12
CA LYS A 29 -6.34 -3.71 8.47
C LYS A 29 -6.63 -3.69 6.97
N THR A 30 -7.66 -2.93 6.59
CA THR A 30 -8.03 -2.82 5.18
C THR A 30 -7.25 -1.71 4.49
N GLN A 31 -7.09 -0.59 5.17
CA GLN A 31 -6.36 0.54 4.62
C GLN A 31 -4.95 0.12 4.21
N VAL A 32 -4.24 -0.55 5.12
CA VAL A 32 -2.88 -1.00 4.85
C VAL A 32 -2.81 -1.79 3.55
N LEU A 33 -3.51 -2.91 3.50
CA LEU A 33 -3.53 -3.75 2.31
C LEU A 33 -3.96 -2.96 1.09
N ASP A 34 -4.78 -1.93 1.32
CA ASP A 34 -5.28 -1.09 0.24
C ASP A 34 -4.19 -0.13 -0.25
N TRP A 35 -3.25 0.19 0.64
CA TRP A 35 -2.16 1.10 0.32
C TRP A 35 -1.06 0.37 -0.45
N ILE A 36 -0.90 -0.92 -0.15
CA ILE A 36 0.12 -1.74 -0.81
C ILE A 36 -0.13 -1.81 -2.31
N SER A 37 -1.35 -2.16 -2.70
CA SER A 37 -1.71 -2.28 -4.10
C SER A 37 -1.33 -1.01 -4.86
N TYR A 38 -1.45 0.12 -4.20
CA TYR A 38 -1.12 1.42 -4.81
C TYR A 38 0.36 1.48 -5.18
N GLN A 39 1.22 1.05 -4.26
CA GLN A 39 2.65 1.06 -4.48
C GLN A 39 3.07 -0.12 -5.37
N VAL A 40 2.24 -1.15 -5.40
CA VAL A 40 2.52 -2.34 -6.20
C VAL A 40 2.14 -2.11 -7.67
N GLU A 41 1.17 -1.23 -7.90
CA GLU A 41 0.73 -0.92 -9.25
C GLU A 41 1.54 0.22 -9.85
N LYS A 42 2.12 1.05 -8.98
CA LYS A 42 2.92 2.17 -9.42
C LYS A 42 4.36 1.75 -9.68
N ASN A 43 4.84 0.78 -8.90
CA ASN A 43 6.19 0.28 -9.05
C ASN A 43 6.25 -0.85 -10.07
N LYS A 44 5.12 -1.08 -10.75
CA LYS A 44 5.05 -2.13 -11.76
C LYS A 44 5.54 -3.46 -11.22
N TYR A 45 5.37 -3.65 -9.91
CA TYR A 45 5.79 -4.88 -9.25
C TYR A 45 4.86 -6.04 -9.60
N ASP A 46 5.44 -7.17 -9.98
CA ASP A 46 4.65 -8.34 -10.35
C ASP A 46 3.67 -8.69 -9.24
N ALA A 47 4.03 -8.38 -8.00
CA ALA A 47 3.16 -8.65 -6.86
C ALA A 47 2.97 -10.15 -6.68
N SER A 48 3.91 -10.94 -7.16
CA SER A 48 3.84 -12.40 -7.06
C SER A 48 4.84 -12.92 -6.03
N ALA A 49 5.12 -12.11 -5.03
CA ALA A 49 6.06 -12.49 -3.98
C ALA A 49 5.56 -12.05 -2.61
N ILE A 50 5.02 -10.83 -2.54
CA ILE A 50 4.50 -10.30 -1.29
C ILE A 50 3.53 -11.27 -0.63
N ASP A 51 3.62 -11.39 0.68
CA ASP A 51 2.74 -12.28 1.43
C ASP A 51 1.75 -11.48 2.30
N PHE A 52 0.66 -11.06 1.69
CA PHE A 52 -0.36 -10.28 2.40
C PHE A 52 -0.85 -11.05 3.63
N SER A 53 -0.77 -12.37 3.58
CA SER A 53 -1.21 -13.20 4.69
C SER A 53 -0.49 -12.81 5.98
N ARG A 54 0.72 -12.30 5.85
CA ARG A 54 1.50 -11.90 7.01
C ARG A 54 1.19 -10.45 7.39
N CYS A 55 0.74 -9.67 6.42
CA CYS A 55 0.41 -8.27 6.66
C CYS A 55 -0.91 -8.15 7.42
N ASP A 56 -0.86 -8.44 8.71
CA ASP A 56 -2.05 -8.36 9.55
C ASP A 56 -2.05 -7.08 10.39
N MET A 57 -1.11 -6.19 10.10
CA MET A 57 -1.00 -4.92 10.82
C MET A 57 -2.09 -3.96 10.40
N ASP A 58 -2.85 -3.47 11.37
CA ASP A 58 -3.93 -2.53 11.09
C ASP A 58 -3.38 -1.15 10.72
N GLY A 59 -2.38 -0.71 11.46
CA GLY A 59 -1.78 0.59 11.18
C GLY A 59 -0.65 0.93 12.14
N ALA A 60 -0.99 1.00 13.43
CA ALA A 60 0.01 1.33 14.45
C ALA A 60 1.18 0.37 14.38
N THR A 61 0.92 -0.86 13.96
CA THR A 61 1.97 -1.87 13.84
C THR A 61 2.81 -1.67 12.59
N LEU A 62 2.18 -1.14 11.54
CA LEU A 62 2.86 -0.89 10.28
C LEU A 62 4.04 0.07 10.48
N CYS A 63 3.75 1.21 11.10
CA CYS A 63 4.78 2.22 11.36
C CYS A 63 5.81 1.70 12.35
N ASN A 64 5.40 0.76 13.20
CA ASN A 64 6.30 0.19 14.19
C ASN A 64 7.21 -0.86 13.57
N CYS A 65 6.71 -1.55 12.55
CA CYS A 65 7.48 -2.57 11.86
C CYS A 65 8.84 -2.03 11.43
N ALA A 66 9.87 -2.87 11.51
CA ALA A 66 11.22 -2.48 11.14
C ALA A 66 11.42 -2.57 9.62
N LEU A 67 12.41 -1.86 9.12
CA LEU A 67 12.71 -1.86 7.68
C LEU A 67 12.85 -3.29 7.17
N GLU A 68 13.81 -4.02 7.71
CA GLU A 68 14.05 -5.39 7.31
C GLU A 68 12.76 -6.22 7.35
N GLU A 69 11.90 -5.88 8.31
CA GLU A 69 10.64 -6.59 8.48
C GLU A 69 9.76 -6.40 7.24
N LEU A 70 9.54 -5.15 6.86
CA LEU A 70 8.71 -4.84 5.69
C LEU A 70 9.25 -5.52 4.44
N ARG A 71 10.56 -5.80 4.44
CA ARG A 71 11.19 -6.46 3.31
C ARG A 71 10.94 -7.96 3.33
N LEU A 72 10.60 -8.48 4.50
CA LEU A 72 10.34 -9.91 4.66
C LEU A 72 8.84 -10.20 4.51
N VAL A 73 8.03 -9.15 4.59
CA VAL A 73 6.58 -9.30 4.46
C VAL A 73 6.11 -8.87 3.07
N PHE A 74 6.86 -7.95 2.46
CA PHE A 74 6.52 -7.46 1.12
C PHE A 74 7.67 -7.71 0.15
N GLY A 75 8.50 -8.69 0.46
CA GLY A 75 9.63 -9.01 -0.39
C GLY A 75 10.58 -7.85 -0.56
N PRO A 76 11.24 -7.79 -1.73
CA PRO A 76 12.20 -6.71 -2.04
C PRO A 76 11.50 -5.37 -2.25
N LEU A 77 10.18 -5.38 -2.27
CA LEU A 77 9.40 -4.17 -2.46
C LEU A 77 9.40 -3.31 -1.19
N GLY A 78 9.60 -3.96 -0.05
CA GLY A 78 9.64 -3.25 1.21
C GLY A 78 10.59 -2.06 1.19
N ASP A 79 11.74 -2.24 0.57
CA ASP A 79 12.74 -1.18 0.47
C ASP A 79 12.12 0.10 -0.06
N GLN A 80 11.09 -0.05 -0.90
CA GLN A 80 10.42 1.11 -1.48
C GLN A 80 9.28 1.58 -0.59
N LEU A 81 8.49 0.64 -0.09
CA LEU A 81 7.36 0.96 0.78
C LEU A 81 7.83 1.72 2.02
N HIS A 82 8.96 1.29 2.56
CA HIS A 82 9.53 1.93 3.75
C HIS A 82 9.76 3.41 3.51
N ALA A 83 10.47 3.73 2.42
CA ALA A 83 10.77 5.10 2.07
C ALA A 83 9.50 5.95 2.04
N GLN A 84 8.39 5.33 1.66
CA GLN A 84 7.11 6.03 1.58
C GLN A 84 6.56 6.28 2.97
N LEU A 85 6.42 5.21 3.76
CA LEU A 85 5.89 5.33 5.12
C LEU A 85 6.69 6.35 5.93
N ARG A 86 7.96 6.50 5.59
CA ARG A 86 8.83 7.44 6.29
C ARG A 86 8.42 8.88 5.99
N ASP A 87 7.86 9.10 4.81
CA ASP A 87 7.42 10.43 4.41
C ASP A 87 6.03 10.73 4.96
N LEU A 88 5.20 9.70 5.07
CA LEU A 88 3.85 9.85 5.59
C LEU A 88 3.86 10.38 7.02
N THR A 89 4.81 9.88 7.82
CA THR A 89 4.94 10.29 9.21
C THR A 89 5.79 11.55 9.32
N SER A 90 6.79 11.68 8.46
CA SER A 90 7.68 12.83 8.47
C SER A 90 6.91 14.11 8.16
N SER A 91 6.26 14.13 7.00
CA SER A 91 5.49 15.30 6.58
C SER A 91 4.67 15.00 5.33
N SER A 92 3.43 15.45 5.32
CA SER A 92 2.54 15.22 4.20
C SER A 92 2.96 16.04 2.99
N GLY A 1 -9.40 22.01 -27.94
CA GLY A 1 -8.98 23.19 -27.21
C GLY A 1 -7.58 23.06 -26.65
N SER A 2 -7.32 21.99 -25.91
CA SER A 2 -6.01 21.75 -25.32
C SER A 2 -5.77 20.26 -25.10
N SER A 3 -4.51 19.89 -24.93
CA SER A 3 -4.14 18.49 -24.72
C SER A 3 -4.19 18.15 -23.23
N GLY A 4 -4.60 16.92 -22.93
CA GLY A 4 -4.67 16.48 -21.55
C GLY A 4 -5.96 15.75 -21.25
N SER A 5 -6.96 16.49 -20.77
CA SER A 5 -8.25 15.89 -20.43
C SER A 5 -8.82 15.12 -21.62
N SER A 6 -8.89 13.80 -21.47
CA SER A 6 -9.41 12.94 -22.54
C SER A 6 -10.93 12.85 -22.46
N GLY A 7 -11.41 12.23 -21.39
CA GLY A 7 -12.85 12.08 -21.21
C GLY A 7 -13.30 10.64 -21.33
N GLN A 8 -14.59 10.45 -21.62
CA GLN A 8 -15.14 9.10 -21.76
C GLN A 8 -14.92 8.29 -20.49
N MET A 9 -14.83 8.98 -19.35
CA MET A 9 -14.63 8.31 -18.07
C MET A 9 -13.31 7.56 -18.05
N SER A 10 -12.29 8.18 -17.48
CA SER A 10 -10.97 7.57 -17.40
C SER A 10 -10.75 6.92 -16.04
N LEU A 11 -9.99 5.82 -16.03
CA LEU A 11 -9.72 5.10 -14.80
C LEU A 11 -8.22 5.06 -14.52
N GLU A 12 -7.56 6.21 -14.73
CA GLU A 12 -6.12 6.31 -14.50
C GLU A 12 -5.82 7.29 -13.37
N GLY A 13 -6.44 8.47 -13.44
CA GLY A 13 -6.23 9.48 -12.42
C GLY A 13 -6.98 9.17 -11.13
N THR A 14 -6.64 9.89 -10.07
CA THR A 14 -7.28 9.69 -8.77
C THR A 14 -6.78 10.69 -7.75
N GLU A 15 -7.68 11.15 -6.88
CA GLU A 15 -7.32 12.11 -5.85
C GLU A 15 -7.98 11.76 -4.52
N LYS A 16 -8.14 10.46 -4.28
CA LYS A 16 -8.76 9.98 -3.04
C LYS A 16 -8.15 8.66 -2.61
N ALA A 17 -8.21 8.38 -1.32
CA ALA A 17 -7.67 7.14 -0.78
C ALA A 17 -8.04 6.97 0.69
N SER A 18 -8.43 5.75 1.07
CA SER A 18 -8.81 5.46 2.45
C SER A 18 -7.64 5.70 3.40
N TRP A 19 -6.43 5.75 2.84
CA TRP A 19 -5.23 5.98 3.65
C TRP A 19 -4.63 7.35 3.36
N LEU A 20 -5.44 8.22 2.76
CA LEU A 20 -4.99 9.57 2.43
C LEU A 20 -5.64 10.60 3.35
N GLY A 21 -4.81 11.33 4.09
CA GLY A 21 -5.33 12.34 5.00
C GLY A 21 -5.07 12.00 6.45
N GLU A 22 -4.81 10.72 6.72
CA GLU A 22 -4.54 10.27 8.08
C GLU A 22 -3.18 9.62 8.18
N GLN A 23 -2.51 9.84 9.32
CA GLN A 23 -1.18 9.28 9.54
C GLN A 23 -1.21 7.76 9.46
N PRO A 24 -0.04 7.15 9.25
CA PRO A 24 0.10 5.69 9.15
C PRO A 24 -0.12 5.00 10.49
N GLN A 25 -0.22 5.79 11.55
CA GLN A 25 -0.43 5.25 12.88
C GLN A 25 -1.91 5.00 13.14
N PHE A 26 -2.76 5.73 12.43
CA PHE A 26 -4.21 5.60 12.58
C PHE A 26 -4.83 4.96 11.34
N TRP A 27 -4.21 3.88 10.86
CA TRP A 27 -4.71 3.19 9.68
C TRP A 27 -5.55 1.97 10.07
N SER A 28 -6.32 1.47 9.12
CA SER A 28 -7.17 0.31 9.37
C SER A 28 -6.64 -0.93 8.65
N LYS A 29 -7.12 -2.09 9.05
CA LYS A 29 -6.70 -3.35 8.45
C LYS A 29 -6.90 -3.32 6.94
N THR A 30 -7.84 -2.51 6.49
CA THR A 30 -8.13 -2.40 5.06
C THR A 30 -7.23 -1.36 4.40
N GLN A 31 -7.07 -0.22 5.05
CA GLN A 31 -6.22 0.84 4.52
C GLN A 31 -4.81 0.33 4.22
N VAL A 32 -4.27 -0.46 5.13
CA VAL A 32 -2.93 -1.02 4.97
C VAL A 32 -2.82 -1.79 3.65
N LEU A 33 -3.52 -2.92 3.57
CA LEU A 33 -3.51 -3.74 2.36
C LEU A 33 -3.92 -2.92 1.13
N ASP A 34 -4.71 -1.87 1.37
CA ASP A 34 -5.18 -1.02 0.29
C ASP A 34 -4.06 -0.09 -0.19
N TRP A 35 -3.11 0.21 0.71
CA TRP A 35 -2.00 1.07 0.38
C TRP A 35 -0.91 0.32 -0.37
N ILE A 36 -0.73 -0.95 -0.03
CA ILE A 36 0.28 -1.78 -0.68
C ILE A 36 0.00 -1.91 -2.17
N SER A 37 -1.22 -2.30 -2.51
CA SER A 37 -1.61 -2.46 -3.92
C SER A 37 -1.28 -1.20 -4.72
N TYR A 38 -1.43 -0.05 -4.08
CA TYR A 38 -1.15 1.22 -4.74
C TYR A 38 0.32 1.32 -5.14
N GLN A 39 1.21 0.94 -4.23
CA GLN A 39 2.65 0.98 -4.49
C GLN A 39 3.07 -0.20 -5.35
N VAL A 40 2.28 -1.26 -5.33
CA VAL A 40 2.57 -2.46 -6.11
C VAL A 40 2.17 -2.28 -7.57
N GLU A 41 1.22 -1.37 -7.81
CA GLU A 41 0.75 -1.10 -9.16
C GLU A 41 1.53 0.06 -9.79
N LYS A 42 2.08 0.91 -8.94
CA LYS A 42 2.85 2.07 -9.41
C LYS A 42 4.30 1.67 -9.68
N ASN A 43 4.84 0.79 -8.85
CA ASN A 43 6.21 0.32 -9.01
C ASN A 43 6.31 -0.75 -10.09
N LYS A 44 5.16 -1.10 -10.66
CA LYS A 44 5.12 -2.12 -11.72
C LYS A 44 5.58 -3.47 -11.19
N TYR A 45 5.52 -3.64 -9.87
CA TYR A 45 5.92 -4.88 -9.24
C TYR A 45 4.99 -6.03 -9.63
N ASP A 46 5.59 -7.15 -10.03
CA ASP A 46 4.81 -8.32 -10.43
C ASP A 46 3.83 -8.73 -9.33
N ALA A 47 4.19 -8.40 -8.09
CA ALA A 47 3.34 -8.74 -6.95
C ALA A 47 3.23 -10.25 -6.78
N SER A 48 4.22 -10.98 -7.29
CA SER A 48 4.22 -12.43 -7.19
C SER A 48 5.28 -12.91 -6.19
N ALA A 49 5.60 -12.05 -5.23
CA ALA A 49 6.59 -12.38 -4.21
C ALA A 49 6.08 -12.03 -2.82
N ILE A 50 5.41 -10.90 -2.71
CA ILE A 50 4.87 -10.45 -1.43
C ILE A 50 4.05 -11.55 -0.77
N ASP A 51 4.12 -11.63 0.55
CA ASP A 51 3.38 -12.63 1.31
C ASP A 51 2.32 -11.98 2.20
N PHE A 52 1.17 -11.67 1.60
CA PHE A 52 0.08 -11.03 2.34
C PHE A 52 -0.34 -11.90 3.52
N SER A 53 -0.05 -13.19 3.44
CA SER A 53 -0.41 -14.13 4.50
C SER A 53 0.14 -13.65 5.84
N ARG A 54 1.30 -12.99 5.79
CA ARG A 54 1.94 -12.49 7.01
C ARG A 54 1.77 -10.98 7.13
N CYS A 55 0.75 -10.45 6.46
CA CYS A 55 0.47 -9.01 6.49
C CYS A 55 -0.65 -8.70 7.49
N ASP A 56 -0.36 -8.91 8.77
CA ASP A 56 -1.34 -8.64 9.81
C ASP A 56 -1.06 -7.31 10.51
N MET A 57 -1.26 -6.22 9.76
CA MET A 57 -1.03 -4.88 10.30
C MET A 57 -2.22 -3.98 10.04
N ASP A 58 -2.75 -3.38 11.10
CA ASP A 58 -3.90 -2.48 10.99
C ASP A 58 -3.45 -1.06 10.70
N GLY A 59 -2.42 -0.61 11.40
CA GLY A 59 -1.91 0.73 11.21
C GLY A 59 -0.71 1.04 12.08
N ALA A 60 -0.90 0.93 13.40
CA ALA A 60 0.17 1.19 14.35
C ALA A 60 1.29 0.17 14.22
N THR A 61 0.95 -1.02 13.72
CA THR A 61 1.91 -2.09 13.54
C THR A 61 2.78 -1.84 12.32
N LEU A 62 2.22 -1.19 11.32
CA LEU A 62 2.95 -0.89 10.09
C LEU A 62 4.05 0.14 10.34
N CYS A 63 3.71 1.20 11.05
CA CYS A 63 4.67 2.25 11.37
C CYS A 63 5.66 1.78 12.43
N ASN A 64 5.24 0.81 13.24
CA ASN A 64 6.09 0.28 14.29
C ASN A 64 7.03 -0.78 13.74
N CYS A 65 6.58 -1.49 12.71
CA CYS A 65 7.37 -2.54 12.08
C CYS A 65 8.75 -2.02 11.71
N ALA A 66 9.71 -2.94 11.53
CA ALA A 66 11.06 -2.57 11.17
C ALA A 66 11.27 -2.62 9.67
N LEU A 67 12.24 -1.87 9.17
CA LEU A 67 12.54 -1.83 7.74
C LEU A 67 12.72 -3.23 7.18
N GLU A 68 13.73 -3.94 7.70
CA GLU A 68 14.01 -5.30 7.24
C GLU A 68 12.75 -6.17 7.30
N GLU A 69 11.92 -5.91 8.31
CA GLU A 69 10.68 -6.67 8.48
C GLU A 69 9.79 -6.53 7.25
N LEU A 70 9.51 -5.30 6.86
CA LEU A 70 8.66 -5.03 5.70
C LEU A 70 9.25 -5.66 4.45
N ARG A 71 10.57 -5.85 4.45
CA ARG A 71 11.25 -6.44 3.30
C ARG A 71 11.09 -7.96 3.30
N LEU A 72 10.78 -8.52 4.47
CA LEU A 72 10.60 -9.96 4.60
C LEU A 72 9.14 -10.35 4.41
N VAL A 73 8.25 -9.36 4.52
CA VAL A 73 6.82 -9.59 4.35
C VAL A 73 6.35 -9.17 2.97
N PHE A 74 7.01 -8.16 2.41
CA PHE A 74 6.66 -7.66 1.08
C PHE A 74 7.82 -7.83 0.11
N GLY A 75 8.70 -8.78 0.41
CA GLY A 75 9.85 -9.02 -0.45
C GLY A 75 10.73 -7.80 -0.59
N PRO A 76 11.40 -7.67 -1.76
CA PRO A 76 12.29 -6.55 -2.05
C PRO A 76 11.53 -5.24 -2.22
N LEU A 77 10.21 -5.32 -2.24
CA LEU A 77 9.37 -4.14 -2.40
C LEU A 77 9.31 -3.34 -1.11
N GLY A 78 9.56 -4.00 0.02
CA GLY A 78 9.54 -3.33 1.30
C GLY A 78 10.40 -2.07 1.31
N ASP A 79 11.62 -2.18 0.80
CA ASP A 79 12.54 -1.05 0.76
C ASP A 79 11.92 0.12 0.00
N GLN A 80 11.00 -0.18 -0.90
CA GLN A 80 10.33 0.84 -1.70
C GLN A 80 9.13 1.41 -0.96
N LEU A 81 8.52 0.59 -0.11
CA LEU A 81 7.35 1.01 0.67
C LEU A 81 7.77 1.88 1.85
N HIS A 82 8.80 1.44 2.56
CA HIS A 82 9.30 2.18 3.72
C HIS A 82 9.59 3.63 3.35
N ALA A 83 10.20 3.82 2.19
CA ALA A 83 10.55 5.16 1.71
C ALA A 83 9.32 6.07 1.75
N GLN A 84 8.17 5.53 1.36
CA GLN A 84 6.93 6.30 1.35
C GLN A 84 6.43 6.55 2.76
N LEU A 85 6.45 5.50 3.58
CA LEU A 85 5.99 5.61 4.97
C LEU A 85 6.82 6.64 5.73
N ARG A 86 8.11 6.68 5.46
CA ARG A 86 9.02 7.61 6.12
C ARG A 86 8.55 9.05 5.92
N ASP A 87 7.87 9.29 4.81
CA ASP A 87 7.37 10.63 4.49
C ASP A 87 6.00 10.86 5.13
N LEU A 88 5.27 9.77 5.36
CA LEU A 88 3.95 9.86 5.96
C LEU A 88 4.04 10.13 7.46
N THR A 89 4.87 9.33 8.14
CA THR A 89 5.05 9.49 9.58
C THR A 89 5.68 10.84 9.91
N SER A 90 6.79 11.15 9.24
CA SER A 90 7.48 12.41 9.47
C SER A 90 7.77 12.62 10.95
N SER A 91 8.50 11.69 11.54
CA SER A 91 8.84 11.76 12.97
C SER A 91 7.58 11.86 13.82
N SER A 92 7.77 12.02 15.13
CA SER A 92 6.65 12.12 16.05
C SER A 92 6.81 13.34 16.95
N GLY A 1 -1.56 31.58 -33.98
CA GLY A 1 -2.70 31.47 -34.86
C GLY A 1 -3.81 30.61 -34.27
N SER A 2 -5.01 31.17 -34.23
CA SER A 2 -6.16 30.46 -33.68
C SER A 2 -7.36 30.55 -34.62
N SER A 3 -7.33 29.75 -35.68
CA SER A 3 -8.41 29.73 -36.67
C SER A 3 -9.73 29.38 -36.01
N GLY A 4 -9.78 28.21 -35.38
CA GLY A 4 -11.00 27.78 -34.72
C GLY A 4 -10.74 26.74 -33.65
N SER A 5 -11.81 26.23 -33.05
CA SER A 5 -11.70 25.22 -32.00
C SER A 5 -10.78 25.71 -30.88
N SER A 6 -11.37 26.40 -29.90
CA SER A 6 -10.61 26.92 -28.77
C SER A 6 -10.93 26.14 -27.50
N GLY A 7 -11.03 24.82 -27.61
CA GLY A 7 -11.33 23.99 -26.47
C GLY A 7 -10.08 23.58 -25.70
N GLN A 8 -10.26 23.28 -24.42
CA GLN A 8 -9.14 22.89 -23.58
C GLN A 8 -9.47 21.63 -22.78
N MET A 9 -8.95 20.49 -23.25
CA MET A 9 -9.19 19.22 -22.57
C MET A 9 -7.93 18.71 -21.90
N SER A 10 -8.10 17.92 -20.84
CA SER A 10 -6.97 17.36 -20.11
C SER A 10 -7.28 15.96 -19.60
N LEU A 11 -8.40 15.82 -18.89
CA LEU A 11 -8.82 14.54 -18.35
C LEU A 11 -7.80 14.01 -17.36
N GLU A 12 -7.97 14.39 -16.09
CA GLU A 12 -7.06 13.95 -15.04
C GLU A 12 -7.78 13.89 -13.68
N GLY A 13 -7.39 12.91 -12.87
CA GLY A 13 -8.01 12.77 -11.56
C GLY A 13 -7.01 12.47 -10.47
N THR A 14 -7.38 12.73 -9.23
CA THR A 14 -6.50 12.49 -8.09
C THR A 14 -6.70 11.09 -7.52
N GLU A 15 -7.91 10.56 -7.69
CA GLU A 15 -8.23 9.23 -7.19
C GLU A 15 -8.17 9.19 -5.67
N LYS A 16 -9.32 9.00 -5.04
CA LYS A 16 -9.41 8.94 -3.59
C LYS A 16 -8.69 7.71 -3.05
N ALA A 17 -8.86 7.45 -1.75
CA ALA A 17 -8.23 6.30 -1.13
C ALA A 17 -8.73 6.11 0.30
N SER A 18 -9.00 4.86 0.67
CA SER A 18 -9.50 4.55 2.01
C SER A 18 -8.48 4.95 3.07
N TRP A 19 -7.22 5.14 2.65
CA TRP A 19 -6.16 5.52 3.56
C TRP A 19 -5.70 6.96 3.30
N LEU A 20 -6.54 7.71 2.59
CA LEU A 20 -6.22 9.09 2.27
C LEU A 20 -6.95 10.06 3.21
N GLY A 21 -6.19 10.90 3.89
CA GLY A 21 -6.78 11.86 4.81
C GLY A 21 -6.43 11.56 6.26
N GLU A 22 -6.00 10.33 6.52
CA GLU A 22 -5.64 9.92 7.88
C GLU A 22 -4.18 9.45 7.93
N GLN A 23 -3.51 9.75 9.03
CA GLN A 23 -2.12 9.35 9.21
C GLN A 23 -1.97 7.84 9.14
N PRO A 24 -0.74 7.37 8.88
CA PRO A 24 -0.44 5.94 8.78
C PRO A 24 -0.53 5.23 10.13
N GLN A 25 -0.67 6.02 11.19
CA GLN A 25 -0.77 5.48 12.54
C GLN A 25 -2.20 5.07 12.86
N PHE A 26 -3.16 5.69 12.17
CA PHE A 26 -4.57 5.40 12.40
C PHE A 26 -5.17 4.68 11.19
N TRP A 27 -4.44 3.67 10.69
CA TRP A 27 -4.90 2.90 9.55
C TRP A 27 -5.57 1.60 10.00
N SER A 28 -6.46 1.08 9.15
CA SER A 28 -7.17 -0.15 9.45
C SER A 28 -6.51 -1.35 8.78
N LYS A 29 -6.84 -2.54 9.25
CA LYS A 29 -6.27 -3.77 8.70
C LYS A 29 -6.52 -3.85 7.20
N THR A 30 -7.58 -3.19 6.74
CA THR A 30 -7.93 -3.17 5.32
C THR A 30 -7.17 -2.07 4.58
N GLN A 31 -7.01 -0.93 5.24
CA GLN A 31 -6.32 0.19 4.63
C GLN A 31 -4.88 -0.17 4.27
N VAL A 32 -4.21 -0.86 5.18
CA VAL A 32 -2.82 -1.28 4.96
C VAL A 32 -2.69 -2.02 3.63
N LEU A 33 -3.41 -3.12 3.49
CA LEU A 33 -3.37 -3.92 2.27
C LEU A 33 -3.82 -3.10 1.07
N ASP A 34 -4.73 -2.15 1.31
CA ASP A 34 -5.24 -1.30 0.25
C ASP A 34 -4.17 -0.30 -0.21
N TRP A 35 -3.25 0.03 0.69
CA TRP A 35 -2.18 0.96 0.38
C TRP A 35 -1.08 0.28 -0.43
N ILE A 36 -0.89 -1.01 -0.21
CA ILE A 36 0.12 -1.78 -0.91
C ILE A 36 -0.14 -1.78 -2.42
N SER A 37 -1.36 -2.14 -2.79
CA SER A 37 -1.74 -2.19 -4.20
C SER A 37 -1.40 -0.88 -4.90
N TYR A 38 -1.53 0.22 -4.18
CA TYR A 38 -1.24 1.54 -4.72
C TYR A 38 0.23 1.65 -5.12
N GLN A 39 1.11 1.19 -4.24
CA GLN A 39 2.54 1.24 -4.49
C GLN A 39 2.96 0.12 -5.45
N VAL A 40 2.17 -0.94 -5.49
CA VAL A 40 2.46 -2.07 -6.36
C VAL A 40 2.09 -1.76 -7.81
N GLU A 41 1.11 -0.88 -8.00
CA GLU A 41 0.68 -0.50 -9.33
C GLU A 41 1.53 0.63 -9.89
N LYS A 42 2.11 1.43 -8.99
CA LYS A 42 2.96 2.54 -9.39
C LYS A 42 4.38 2.07 -9.68
N ASN A 43 4.92 1.25 -8.78
CA ASN A 43 6.27 0.73 -8.93
C ASN A 43 6.32 -0.35 -10.01
N LYS A 44 5.15 -0.74 -10.50
CA LYS A 44 5.05 -1.76 -11.55
C LYS A 44 5.58 -3.10 -11.05
N TYR A 45 5.34 -3.39 -9.78
CA TYR A 45 5.79 -4.64 -9.18
C TYR A 45 4.89 -5.80 -9.60
N ASP A 46 5.51 -6.95 -9.88
CA ASP A 46 4.76 -8.12 -10.30
C ASP A 46 3.70 -8.50 -9.26
N ALA A 47 3.94 -8.09 -8.01
CA ALA A 47 3.01 -8.38 -6.93
C ALA A 47 2.90 -9.88 -6.68
N SER A 48 3.93 -10.62 -7.06
CA SER A 48 3.94 -12.07 -6.90
C SER A 48 4.94 -12.48 -5.81
N ALA A 49 5.20 -11.56 -4.89
CA ALA A 49 6.14 -11.83 -3.79
C ALA A 49 5.57 -11.38 -2.46
N ILE A 50 4.91 -10.21 -2.46
CA ILE A 50 4.32 -9.66 -1.25
C ILE A 50 3.43 -10.69 -0.56
N ASP A 51 3.91 -11.23 0.56
CA ASP A 51 3.16 -12.22 1.31
C ASP A 51 1.93 -11.59 1.96
N PHE A 52 0.83 -11.54 1.20
CA PHE A 52 -0.42 -10.97 1.71
C PHE A 52 -0.86 -11.65 3.00
N SER A 53 -0.43 -12.90 3.18
CA SER A 53 -0.77 -13.67 4.37
C SER A 53 0.02 -13.18 5.58
N ARG A 54 1.19 -12.62 5.32
CA ARG A 54 2.06 -12.12 6.38
C ARG A 54 1.64 -10.71 6.81
N CYS A 55 0.88 -10.04 5.95
CA CYS A 55 0.40 -8.70 6.24
C CYS A 55 -0.75 -8.72 7.25
N ASP A 56 -0.43 -9.08 8.49
CA ASP A 56 -1.43 -9.15 9.54
C ASP A 56 -1.26 -8.00 10.53
N MET A 57 -1.53 -6.78 10.07
CA MET A 57 -1.41 -5.60 10.91
C MET A 57 -2.68 -4.76 10.84
N ASP A 58 -2.62 -3.55 11.40
CA ASP A 58 -3.75 -2.65 11.40
C ASP A 58 -3.36 -1.27 10.85
N GLY A 59 -2.37 -0.66 11.49
CA GLY A 59 -1.91 0.65 11.05
C GLY A 59 -0.69 1.13 11.80
N ALA A 60 -0.81 1.20 13.13
CA ALA A 60 0.30 1.64 13.96
C ALA A 60 1.46 0.64 13.92
N THR A 61 1.11 -0.65 13.82
CA THR A 61 2.11 -1.70 13.78
C THR A 61 2.94 -1.62 12.50
N LEU A 62 2.31 -1.15 11.42
CA LEU A 62 2.99 -1.03 10.14
C LEU A 62 4.09 0.03 10.20
N CYS A 63 3.76 1.18 10.77
CA CYS A 63 4.72 2.27 10.89
C CYS A 63 5.76 1.97 11.95
N ASN A 64 5.40 1.12 12.91
CA ASN A 64 6.30 0.75 13.99
C ASN A 64 7.22 -0.39 13.55
N CYS A 65 6.75 -1.18 12.59
CA CYS A 65 7.54 -2.30 12.07
C CYS A 65 8.93 -1.85 11.67
N ALA A 66 9.87 -2.80 11.62
CA ALA A 66 11.24 -2.50 11.24
C ALA A 66 11.42 -2.58 9.74
N LEU A 67 12.45 -1.89 9.22
CA LEU A 67 12.73 -1.89 7.79
C LEU A 67 12.83 -3.32 7.26
N GLU A 68 13.79 -4.07 7.79
CA GLU A 68 13.99 -5.46 7.37
C GLU A 68 12.68 -6.25 7.43
N GLU A 69 11.82 -5.87 8.38
CA GLU A 69 10.54 -6.55 8.55
C GLU A 69 9.65 -6.34 7.33
N LEU A 70 9.48 -5.09 6.92
CA LEU A 70 8.66 -4.76 5.78
C LEU A 70 9.15 -5.49 4.53
N ARG A 71 10.46 -5.72 4.46
CA ARG A 71 11.06 -6.41 3.33
C ARG A 71 10.81 -7.91 3.41
N LEU A 72 10.41 -8.38 4.58
CA LEU A 72 10.15 -9.79 4.79
C LEU A 72 8.68 -10.11 4.56
N VAL A 73 7.84 -9.08 4.62
CA VAL A 73 6.40 -9.24 4.42
C VAL A 73 6.00 -8.81 3.01
N PHE A 74 6.61 -7.74 2.53
CA PHE A 74 6.31 -7.22 1.19
C PHE A 74 7.44 -7.57 0.22
N GLY A 75 8.21 -8.59 0.55
CA GLY A 75 9.31 -9.00 -0.32
C GLY A 75 10.33 -7.90 -0.49
N PRO A 76 10.99 -7.89 -1.65
CA PRO A 76 12.03 -6.89 -1.97
C PRO A 76 11.44 -5.50 -2.19
N LEU A 77 10.11 -5.42 -2.19
CA LEU A 77 9.43 -4.15 -2.39
C LEU A 77 9.48 -3.31 -1.11
N GLY A 78 9.65 -3.97 0.02
CA GLY A 78 9.71 -3.28 1.29
C GLY A 78 10.72 -2.14 1.28
N ASP A 79 11.84 -2.36 0.61
CA ASP A 79 12.89 -1.35 0.52
C ASP A 79 12.34 -0.05 -0.04
N GLN A 80 11.27 -0.14 -0.82
CA GLN A 80 10.64 1.04 -1.41
C GLN A 80 9.51 1.55 -0.53
N LEU A 81 8.65 0.64 -0.09
CA LEU A 81 7.52 1.00 0.76
C LEU A 81 7.99 1.75 2.00
N HIS A 82 9.07 1.27 2.60
CA HIS A 82 9.63 1.90 3.80
C HIS A 82 9.84 3.39 3.58
N ALA A 83 10.48 3.74 2.48
CA ALA A 83 10.74 5.13 2.15
C ALA A 83 9.46 5.96 2.17
N GLN A 84 8.36 5.34 1.73
CA GLN A 84 7.07 6.02 1.70
C GLN A 84 6.51 6.17 3.11
N LEU A 85 6.38 5.06 3.82
CA LEU A 85 5.85 5.08 5.18
C LEU A 85 6.65 6.04 6.06
N ARG A 86 7.91 6.27 5.70
CA ARG A 86 8.77 7.17 6.45
C ARG A 86 8.43 8.62 6.17
N ASP A 87 7.90 8.88 4.98
CA ASP A 87 7.52 10.23 4.58
C ASP A 87 6.11 10.56 5.05
N LEU A 88 5.23 9.58 4.96
CA LEU A 88 3.84 9.77 5.37
C LEU A 88 3.76 10.34 6.79
N THR A 89 4.75 9.99 7.61
CA THR A 89 4.79 10.47 8.99
C THR A 89 5.68 11.71 9.10
N SER A 90 6.71 11.78 8.27
CA SER A 90 7.64 12.91 8.29
C SER A 90 8.31 13.04 9.65
N SER A 91 9.21 12.10 9.95
CA SER A 91 9.93 12.11 11.22
C SER A 91 10.77 13.36 11.36
N SER A 92 11.60 13.62 10.35
CA SER A 92 12.47 14.80 10.36
C SER A 92 11.84 15.96 9.61
N GLY A 1 -12.88 -21.77 -12.80
CA GLY A 1 -12.28 -21.62 -14.12
C GLY A 1 -11.16 -20.59 -14.13
N SER A 2 -11.50 -19.33 -13.91
CA SER A 2 -10.52 -18.25 -13.90
C SER A 2 -9.86 -18.14 -12.53
N SER A 3 -8.59 -18.51 -12.45
CA SER A 3 -7.85 -18.44 -11.20
C SER A 3 -6.72 -17.41 -11.29
N GLY A 4 -6.01 -17.42 -12.42
CA GLY A 4 -4.91 -16.49 -12.60
C GLY A 4 -5.40 -15.06 -12.79
N SER A 5 -4.58 -14.24 -13.46
CA SER A 5 -4.93 -12.85 -13.71
C SER A 5 -4.73 -12.49 -15.17
N SER A 6 -3.54 -12.76 -15.68
CA SER A 6 -3.21 -12.47 -17.07
C SER A 6 -3.27 -10.96 -17.33
N GLY A 7 -2.51 -10.19 -16.56
CA GLY A 7 -2.51 -8.75 -16.72
C GLY A 7 -3.80 -8.12 -16.29
N GLN A 8 -3.72 -7.17 -15.35
CA GLN A 8 -4.90 -6.48 -14.84
C GLN A 8 -4.69 -4.97 -14.84
N MET A 9 -5.70 -4.24 -15.26
CA MET A 9 -5.62 -2.78 -15.30
C MET A 9 -6.77 -2.15 -14.51
N SER A 10 -7.99 -2.63 -14.77
CA SER A 10 -9.17 -2.11 -14.08
C SER A 10 -9.37 -0.63 -14.39
N LEU A 11 -10.23 -0.35 -15.37
CA LEU A 11 -10.52 1.02 -15.77
C LEU A 11 -11.20 1.78 -14.63
N GLU A 12 -10.86 3.06 -14.50
CA GLU A 12 -11.45 3.90 -13.46
C GLU A 12 -11.08 3.37 -12.07
N GLY A 13 -11.54 4.08 -11.04
CA GLY A 13 -11.25 3.67 -9.68
C GLY A 13 -9.88 4.11 -9.22
N THR A 14 -9.46 5.30 -9.64
CA THR A 14 -8.16 5.84 -9.27
C THR A 14 -8.30 7.16 -8.51
N GLU A 15 -9.44 7.34 -7.86
CA GLU A 15 -9.70 8.56 -7.11
C GLU A 15 -9.91 8.25 -5.64
N LYS A 16 -9.49 9.17 -4.77
CA LYS A 16 -9.63 9.00 -3.33
C LYS A 16 -8.86 7.76 -2.85
N ALA A 17 -8.91 7.52 -1.54
CA ALA A 17 -8.21 6.38 -0.96
C ALA A 17 -8.67 6.15 0.48
N SER A 18 -8.92 4.88 0.81
CA SER A 18 -9.36 4.52 2.15
C SER A 18 -8.32 4.90 3.20
N TRP A 19 -7.09 5.11 2.74
CA TRP A 19 -5.99 5.48 3.63
C TRP A 19 -5.56 6.92 3.39
N LEU A 20 -6.42 7.69 2.74
CA LEU A 20 -6.12 9.09 2.44
C LEU A 20 -6.84 10.02 3.40
N GLY A 21 -6.07 10.86 4.10
CA GLY A 21 -6.67 11.78 5.05
C GLY A 21 -6.29 11.46 6.48
N GLU A 22 -5.85 10.22 6.71
CA GLU A 22 -5.46 9.79 8.05
C GLU A 22 -4.00 9.33 8.07
N GLN A 23 -3.31 9.62 9.17
CA GLN A 23 -1.91 9.23 9.31
C GLN A 23 -1.75 7.71 9.21
N PRO A 24 -0.52 7.27 8.92
CA PRO A 24 -0.21 5.84 8.80
C PRO A 24 -0.27 5.11 10.12
N GLN A 25 -0.41 5.87 11.21
CA GLN A 25 -0.48 5.30 12.55
C GLN A 25 -1.90 4.88 12.89
N PHE A 26 -2.86 5.51 12.23
CA PHE A 26 -4.28 5.20 12.46
C PHE A 26 -4.89 4.50 11.26
N TRP A 27 -4.17 3.50 10.74
CA TRP A 27 -4.64 2.75 9.58
C TRP A 27 -5.30 1.45 10.02
N SER A 28 -6.20 0.92 9.20
CA SER A 28 -6.89 -0.32 9.50
C SER A 28 -6.27 -1.49 8.73
N LYS A 29 -6.60 -2.70 9.16
CA LYS A 29 -6.08 -3.90 8.51
C LYS A 29 -6.41 -3.90 7.02
N THR A 30 -7.48 -3.20 6.66
CA THR A 30 -7.91 -3.13 5.27
C THR A 30 -7.18 -2.01 4.53
N GLN A 31 -6.93 -0.90 5.23
CA GLN A 31 -6.25 0.24 4.64
C GLN A 31 -4.84 -0.14 4.21
N VAL A 32 -4.11 -0.84 5.08
CA VAL A 32 -2.75 -1.26 4.79
C VAL A 32 -2.69 -2.00 3.46
N LEU A 33 -3.35 -3.14 3.38
CA LEU A 33 -3.38 -3.95 2.17
C LEU A 33 -3.84 -3.11 0.97
N ASP A 34 -4.71 -2.15 1.23
CA ASP A 34 -5.22 -1.28 0.19
C ASP A 34 -4.14 -0.30 -0.29
N TRP A 35 -3.23 0.04 0.60
CA TRP A 35 -2.16 0.97 0.29
C TRP A 35 -1.06 0.28 -0.51
N ILE A 36 -0.88 -1.02 -0.27
CA ILE A 36 0.13 -1.80 -0.96
C ILE A 36 -0.13 -1.81 -2.47
N SER A 37 -1.36 -2.16 -2.84
CA SER A 37 -1.74 -2.22 -4.25
C SER A 37 -1.37 -0.93 -4.97
N TYR A 38 -1.50 0.19 -4.26
CA TYR A 38 -1.19 1.50 -4.83
C TYR A 38 0.28 1.58 -5.22
N GLN A 39 1.15 1.13 -4.32
CA GLN A 39 2.59 1.16 -4.58
C GLN A 39 3.00 0.03 -5.52
N VAL A 40 2.18 -1.03 -5.55
CA VAL A 40 2.46 -2.17 -6.41
C VAL A 40 2.06 -1.88 -7.86
N GLU A 41 1.09 -0.99 -8.04
CA GLU A 41 0.63 -0.63 -9.37
C GLU A 41 1.47 0.50 -9.96
N LYS A 42 2.07 1.30 -9.08
CA LYS A 42 2.91 2.41 -9.51
C LYS A 42 4.31 1.91 -9.87
N ASN A 43 4.93 1.16 -8.98
CA ASN A 43 6.26 0.63 -9.20
C ASN A 43 6.24 -0.49 -10.24
N LYS A 44 5.04 -0.92 -10.61
CA LYS A 44 4.87 -1.99 -11.60
C LYS A 44 5.48 -3.29 -11.10
N TYR A 45 5.40 -3.51 -9.79
CA TYR A 45 5.95 -4.73 -9.20
C TYR A 45 5.14 -5.96 -9.61
N ASP A 46 5.84 -7.06 -9.88
CA ASP A 46 5.20 -8.29 -10.28
C ASP A 46 4.09 -8.68 -9.31
N ALA A 47 4.27 -8.30 -8.04
CA ALA A 47 3.28 -8.60 -7.02
C ALA A 47 3.16 -10.11 -6.80
N SER A 48 4.22 -10.84 -7.13
CA SER A 48 4.23 -12.28 -6.99
C SER A 48 5.17 -12.71 -5.85
N ALA A 49 5.37 -11.82 -4.89
CA ALA A 49 6.23 -12.11 -3.75
C ALA A 49 5.58 -11.68 -2.45
N ILE A 50 4.92 -10.52 -2.47
CA ILE A 50 4.24 -10.01 -1.28
C ILE A 50 3.32 -11.06 -0.67
N ASP A 51 3.53 -11.35 0.61
CA ASP A 51 2.72 -12.33 1.31
C ASP A 51 1.55 -11.67 2.02
N PHE A 52 0.46 -11.47 1.28
CA PHE A 52 -0.74 -10.83 1.83
C PHE A 52 -1.22 -11.57 3.07
N SER A 53 -0.91 -12.86 3.14
CA SER A 53 -1.31 -13.68 4.28
C SER A 53 -0.51 -13.33 5.53
N ARG A 54 0.73 -12.89 5.31
CA ARG A 54 1.60 -12.51 6.42
C ARG A 54 1.22 -11.14 6.98
N CYS A 55 0.62 -10.31 6.13
CA CYS A 55 0.21 -8.97 6.53
C CYS A 55 -0.95 -9.03 7.53
N ASP A 56 -0.61 -9.16 8.81
CA ASP A 56 -1.62 -9.24 9.85
C ASP A 56 -1.67 -7.94 10.65
N MET A 57 -0.94 -6.93 10.19
CA MET A 57 -0.90 -5.64 10.86
C MET A 57 -2.20 -4.87 10.67
N ASP A 58 -2.23 -3.64 11.14
CA ASP A 58 -3.42 -2.80 11.01
C ASP A 58 -3.04 -1.37 10.62
N GLY A 59 -2.06 -0.80 11.32
CA GLY A 59 -1.63 0.54 11.03
C GLY A 59 -0.48 0.98 11.91
N ALA A 60 -0.71 0.99 13.22
CA ALA A 60 0.32 1.41 14.17
C ALA A 60 1.48 0.42 14.17
N THR A 61 1.20 -0.83 13.78
CA THR A 61 2.22 -1.86 13.74
C THR A 61 3.09 -1.73 12.50
N LEU A 62 2.53 -1.16 11.45
CA LEU A 62 3.24 -0.97 10.19
C LEU A 62 4.27 0.16 10.31
N CYS A 63 3.81 1.32 10.76
CA CYS A 63 4.68 2.47 10.93
C CYS A 63 5.75 2.20 11.98
N ASN A 64 5.44 1.31 12.92
CA ASN A 64 6.38 0.96 13.98
C ASN A 64 7.27 -0.21 13.56
N CYS A 65 6.75 -1.03 12.65
CA CYS A 65 7.51 -2.19 12.17
C CYS A 65 8.90 -1.77 11.70
N ALA A 66 9.85 -2.71 11.77
CA ALA A 66 11.22 -2.43 11.36
C ALA A 66 11.36 -2.52 9.84
N LEU A 67 12.40 -1.89 9.32
CA LEU A 67 12.65 -1.89 7.88
C LEU A 67 12.71 -3.32 7.34
N GLU A 68 13.64 -4.10 7.86
CA GLU A 68 13.81 -5.49 7.42
C GLU A 68 12.48 -6.24 7.50
N GLU A 69 11.66 -5.88 8.47
CA GLU A 69 10.36 -6.52 8.66
C GLU A 69 9.47 -6.31 7.42
N LEU A 70 9.39 -5.07 6.98
CA LEU A 70 8.58 -4.74 5.81
C LEU A 70 9.08 -5.47 4.57
N ARG A 71 10.40 -5.63 4.48
CA ARG A 71 11.00 -6.32 3.34
C ARG A 71 10.79 -7.83 3.44
N LEU A 72 10.41 -8.29 4.63
CA LEU A 72 10.18 -9.71 4.86
C LEU A 72 8.72 -10.07 4.63
N VAL A 73 7.85 -9.06 4.69
CA VAL A 73 6.42 -9.27 4.48
C VAL A 73 6.01 -8.87 3.07
N PHE A 74 6.59 -7.78 2.57
CA PHE A 74 6.28 -7.30 1.23
C PHE A 74 7.42 -7.62 0.26
N GLY A 75 8.21 -8.63 0.59
CA GLY A 75 9.32 -9.02 -0.25
C GLY A 75 10.32 -7.89 -0.45
N PRO A 76 10.98 -7.88 -1.61
CA PRO A 76 11.98 -6.86 -1.94
C PRO A 76 11.35 -5.48 -2.17
N LEU A 77 10.02 -5.44 -2.18
CA LEU A 77 9.30 -4.19 -2.39
C LEU A 77 9.33 -3.33 -1.13
N GLY A 78 9.52 -3.98 0.02
CA GLY A 78 9.57 -3.26 1.29
C GLY A 78 10.54 -2.11 1.26
N ASP A 79 11.70 -2.33 0.64
CA ASP A 79 12.72 -1.29 0.54
C ASP A 79 12.15 0.00 -0.02
N GLN A 80 11.12 -0.14 -0.85
CA GLN A 80 10.48 1.04 -1.46
C GLN A 80 9.33 1.54 -0.59
N LEU A 81 8.57 0.60 -0.02
CA LEU A 81 7.44 0.95 0.82
C LEU A 81 7.90 1.70 2.06
N HIS A 82 9.07 1.33 2.58
CA HIS A 82 9.63 1.99 3.76
C HIS A 82 9.82 3.48 3.52
N ALA A 83 10.51 3.81 2.43
CA ALA A 83 10.77 5.20 2.09
C ALA A 83 9.49 6.01 2.08
N GLN A 84 8.40 5.39 1.63
CA GLN A 84 7.10 6.05 1.58
C GLN A 84 6.54 6.28 2.98
N LEU A 85 6.36 5.19 3.72
CA LEU A 85 5.84 5.28 5.08
C LEU A 85 6.64 6.26 5.92
N ARG A 86 7.92 6.40 5.58
CA ARG A 86 8.81 7.30 6.31
C ARG A 86 8.37 8.75 6.11
N ASP A 87 7.87 9.07 4.93
CA ASP A 87 7.43 10.42 4.62
C ASP A 87 6.07 10.69 5.25
N LEU A 88 5.21 9.69 5.24
CA LEU A 88 3.87 9.81 5.80
C LEU A 88 3.93 10.18 7.29
N THR A 89 5.03 9.80 7.92
CA THR A 89 5.22 10.09 9.35
C THR A 89 6.14 11.29 9.55
N SER A 90 7.08 11.46 8.62
CA SER A 90 8.03 12.57 8.70
C SER A 90 8.74 12.58 10.05
N SER A 91 9.70 11.67 10.22
CA SER A 91 10.45 11.57 11.46
C SER A 91 11.30 12.81 11.68
N SER A 92 10.86 13.68 12.58
CA SER A 92 11.58 14.90 12.88
C SER A 92 11.71 15.79 11.64
N GLY A 1 -23.61 -24.23 -25.75
CA GLY A 1 -24.32 -22.97 -25.77
C GLY A 1 -24.19 -22.21 -24.46
N SER A 2 -23.06 -22.39 -23.79
CA SER A 2 -22.81 -21.71 -22.52
C SER A 2 -22.18 -20.34 -22.73
N SER A 3 -22.82 -19.30 -22.22
CA SER A 3 -22.32 -17.94 -22.37
C SER A 3 -23.14 -16.97 -21.53
N GLY A 4 -22.47 -15.98 -20.94
CA GLY A 4 -23.16 -15.00 -20.12
C GLY A 4 -23.18 -13.62 -20.76
N SER A 5 -22.23 -12.78 -20.37
CA SER A 5 -22.14 -11.43 -20.91
C SER A 5 -23.39 -10.62 -20.55
N SER A 6 -23.33 -9.90 -19.44
CA SER A 6 -24.45 -9.09 -19.00
C SER A 6 -24.03 -8.15 -17.87
N GLY A 7 -22.89 -7.50 -18.05
CA GLY A 7 -22.39 -6.58 -17.04
C GLY A 7 -22.43 -5.13 -17.49
N GLN A 8 -21.57 -4.30 -16.91
CA GLN A 8 -21.51 -2.89 -17.25
C GLN A 8 -22.84 -2.20 -16.94
N MET A 9 -22.88 -1.49 -15.82
CA MET A 9 -24.08 -0.78 -15.41
C MET A 9 -23.74 0.42 -14.54
N SER A 10 -23.00 0.17 -13.46
CA SER A 10 -22.61 1.23 -12.54
C SER A 10 -21.88 2.34 -13.28
N LEU A 11 -21.61 3.44 -12.58
CA LEU A 11 -20.91 4.58 -13.16
C LEU A 11 -19.83 5.10 -12.23
N GLU A 12 -18.73 5.57 -12.81
CA GLU A 12 -17.62 6.10 -12.02
C GLU A 12 -17.58 7.62 -12.09
N GLY A 13 -16.90 8.24 -11.14
CA GLY A 13 -16.80 9.69 -11.10
C GLY A 13 -15.54 10.16 -10.40
N THR A 14 -15.50 9.99 -9.09
CA THR A 14 -14.35 10.41 -8.30
C THR A 14 -14.42 9.87 -6.88
N GLU A 15 -13.34 9.24 -6.43
CA GLU A 15 -13.28 8.67 -5.09
C GLU A 15 -11.97 9.03 -4.40
N LYS A 16 -11.89 8.76 -3.10
CA LYS A 16 -10.69 9.05 -2.33
C LYS A 16 -10.12 7.77 -1.71
N ALA A 17 -8.80 7.73 -1.56
CA ALA A 17 -8.13 6.58 -0.99
C ALA A 17 -8.56 6.35 0.46
N SER A 18 -8.83 5.10 0.80
CA SER A 18 -9.26 4.75 2.15
C SER A 18 -8.19 5.10 3.17
N TRP A 19 -6.96 5.27 2.68
CA TRP A 19 -5.84 5.61 3.55
C TRP A 19 -5.36 7.05 3.29
N LEU A 20 -6.22 7.84 2.66
CA LEU A 20 -5.88 9.23 2.35
C LEU A 20 -6.62 10.18 3.29
N GLY A 21 -5.86 10.99 4.02
CA GLY A 21 -6.46 11.94 4.94
C GLY A 21 -6.14 11.63 6.39
N GLU A 22 -5.74 10.39 6.64
CA GLU A 22 -5.39 9.96 8.00
C GLU A 22 -3.95 9.46 8.07
N GLN A 23 -3.29 9.74 9.18
CA GLN A 23 -1.91 9.33 9.37
C GLN A 23 -1.78 7.81 9.29
N PRO A 24 -0.56 7.33 9.05
CA PRO A 24 -0.27 5.89 8.95
C PRO A 24 -0.39 5.18 10.29
N GLN A 25 -0.54 5.96 11.35
CA GLN A 25 -0.66 5.40 12.70
C GLN A 25 -2.11 5.03 13.01
N PHE A 26 -3.04 5.68 12.31
CA PHE A 26 -4.46 5.41 12.50
C PHE A 26 -5.06 4.70 11.30
N TRP A 27 -4.35 3.68 10.81
CA TRP A 27 -4.81 2.92 9.65
C TRP A 27 -5.50 1.64 10.08
N SER A 28 -6.28 1.05 9.18
CA SER A 28 -7.00 -0.18 9.48
C SER A 28 -6.41 -1.35 8.70
N LYS A 29 -6.81 -2.56 9.07
CA LYS A 29 -6.33 -3.78 8.42
C LYS A 29 -6.61 -3.72 6.92
N THR A 30 -7.63 -2.97 6.54
CA THR A 30 -8.01 -2.84 5.14
C THR A 30 -7.21 -1.73 4.45
N GLN A 31 -7.13 -0.57 5.12
CA GLN A 31 -6.39 0.56 4.58
C GLN A 31 -4.98 0.16 4.17
N VAL A 32 -4.25 -0.46 5.10
CA VAL A 32 -2.89 -0.90 4.83
C VAL A 32 -2.81 -1.74 3.57
N LEU A 33 -3.54 -2.86 3.56
CA LEU A 33 -3.56 -3.75 2.41
C LEU A 33 -3.96 -3.00 1.14
N ASP A 34 -4.74 -1.93 1.32
CA ASP A 34 -5.19 -1.13 0.19
C ASP A 34 -4.08 -0.20 -0.30
N TRP A 35 -3.20 0.18 0.62
CA TRP A 35 -2.09 1.07 0.28
C TRP A 35 -1.01 0.31 -0.48
N ILE A 36 -0.86 -0.98 -0.17
CA ILE A 36 0.14 -1.81 -0.83
C ILE A 36 -0.10 -1.88 -2.33
N SER A 37 -1.33 -2.21 -2.71
CA SER A 37 -1.69 -2.32 -4.12
C SER A 37 -1.27 -1.07 -4.88
N TYR A 38 -1.40 0.08 -4.23
CA TYR A 38 -1.03 1.36 -4.85
C TYR A 38 0.44 1.38 -5.22
N GLN A 39 1.29 0.97 -4.28
CA GLN A 39 2.73 0.95 -4.51
C GLN A 39 3.12 -0.24 -5.40
N VAL A 40 2.28 -1.26 -5.41
CA VAL A 40 2.54 -2.44 -6.22
C VAL A 40 2.16 -2.21 -7.68
N GLU A 41 1.21 -1.32 -7.91
CA GLU A 41 0.77 -1.00 -9.26
C GLU A 41 1.57 0.16 -9.84
N LYS A 42 2.11 1.00 -8.97
CA LYS A 42 2.90 2.15 -9.39
C LYS A 42 4.25 1.70 -9.94
N ASN A 43 4.94 0.84 -9.20
CA ASN A 43 6.24 0.33 -9.63
C ASN A 43 6.07 -0.83 -10.60
N LYS A 44 4.83 -1.18 -10.90
CA LYS A 44 4.53 -2.26 -11.83
C LYS A 44 5.05 -3.59 -11.29
N TYR A 45 5.26 -3.65 -9.97
CA TYR A 45 5.76 -4.86 -9.33
C TYR A 45 4.88 -6.05 -9.68
N ASP A 46 5.51 -7.16 -10.04
CA ASP A 46 4.79 -8.38 -10.40
C ASP A 46 3.80 -8.76 -9.30
N ALA A 47 4.14 -8.44 -8.06
CA ALA A 47 3.28 -8.74 -6.92
C ALA A 47 3.10 -10.25 -6.76
N SER A 48 4.07 -11.01 -7.24
CA SER A 48 4.02 -12.47 -7.16
C SER A 48 5.01 -12.98 -6.10
N ALA A 49 5.28 -12.16 -5.09
CA ALA A 49 6.19 -12.53 -4.03
C ALA A 49 5.66 -12.12 -2.67
N ILE A 50 5.08 -10.93 -2.60
CA ILE A 50 4.52 -10.42 -1.35
C ILE A 50 3.55 -11.42 -0.73
N ASP A 51 3.55 -11.51 0.59
CA ASP A 51 2.67 -12.43 1.30
C ASP A 51 1.48 -11.68 1.90
N PHE A 52 0.29 -11.99 1.40
CA PHE A 52 -0.93 -11.34 1.89
C PHE A 52 -1.55 -12.14 3.03
N SER A 53 -0.71 -12.54 3.98
CA SER A 53 -1.17 -13.32 5.13
C SER A 53 -0.51 -12.84 6.41
N ARG A 54 0.79 -12.58 6.33
CA ARG A 54 1.55 -12.11 7.49
C ARG A 54 1.23 -10.66 7.80
N CYS A 55 0.81 -9.91 6.79
CA CYS A 55 0.46 -8.51 6.95
C CYS A 55 -0.87 -8.36 7.68
N ASP A 56 -0.84 -8.57 9.00
CA ASP A 56 -2.04 -8.45 9.81
C ASP A 56 -2.05 -7.14 10.59
N MET A 57 -1.11 -6.27 10.28
CA MET A 57 -1.00 -4.98 10.95
C MET A 57 -2.10 -4.03 10.48
N ASP A 58 -2.86 -3.50 11.44
CA ASP A 58 -3.94 -2.58 11.12
C ASP A 58 -3.39 -1.21 10.72
N GLY A 59 -2.41 -0.72 11.47
CA GLY A 59 -1.81 0.57 11.17
C GLY A 59 -0.71 0.92 12.14
N ALA A 60 -1.05 1.03 13.42
CA ALA A 60 -0.08 1.37 14.46
C ALA A 60 1.12 0.42 14.40
N THR A 61 0.87 -0.82 14.00
CA THR A 61 1.93 -1.82 13.93
C THR A 61 2.78 -1.63 12.68
N LEU A 62 2.19 -1.01 11.66
CA LEU A 62 2.90 -0.75 10.41
C LEU A 62 4.05 0.23 10.62
N CYS A 63 3.77 1.32 11.32
CA CYS A 63 4.78 2.34 11.59
C CYS A 63 5.80 1.83 12.60
N ASN A 64 5.39 0.87 13.42
CA ASN A 64 6.27 0.30 14.44
C ASN A 64 7.18 -0.76 13.83
N CYS A 65 6.69 -1.40 12.76
CA CYS A 65 7.46 -2.45 12.09
C CYS A 65 8.85 -1.96 11.73
N ALA A 66 9.75 -2.89 11.44
CA ALA A 66 11.13 -2.55 11.08
C ALA A 66 11.34 -2.66 9.58
N LEU A 67 12.35 -1.93 9.08
CA LEU A 67 12.66 -1.95 7.65
C LEU A 67 12.81 -3.37 7.15
N GLU A 68 13.79 -4.10 7.70
CA GLU A 68 14.03 -5.48 7.30
C GLU A 68 12.75 -6.30 7.35
N GLU A 69 11.86 -5.94 8.28
CA GLU A 69 10.59 -6.65 8.43
C GLU A 69 9.71 -6.47 7.19
N LEU A 70 9.48 -5.21 6.82
CA LEU A 70 8.66 -4.90 5.65
C LEU A 70 9.22 -5.57 4.40
N ARG A 71 10.52 -5.82 4.40
CA ARG A 71 11.18 -6.45 3.26
C ARG A 71 10.95 -7.95 3.27
N LEU A 72 10.63 -8.50 4.43
CA LEU A 72 10.38 -9.92 4.58
C LEU A 72 8.90 -10.24 4.42
N VAL A 73 8.07 -9.21 4.52
CA VAL A 73 6.63 -9.38 4.38
C VAL A 73 6.15 -8.94 3.00
N PHE A 74 6.87 -8.01 2.40
CA PHE A 74 6.54 -7.51 1.08
C PHE A 74 7.69 -7.72 0.09
N GLY A 75 8.54 -8.70 0.39
CA GLY A 75 9.67 -8.98 -0.46
C GLY A 75 10.60 -7.80 -0.62
N PRO A 76 11.25 -7.71 -1.79
CA PRO A 76 12.19 -6.62 -2.09
C PRO A 76 11.48 -5.28 -2.28
N LEU A 77 10.15 -5.32 -2.30
CA LEU A 77 9.35 -4.12 -2.48
C LEU A 77 9.35 -3.28 -1.20
N GLY A 78 9.55 -3.93 -0.06
CA GLY A 78 9.57 -3.23 1.21
C GLY A 78 10.50 -2.03 1.20
N ASP A 79 11.68 -2.21 0.59
CA ASP A 79 12.66 -1.12 0.51
C ASP A 79 12.03 0.14 -0.05
N GLN A 80 11.03 -0.03 -0.91
CA GLN A 80 10.35 1.11 -1.52
C GLN A 80 9.17 1.56 -0.67
N LEU A 81 8.48 0.60 -0.07
CA LEU A 81 7.33 0.91 0.78
C LEU A 81 7.76 1.68 2.02
N HIS A 82 8.93 1.34 2.55
CA HIS A 82 9.45 2.01 3.74
C HIS A 82 9.70 3.48 3.46
N ALA A 83 10.35 3.76 2.34
CA ALA A 83 10.66 5.14 1.96
C ALA A 83 9.41 6.01 2.01
N GLN A 84 8.29 5.47 1.53
CA GLN A 84 7.03 6.19 1.51
C GLN A 84 6.49 6.39 2.93
N LEU A 85 6.46 5.30 3.70
CA LEU A 85 5.96 5.36 5.07
C LEU A 85 6.75 6.38 5.89
N ARG A 86 8.04 6.51 5.58
CA ARG A 86 8.90 7.45 6.30
C ARG A 86 8.47 8.88 6.03
N ASP A 87 7.88 9.11 4.86
CA ASP A 87 7.42 10.44 4.47
C ASP A 87 6.05 10.73 5.08
N LEU A 88 5.22 9.71 5.19
CA LEU A 88 3.88 9.85 5.74
C LEU A 88 3.94 10.35 7.18
N THR A 89 4.93 9.88 7.93
CA THR A 89 5.10 10.29 9.32
C THR A 89 6.07 11.44 9.44
N SER A 90 7.23 11.31 8.78
CA SER A 90 8.26 12.34 8.82
C SER A 90 8.52 12.89 7.42
N SER A 91 7.84 13.99 7.08
CA SER A 91 8.00 14.60 5.77
C SER A 91 9.43 15.11 5.58
N SER A 92 9.97 15.76 6.60
CA SER A 92 11.32 16.30 6.54
C SER A 92 12.25 15.52 7.47
N GLY A 1 1.03 -11.98 -29.90
CA GLY A 1 -0.39 -11.88 -29.56
C GLY A 1 -0.97 -10.54 -29.94
N SER A 2 -1.95 -10.55 -30.85
CA SER A 2 -2.59 -9.33 -31.30
C SER A 2 -4.08 -9.35 -30.98
N SER A 3 -4.43 -8.94 -29.77
CA SER A 3 -5.82 -8.91 -29.33
C SER A 3 -6.52 -7.63 -29.79
N GLY A 4 -5.77 -6.53 -29.78
CA GLY A 4 -6.32 -5.26 -30.20
C GLY A 4 -5.39 -4.49 -31.13
N SER A 5 -4.56 -3.63 -30.54
CA SER A 5 -3.62 -2.83 -31.33
C SER A 5 -2.35 -2.57 -30.54
N SER A 6 -1.50 -1.70 -31.07
CA SER A 6 -0.23 -1.36 -30.42
C SER A 6 -0.24 0.09 -29.95
N GLY A 7 -1.22 0.44 -29.11
CA GLY A 7 -1.32 1.80 -28.61
C GLY A 7 -1.67 1.83 -27.13
N GLN A 8 -1.26 0.80 -26.40
CA GLN A 8 -1.54 0.72 -24.97
C GLN A 8 -3.04 0.73 -24.71
N MET A 9 -3.41 0.80 -23.43
CA MET A 9 -4.82 0.82 -23.05
C MET A 9 -5.18 2.11 -22.33
N SER A 10 -4.48 2.39 -21.24
CA SER A 10 -4.73 3.61 -20.47
C SER A 10 -6.17 3.66 -19.98
N LEU A 11 -6.68 2.52 -19.50
CA LEU A 11 -8.05 2.44 -19.01
C LEU A 11 -8.06 2.23 -17.50
N GLU A 12 -7.51 3.19 -16.77
CA GLU A 12 -7.46 3.12 -15.31
C GLU A 12 -8.25 4.27 -14.68
N GLY A 13 -8.83 4.02 -13.52
CA GLY A 13 -9.59 5.05 -12.84
C GLY A 13 -9.72 4.78 -11.35
N THR A 14 -9.10 5.64 -10.54
CA THR A 14 -9.15 5.49 -9.09
C THR A 14 -9.13 6.85 -8.40
N GLU A 15 -10.17 7.13 -7.63
CA GLU A 15 -10.28 8.40 -6.91
C GLU A 15 -10.30 8.17 -5.40
N LYS A 16 -9.78 9.14 -4.66
CA LYS A 16 -9.74 9.06 -3.20
C LYS A 16 -8.99 7.80 -2.76
N ALA A 17 -8.94 7.58 -1.45
CA ALA A 17 -8.26 6.42 -0.90
C ALA A 17 -8.63 6.21 0.57
N SER A 18 -8.89 4.95 0.92
CA SER A 18 -9.27 4.61 2.29
C SER A 18 -8.16 4.98 3.27
N TRP A 19 -6.95 5.16 2.74
CA TRP A 19 -5.80 5.52 3.57
C TRP A 19 -5.35 6.94 3.30
N LEU A 20 -6.23 7.73 2.68
CA LEU A 20 -5.92 9.12 2.36
C LEU A 20 -6.68 10.07 3.29
N GLY A 21 -5.92 10.90 4.01
CA GLY A 21 -6.53 11.85 4.91
C GLY A 21 -6.22 11.55 6.37
N GLU A 22 -5.81 10.31 6.64
CA GLU A 22 -5.48 9.90 8.00
C GLU A 22 -4.03 9.40 8.08
N GLN A 23 -3.38 9.70 9.20
CA GLN A 23 -1.99 9.29 9.40
C GLN A 23 -1.86 7.77 9.33
N PRO A 24 -0.63 7.29 9.10
CA PRO A 24 -0.34 5.86 9.00
C PRO A 24 -0.46 5.15 10.35
N GLN A 25 -0.63 5.95 11.41
CA GLN A 25 -0.76 5.39 12.76
C GLN A 25 -2.20 5.00 13.04
N PHE A 26 -3.13 5.63 12.34
CA PHE A 26 -4.55 5.35 12.52
C PHE A 26 -5.13 4.63 11.31
N TRP A 27 -4.40 3.63 10.83
CA TRP A 27 -4.84 2.86 9.67
C TRP A 27 -5.53 1.56 10.10
N SER A 28 -6.22 0.93 9.16
CA SER A 28 -6.93 -0.32 9.44
C SER A 28 -6.29 -1.48 8.70
N LYS A 29 -6.70 -2.69 9.06
CA LYS A 29 -6.17 -3.90 8.42
C LYS A 29 -6.43 -3.88 6.92
N THR A 30 -7.47 -3.16 6.51
CA THR A 30 -7.84 -3.05 5.10
C THR A 30 -7.05 -1.94 4.42
N GLN A 31 -6.96 -0.80 5.09
CA GLN A 31 -6.26 0.36 4.54
C GLN A 31 -4.82 -0.03 4.16
N VAL A 32 -4.13 -0.68 5.09
CA VAL A 32 -2.75 -1.10 4.84
C VAL A 32 -2.63 -1.88 3.53
N LEU A 33 -3.30 -3.02 3.48
CA LEU A 33 -3.28 -3.85 2.28
C LEU A 33 -3.70 -3.07 1.04
N ASP A 34 -4.70 -2.21 1.22
CA ASP A 34 -5.19 -1.38 0.12
C ASP A 34 -4.12 -0.41 -0.35
N TRP A 35 -3.23 -0.02 0.55
CA TRP A 35 -2.16 0.91 0.22
C TRP A 35 -1.05 0.20 -0.55
N ILE A 36 -0.83 -1.07 -0.22
CA ILE A 36 0.21 -1.85 -0.88
C ILE A 36 -0.05 -1.95 -2.38
N SER A 37 -1.26 -2.39 -2.75
CA SER A 37 -1.63 -2.53 -4.14
C SER A 37 -1.33 -1.25 -4.92
N TYR A 38 -1.52 -0.11 -4.27
CA TYR A 38 -1.28 1.18 -4.90
C TYR A 38 0.20 1.31 -5.31
N GLN A 39 1.08 0.96 -4.38
CA GLN A 39 2.52 1.03 -4.65
C GLN A 39 2.98 -0.11 -5.53
N VAL A 40 2.23 -1.20 -5.52
CA VAL A 40 2.55 -2.38 -6.33
C VAL A 40 2.22 -2.14 -7.80
N GLU A 41 1.25 -1.26 -8.05
CA GLU A 41 0.83 -0.95 -9.40
C GLU A 41 1.58 0.27 -9.93
N LYS A 42 2.04 1.12 -9.02
CA LYS A 42 2.77 2.33 -9.38
C LYS A 42 4.17 1.98 -9.87
N ASN A 43 4.84 1.09 -9.14
CA ASN A 43 6.19 0.67 -9.47
C ASN A 43 6.17 -0.53 -10.42
N LYS A 44 4.99 -0.85 -10.93
CA LYS A 44 4.83 -1.97 -11.84
C LYS A 44 5.46 -3.24 -11.27
N TYR A 45 5.46 -3.34 -9.95
CA TYR A 45 6.03 -4.50 -9.28
C TYR A 45 5.30 -5.78 -9.66
N ASP A 46 6.06 -6.84 -9.92
CA ASP A 46 5.49 -8.13 -10.31
C ASP A 46 4.40 -8.55 -9.33
N ALA A 47 4.60 -8.20 -8.06
CA ALA A 47 3.63 -8.55 -7.02
C ALA A 47 3.54 -10.05 -6.84
N SER A 48 4.61 -10.76 -7.20
CA SER A 48 4.65 -12.21 -7.08
C SER A 48 5.55 -12.63 -5.91
N ALA A 49 5.67 -11.76 -4.93
CA ALA A 49 6.47 -12.04 -3.75
C ALA A 49 5.70 -11.81 -2.47
N ILE A 50 4.90 -10.74 -2.44
CA ILE A 50 4.08 -10.42 -1.28
C ILE A 50 3.22 -11.60 -0.86
N ASP A 51 3.37 -12.02 0.39
CA ASP A 51 2.59 -13.14 0.91
C ASP A 51 1.15 -12.72 1.18
N PHE A 52 0.96 -11.45 1.52
CA PHE A 52 -0.37 -10.93 1.81
C PHE A 52 -1.05 -11.73 2.91
N SER A 53 -0.24 -12.34 3.77
CA SER A 53 -0.75 -13.15 4.87
C SER A 53 -0.14 -12.72 6.19
N ARG A 54 1.14 -12.39 6.16
CA ARG A 54 1.86 -11.96 7.36
C ARG A 54 1.50 -10.51 7.71
N CYS A 55 1.09 -9.75 6.71
CA CYS A 55 0.72 -8.35 6.90
C CYS A 55 -0.62 -8.23 7.61
N ASP A 56 -0.62 -8.47 8.92
CA ASP A 56 -1.85 -8.40 9.71
C ASP A 56 -1.90 -7.10 10.51
N MET A 57 -0.96 -6.21 10.24
CA MET A 57 -0.89 -4.93 10.93
C MET A 57 -1.99 -3.99 10.46
N ASP A 58 -2.80 -3.49 11.40
CA ASP A 58 -3.88 -2.59 11.08
C ASP A 58 -3.35 -1.22 10.68
N GLY A 59 -2.37 -0.72 11.43
CA GLY A 59 -1.79 0.58 11.14
C GLY A 59 -0.70 0.95 12.12
N ALA A 60 -1.06 1.05 13.40
CA ALA A 60 -0.09 1.41 14.44
C ALA A 60 1.11 0.48 14.42
N THR A 61 0.87 -0.77 14.02
CA THR A 61 1.94 -1.76 13.95
C THR A 61 2.79 -1.58 12.70
N LEU A 62 2.20 -0.99 11.68
CA LEU A 62 2.90 -0.74 10.42
C LEU A 62 3.97 0.34 10.60
N CYS A 63 3.59 1.45 11.20
CA CYS A 63 4.51 2.55 11.43
C CYS A 63 5.60 2.16 12.43
N ASN A 64 5.30 1.17 13.27
CA ASN A 64 6.24 0.70 14.27
C ASN A 64 7.15 -0.39 13.69
N CYS A 65 6.65 -1.09 12.67
CA CYS A 65 7.40 -2.15 12.03
C CYS A 65 8.79 -1.67 11.62
N ALA A 66 9.72 -2.61 11.45
CA ALA A 66 11.08 -2.28 11.07
C ALA A 66 11.25 -2.38 9.55
N LEU A 67 12.28 -1.72 9.03
CA LEU A 67 12.56 -1.74 7.60
C LEU A 67 12.66 -3.17 7.09
N GLU A 68 13.60 -3.93 7.63
CA GLU A 68 13.80 -5.31 7.22
C GLU A 68 12.48 -6.08 7.29
N GLU A 69 11.68 -5.82 8.32
CA GLU A 69 10.40 -6.49 8.49
C GLU A 69 9.53 -6.33 7.24
N LEU A 70 9.33 -5.09 6.83
CA LEU A 70 8.52 -4.80 5.65
C LEU A 70 9.08 -5.48 4.41
N ARG A 71 10.39 -5.73 4.44
CA ARG A 71 11.06 -6.40 3.32
C ARG A 71 10.83 -7.90 3.35
N LEU A 72 10.49 -8.42 4.53
CA LEU A 72 10.25 -9.84 4.69
C LEU A 72 8.77 -10.17 4.52
N VAL A 73 7.93 -9.13 4.60
CA VAL A 73 6.49 -9.31 4.45
C VAL A 73 6.03 -8.90 3.06
N PHE A 74 6.76 -7.97 2.45
CA PHE A 74 6.43 -7.49 1.11
C PHE A 74 7.58 -7.73 0.14
N GLY A 75 8.43 -8.70 0.47
CA GLY A 75 9.57 -9.01 -0.38
C GLY A 75 10.50 -7.83 -0.54
N PRO A 76 11.18 -7.77 -1.71
CA PRO A 76 12.11 -6.68 -2.02
C PRO A 76 11.41 -5.35 -2.24
N LEU A 77 10.08 -5.39 -2.27
CA LEU A 77 9.29 -4.18 -2.49
C LEU A 77 9.27 -3.31 -1.23
N GLY A 78 9.48 -3.95 -0.07
CA GLY A 78 9.48 -3.22 1.18
C GLY A 78 10.42 -2.03 1.15
N ASP A 79 11.58 -2.20 0.52
CA ASP A 79 12.57 -1.14 0.42
C ASP A 79 11.95 0.13 -0.18
N GLN A 80 10.91 -0.05 -0.98
CA GLN A 80 10.24 1.07 -1.62
C GLN A 80 9.04 1.53 -0.79
N LEU A 81 8.46 0.60 -0.03
CA LEU A 81 7.31 0.91 0.81
C LEU A 81 7.75 1.65 2.07
N HIS A 82 8.98 1.40 2.50
CA HIS A 82 9.52 2.05 3.69
C HIS A 82 9.73 3.54 3.46
N ALA A 83 10.45 3.87 2.38
CA ALA A 83 10.72 5.26 2.05
C ALA A 83 9.43 6.05 1.87
N GLN A 84 8.34 5.33 1.58
CA GLN A 84 7.04 5.97 1.39
C GLN A 84 6.34 6.18 2.72
N LEU A 85 6.68 5.37 3.70
CA LEU A 85 6.08 5.46 5.03
C LEU A 85 6.89 6.38 5.93
N ARG A 86 8.19 6.45 5.67
CA ARG A 86 9.09 7.30 6.46
C ARG A 86 8.76 8.78 6.24
N ASP A 87 8.18 9.09 5.09
CA ASP A 87 7.82 10.46 4.76
C ASP A 87 6.50 10.84 5.42
N LEU A 88 5.56 9.91 5.44
CA LEU A 88 4.25 10.16 6.03
C LEU A 88 4.38 10.55 7.50
N THR A 89 5.10 9.73 8.26
CA THR A 89 5.31 10.00 9.68
C THR A 89 6.42 11.02 9.89
N SER A 90 7.36 11.08 8.94
CA SER A 90 8.48 12.01 9.03
C SER A 90 9.28 11.77 10.29
N SER A 91 10.35 10.99 10.16
CA SER A 91 11.21 10.68 11.30
C SER A 91 12.58 11.37 11.16
N SER A 92 13.37 11.30 12.21
CA SER A 92 14.70 11.92 12.21
C SER A 92 14.60 13.42 11.95
N GLY A 1 -37.36 -11.18 -26.63
CA GLY A 1 -37.03 -11.12 -28.04
C GLY A 1 -35.62 -10.59 -28.29
N SER A 2 -34.83 -11.34 -29.04
CA SER A 2 -33.46 -10.94 -29.34
C SER A 2 -32.63 -10.83 -28.06
N SER A 3 -31.35 -10.52 -28.23
CA SER A 3 -30.45 -10.37 -27.09
C SER A 3 -30.91 -9.24 -26.17
N GLY A 4 -31.03 -9.54 -24.88
CA GLY A 4 -31.45 -8.54 -23.92
C GLY A 4 -31.42 -9.05 -22.50
N SER A 5 -30.47 -8.54 -21.72
CA SER A 5 -30.32 -8.94 -20.33
C SER A 5 -29.66 -7.84 -19.51
N SER A 6 -29.85 -6.60 -19.94
CA SER A 6 -29.26 -5.46 -19.24
C SER A 6 -29.68 -5.43 -17.77
N GLY A 7 -28.72 -5.22 -16.89
CA GLY A 7 -29.01 -5.19 -15.47
C GLY A 7 -27.76 -5.18 -14.61
N GLN A 8 -26.80 -4.32 -14.98
CA GLN A 8 -25.55 -4.21 -14.24
C GLN A 8 -24.86 -2.89 -14.53
N MET A 9 -24.68 -2.09 -13.47
CA MET A 9 -24.03 -0.79 -13.62
C MET A 9 -23.30 -0.41 -12.33
N SER A 10 -22.80 -1.42 -11.62
CA SER A 10 -22.08 -1.18 -10.37
C SER A 10 -20.68 -1.78 -10.44
N LEU A 11 -19.99 -1.53 -11.54
CA LEU A 11 -18.64 -2.04 -11.74
C LEU A 11 -17.64 -1.24 -10.91
N GLU A 12 -17.99 0.01 -10.59
CA GLU A 12 -17.12 0.87 -9.80
C GLU A 12 -17.92 1.61 -8.73
N GLY A 13 -17.23 2.11 -7.72
CA GLY A 13 -17.89 2.84 -6.65
C GLY A 13 -16.95 3.15 -5.51
N THR A 14 -16.02 4.07 -5.74
CA THR A 14 -15.05 4.47 -4.72
C THR A 14 -14.48 5.85 -5.01
N GLU A 15 -14.33 6.65 -3.95
CA GLU A 15 -13.80 8.00 -4.10
C GLU A 15 -12.60 8.20 -3.17
N LYS A 16 -11.50 8.70 -3.74
CA LYS A 16 -10.29 8.94 -2.96
C LYS A 16 -9.73 7.65 -2.40
N ALA A 17 -8.67 7.75 -1.61
CA ALA A 17 -8.03 6.60 -1.01
C ALA A 17 -8.52 6.39 0.42
N SER A 18 -8.81 5.14 0.77
CA SER A 18 -9.28 4.81 2.11
C SER A 18 -8.24 5.18 3.17
N TRP A 19 -7.00 5.34 2.73
CA TRP A 19 -5.90 5.68 3.62
C TRP A 19 -5.43 7.11 3.37
N LEU A 20 -6.26 7.90 2.70
CA LEU A 20 -5.91 9.28 2.39
C LEU A 20 -6.62 10.25 3.35
N GLY A 21 -5.85 11.06 4.05
CA GLY A 21 -6.41 12.01 4.98
C GLY A 21 -6.07 11.69 6.42
N GLU A 22 -5.67 10.45 6.67
CA GLU A 22 -5.30 10.02 8.02
C GLU A 22 -3.86 9.51 8.05
N GLN A 23 -3.18 9.79 9.15
CA GLN A 23 -1.79 9.37 9.32
C GLN A 23 -1.67 7.85 9.24
N PRO A 24 -0.45 7.36 8.97
CA PRO A 24 -0.19 5.93 8.86
C PRO A 24 -0.28 5.22 10.21
N GLN A 25 -0.41 5.99 11.27
CA GLN A 25 -0.50 5.43 12.62
C GLN A 25 -1.94 5.06 12.94
N PHE A 26 -2.89 5.70 12.27
CA PHE A 26 -4.31 5.44 12.49
C PHE A 26 -4.92 4.74 11.29
N TRP A 27 -4.23 3.72 10.78
CA TRP A 27 -4.71 2.98 9.63
C TRP A 27 -5.40 1.69 10.06
N SER A 28 -6.29 1.18 9.22
CA SER A 28 -7.04 -0.04 9.53
C SER A 28 -6.42 -1.23 8.80
N LYS A 29 -6.87 -2.43 9.17
CA LYS A 29 -6.37 -3.65 8.55
C LYS A 29 -6.62 -3.65 7.05
N THR A 30 -7.66 -2.94 6.63
CA THR A 30 -8.01 -2.85 5.23
C THR A 30 -7.22 -1.76 4.52
N GLN A 31 -7.03 -0.64 5.21
CA GLN A 31 -6.28 0.48 4.66
C GLN A 31 -4.87 0.06 4.25
N VAL A 32 -4.20 -0.67 5.15
CA VAL A 32 -2.85 -1.14 4.88
C VAL A 32 -2.78 -1.90 3.56
N LEU A 33 -3.47 -3.02 3.49
CA LEU A 33 -3.50 -3.84 2.27
C LEU A 33 -3.90 -3.01 1.06
N ASP A 34 -4.71 -1.97 1.31
CA ASP A 34 -5.17 -1.10 0.23
C ASP A 34 -4.04 -0.17 -0.23
N TRP A 35 -3.16 0.19 0.69
CA TRP A 35 -2.04 1.07 0.38
C TRP A 35 -0.96 0.32 -0.39
N ILE A 36 -0.82 -0.97 -0.09
CA ILE A 36 0.18 -1.79 -0.76
C ILE A 36 -0.06 -1.85 -2.26
N SER A 37 -1.29 -2.19 -2.65
CA SER A 37 -1.66 -2.28 -4.05
C SER A 37 -1.25 -1.01 -4.80
N TYR A 38 -1.38 0.13 -4.13
CA TYR A 38 -1.03 1.41 -4.74
C TYR A 38 0.44 1.45 -5.11
N GLN A 39 1.29 1.02 -4.19
CA GLN A 39 2.74 1.01 -4.42
C GLN A 39 3.13 -0.14 -5.33
N VAL A 40 2.29 -1.18 -5.35
CA VAL A 40 2.55 -2.36 -6.17
C VAL A 40 2.18 -2.11 -7.63
N GLU A 41 1.22 -1.21 -7.84
CA GLU A 41 0.77 -0.89 -9.18
C GLU A 41 1.58 0.27 -9.77
N LYS A 42 2.13 1.11 -8.88
CA LYS A 42 2.92 2.25 -9.31
C LYS A 42 4.26 1.80 -9.87
N ASN A 43 4.96 0.94 -9.13
CA ASN A 43 6.26 0.43 -9.57
C ASN A 43 6.09 -0.72 -10.56
N LYS A 44 4.84 -1.07 -10.84
CA LYS A 44 4.54 -2.15 -11.77
C LYS A 44 5.06 -3.48 -11.25
N TYR A 45 5.28 -3.55 -9.94
CA TYR A 45 5.78 -4.76 -9.31
C TYR A 45 4.90 -5.96 -9.65
N ASP A 46 5.53 -7.07 -10.03
CA ASP A 46 4.81 -8.28 -10.39
C ASP A 46 3.83 -8.67 -9.29
N ALA A 47 4.17 -8.33 -8.05
CA ALA A 47 3.33 -8.64 -6.91
C ALA A 47 3.17 -10.15 -6.74
N SER A 48 4.15 -10.90 -7.22
CA SER A 48 4.12 -12.35 -7.13
C SER A 48 5.12 -12.85 -6.08
N ALA A 49 5.41 -11.99 -5.10
CA ALA A 49 6.33 -12.34 -4.04
C ALA A 49 5.79 -11.94 -2.67
N ILE A 50 5.18 -10.77 -2.62
CA ILE A 50 4.61 -10.26 -1.37
C ILE A 50 3.68 -11.30 -0.73
N ASP A 51 3.90 -11.57 0.55
CA ASP A 51 3.08 -12.53 1.28
C ASP A 51 1.94 -11.83 2.02
N PHE A 52 0.87 -11.54 1.28
CA PHE A 52 -0.29 -10.87 1.86
C PHE A 52 -0.77 -11.61 3.11
N SER A 53 -0.60 -12.92 3.12
CA SER A 53 -1.01 -13.74 4.25
C SER A 53 -0.37 -13.25 5.54
N ARG A 54 0.80 -12.64 5.42
CA ARG A 54 1.52 -12.12 6.58
C ARG A 54 0.99 -10.75 6.99
N CYS A 55 0.50 -10.01 6.01
CA CYS A 55 -0.05 -8.67 6.26
C CYS A 55 -1.35 -8.75 7.04
N ASP A 56 -1.25 -8.80 8.36
CA ASP A 56 -2.43 -8.87 9.22
C ASP A 56 -2.46 -7.69 10.19
N MET A 57 -1.58 -6.73 9.98
CA MET A 57 -1.50 -5.55 10.85
C MET A 57 -2.73 -4.65 10.63
N ASP A 58 -2.71 -3.50 11.27
CA ASP A 58 -3.82 -2.54 11.14
C ASP A 58 -3.31 -1.17 10.72
N GLY A 59 -2.33 -0.66 11.47
CA GLY A 59 -1.76 0.65 11.15
C GLY A 59 -0.64 1.03 12.08
N ALA A 60 -0.94 1.11 13.37
CA ALA A 60 0.06 1.47 14.38
C ALA A 60 1.22 0.48 14.37
N THR A 61 0.95 -0.75 13.93
CA THR A 61 1.97 -1.79 13.87
C THR A 61 2.81 -1.66 12.62
N LEU A 62 2.19 -1.22 11.54
CA LEU A 62 2.89 -1.06 10.26
C LEU A 62 4.01 -0.02 10.38
N CYS A 63 3.70 1.12 10.99
CA CYS A 63 4.68 2.18 11.18
C CYS A 63 5.72 1.78 12.21
N ASN A 64 5.33 0.89 13.13
CA ASN A 64 6.23 0.43 14.18
C ASN A 64 7.16 -0.66 13.66
N CYS A 65 6.69 -1.38 12.65
CA CYS A 65 7.48 -2.46 12.06
C CYS A 65 8.88 -1.98 11.69
N ALA A 66 9.78 -2.93 11.45
CA ALA A 66 11.15 -2.60 11.09
C ALA A 66 11.36 -2.68 9.58
N LEU A 67 12.38 -1.98 9.09
CA LEU A 67 12.69 -1.98 7.67
C LEU A 67 12.80 -3.40 7.13
N GLU A 68 13.75 -4.16 7.66
CA GLU A 68 13.96 -5.54 7.23
C GLU A 68 12.65 -6.33 7.28
N GLU A 69 11.83 -6.02 8.28
CA GLU A 69 10.54 -6.71 8.44
C GLU A 69 9.67 -6.52 7.20
N LEU A 70 9.45 -5.26 6.83
CA LEU A 70 8.63 -4.95 5.67
C LEU A 70 9.18 -5.60 4.42
N ARG A 71 10.49 -5.85 4.41
CA ARG A 71 11.15 -6.47 3.27
C ARG A 71 10.92 -7.98 3.27
N LEU A 72 10.59 -8.53 4.43
CA LEU A 72 10.35 -9.97 4.57
C LEU A 72 8.87 -10.28 4.40
N VAL A 73 8.04 -9.25 4.51
CA VAL A 73 6.59 -9.42 4.36
C VAL A 73 6.13 -8.98 2.98
N PHE A 74 6.85 -8.04 2.40
CA PHE A 74 6.51 -7.52 1.07
C PHE A 74 7.65 -7.74 0.09
N GLY A 75 8.51 -8.71 0.39
CA GLY A 75 9.63 -9.00 -0.47
C GLY A 75 10.57 -7.81 -0.63
N PRO A 76 11.23 -7.71 -1.79
CA PRO A 76 12.16 -6.63 -2.08
C PRO A 76 11.46 -5.29 -2.27
N LEU A 77 10.13 -5.33 -2.28
CA LEU A 77 9.33 -4.12 -2.46
C LEU A 77 9.32 -3.29 -1.18
N GLY A 78 9.53 -3.95 -0.04
CA GLY A 78 9.55 -3.25 1.23
C GLY A 78 10.48 -2.06 1.22
N ASP A 79 11.67 -2.24 0.65
CA ASP A 79 12.65 -1.16 0.59
C ASP A 79 12.04 0.10 0.00
N GLN A 80 11.07 -0.07 -0.89
CA GLN A 80 10.40 1.06 -1.53
C GLN A 80 9.22 1.53 -0.68
N LEU A 81 8.58 0.60 0.01
CA LEU A 81 7.43 0.93 0.86
C LEU A 81 7.87 1.75 2.08
N HIS A 82 8.99 1.35 2.67
CA HIS A 82 9.51 2.05 3.84
C HIS A 82 9.76 3.53 3.54
N ALA A 83 10.49 3.78 2.45
CA ALA A 83 10.79 5.15 2.05
C ALA A 83 9.51 6.00 1.97
N GLN A 84 8.40 5.35 1.66
CA GLN A 84 7.12 6.05 1.55
C GLN A 84 6.53 6.30 2.94
N LEU A 85 6.49 5.26 3.77
CA LEU A 85 5.95 5.38 5.11
C LEU A 85 6.72 6.41 5.93
N ARG A 86 8.00 6.58 5.60
CA ARG A 86 8.85 7.54 6.29
C ARG A 86 8.41 8.97 6.01
N ASP A 87 7.81 9.18 4.84
CA ASP A 87 7.35 10.50 4.45
C ASP A 87 5.96 10.78 5.03
N LEU A 88 5.11 9.76 5.02
CA LEU A 88 3.76 9.90 5.56
C LEU A 88 3.78 10.46 6.98
N THR A 89 4.77 10.03 7.76
CA THR A 89 4.90 10.49 9.14
C THR A 89 5.78 11.73 9.21
N SER A 90 6.78 11.82 8.34
CA SER A 90 7.68 12.95 8.31
C SER A 90 8.40 13.10 9.65
N SER A 91 8.69 11.97 10.29
CA SER A 91 9.38 11.97 11.58
C SER A 91 8.60 12.81 12.60
N SER A 92 9.16 12.92 13.80
CA SER A 92 8.52 13.69 14.87
C SER A 92 9.09 15.10 14.93
N GLY A 1 -31.53 13.02 -20.72
CA GLY A 1 -32.17 14.30 -20.94
C GLY A 1 -31.62 15.01 -22.16
N SER A 2 -30.80 16.04 -21.92
CA SER A 2 -30.20 16.81 -23.01
C SER A 2 -28.73 17.07 -22.73
N SER A 3 -28.44 17.93 -21.76
CA SER A 3 -27.07 18.27 -21.41
C SER A 3 -26.52 17.29 -20.38
N GLY A 4 -25.21 17.03 -20.46
CA GLY A 4 -24.58 16.11 -19.54
C GLY A 4 -23.52 15.25 -20.20
N SER A 5 -22.70 14.59 -19.40
CA SER A 5 -21.64 13.75 -19.91
C SER A 5 -21.42 12.54 -19.01
N SER A 6 -21.34 11.36 -19.60
CA SER A 6 -21.14 10.12 -18.85
C SER A 6 -20.52 9.05 -19.73
N GLY A 7 -19.41 8.48 -19.26
CA GLY A 7 -18.73 7.45 -20.01
C GLY A 7 -17.72 6.68 -19.19
N GLN A 8 -17.69 5.36 -19.36
CA GLN A 8 -16.76 4.52 -18.62
C GLN A 8 -16.92 4.73 -17.11
N MET A 9 -17.90 4.05 -16.53
CA MET A 9 -18.16 4.17 -15.10
C MET A 9 -18.60 2.83 -14.52
N SER A 10 -17.73 2.22 -13.71
CA SER A 10 -18.02 0.93 -13.10
C SER A 10 -18.04 1.05 -11.58
N LEU A 11 -19.06 0.45 -10.96
CA LEU A 11 -19.21 0.48 -9.52
C LEU A 11 -19.33 1.93 -9.01
N GLU A 12 -19.60 2.07 -7.72
CA GLU A 12 -19.73 3.39 -7.12
C GLU A 12 -19.47 3.34 -5.62
N GLY A 13 -18.97 4.44 -5.08
CA GLY A 13 -18.67 4.50 -3.65
C GLY A 13 -17.19 4.47 -3.38
N THR A 14 -16.39 4.82 -4.37
CA THR A 14 -14.94 4.82 -4.23
C THR A 14 -14.36 6.23 -4.45
N GLU A 15 -14.40 7.04 -3.40
CA GLU A 15 -13.89 8.41 -3.49
C GLU A 15 -12.61 8.56 -2.66
N LYS A 16 -11.58 9.14 -3.28
CA LYS A 16 -10.30 9.34 -2.61
C LYS A 16 -9.74 8.02 -2.09
N ALA A 17 -8.62 8.09 -1.37
CA ALA A 17 -7.99 6.90 -0.83
C ALA A 17 -8.39 6.69 0.62
N SER A 18 -8.71 5.43 0.97
CA SER A 18 -9.12 5.10 2.32
C SER A 18 -8.00 5.40 3.32
N TRP A 19 -6.78 5.53 2.81
CA TRP A 19 -5.63 5.83 3.65
C TRP A 19 -5.11 7.24 3.40
N LEU A 20 -5.95 8.06 2.79
CA LEU A 20 -5.58 9.44 2.49
C LEU A 20 -6.26 10.41 3.44
N GLY A 21 -5.46 11.20 4.15
CA GLY A 21 -6.01 12.16 5.09
C GLY A 21 -5.69 11.83 6.53
N GLU A 22 -5.32 10.57 6.78
CA GLU A 22 -4.98 10.11 8.12
C GLU A 22 -3.56 9.56 8.17
N GLN A 23 -2.88 9.80 9.27
CA GLN A 23 -1.51 9.34 9.46
C GLN A 23 -1.44 7.81 9.36
N PRO A 24 -0.24 7.29 9.09
CA PRO A 24 -0.01 5.85 8.97
C PRO A 24 -0.15 5.13 10.31
N GLN A 25 -0.26 5.90 11.38
CA GLN A 25 -0.39 5.34 12.73
C GLN A 25 -1.84 5.01 13.04
N PHE A 26 -2.75 5.69 12.35
CA PHE A 26 -4.18 5.48 12.56
C PHE A 26 -4.82 4.80 11.35
N TRP A 27 -4.15 3.77 10.84
CA TRP A 27 -4.64 3.04 9.68
C TRP A 27 -5.38 1.77 10.11
N SER A 28 -6.21 1.25 9.21
CA SER A 28 -6.98 0.04 9.50
C SER A 28 -6.43 -1.15 8.74
N LYS A 29 -6.81 -2.35 9.16
CA LYS A 29 -6.36 -3.57 8.51
C LYS A 29 -6.63 -3.53 7.01
N THR A 30 -7.66 -2.79 6.62
CA THR A 30 -8.03 -2.67 5.21
C THR A 30 -7.19 -1.60 4.52
N GLN A 31 -7.05 -0.45 5.18
CA GLN A 31 -6.27 0.65 4.62
C GLN A 31 -4.86 0.20 4.24
N VAL A 32 -4.23 -0.55 5.14
CA VAL A 32 -2.88 -1.04 4.90
C VAL A 32 -2.80 -1.78 3.57
N LEU A 33 -3.49 -2.92 3.49
CA LEU A 33 -3.50 -3.72 2.27
C LEU A 33 -3.93 -2.90 1.06
N ASP A 34 -4.77 -1.90 1.32
CA ASP A 34 -5.26 -1.02 0.26
C ASP A 34 -4.16 -0.09 -0.23
N TRP A 35 -3.22 0.23 0.66
CA TRP A 35 -2.12 1.11 0.31
C TRP A 35 -1.02 0.34 -0.43
N ILE A 36 -0.88 -0.94 -0.12
CA ILE A 36 0.13 -1.77 -0.77
C ILE A 36 -0.12 -1.86 -2.27
N SER A 37 -1.34 -2.21 -2.65
CA SER A 37 -1.70 -2.33 -4.05
C SER A 37 -1.31 -1.07 -4.82
N TYR A 38 -1.43 0.08 -4.17
CA TYR A 38 -1.09 1.35 -4.80
C TYR A 38 0.39 1.40 -5.17
N GLN A 39 1.24 0.98 -4.25
CA GLN A 39 2.68 0.97 -4.48
C GLN A 39 3.09 -0.21 -5.36
N VAL A 40 2.25 -1.24 -5.36
CA VAL A 40 2.53 -2.44 -6.16
C VAL A 40 2.20 -2.20 -7.63
N GLU A 41 1.25 -1.29 -7.88
CA GLU A 41 0.84 -0.97 -9.24
C GLU A 41 1.68 0.17 -9.80
N LYS A 42 2.21 1.00 -8.92
CA LYS A 42 3.04 2.13 -9.33
C LYS A 42 4.44 1.68 -9.69
N ASN A 43 5.01 0.79 -8.88
CA ASN A 43 6.34 0.27 -9.12
C ASN A 43 6.33 -0.83 -10.17
N LYS A 44 5.13 -1.16 -10.67
CA LYS A 44 4.98 -2.19 -11.68
C LYS A 44 5.42 -3.54 -11.15
N TYR A 45 5.44 -3.68 -9.82
CA TYR A 45 5.83 -4.93 -9.19
C TYR A 45 4.89 -6.06 -9.59
N ASP A 46 5.48 -7.20 -9.96
CA ASP A 46 4.70 -8.36 -10.37
C ASP A 46 3.67 -8.72 -9.31
N ALA A 47 3.98 -8.41 -8.05
CA ALA A 47 3.08 -8.69 -6.95
C ALA A 47 2.87 -10.20 -6.78
N SER A 48 3.85 -10.98 -7.23
CA SER A 48 3.77 -12.43 -7.15
C SER A 48 4.76 -12.96 -6.10
N ALA A 49 5.05 -12.15 -5.10
CA ALA A 49 5.98 -12.53 -4.05
C ALA A 49 5.45 -12.11 -2.68
N ILE A 50 4.90 -10.91 -2.61
CA ILE A 50 4.36 -10.39 -1.36
C ILE A 50 3.36 -11.37 -0.74
N ASP A 51 3.36 -11.45 0.59
CA ASP A 51 2.46 -12.34 1.30
C ASP A 51 1.32 -11.56 1.94
N PHE A 52 0.10 -11.80 1.47
CA PHE A 52 -1.07 -11.13 1.99
C PHE A 52 -1.72 -11.92 3.12
N SER A 53 -0.87 -12.41 4.04
CA SER A 53 -1.36 -13.19 5.17
C SER A 53 -0.63 -12.79 6.45
N ARG A 54 0.68 -12.60 6.34
CA ARG A 54 1.48 -12.22 7.50
C ARG A 54 1.26 -10.75 7.85
N CYS A 55 0.86 -9.96 6.87
CA CYS A 55 0.61 -8.53 7.08
C CYS A 55 -0.69 -8.32 7.85
N ASP A 56 -0.65 -8.58 9.15
CA ASP A 56 -1.82 -8.41 10.00
C ASP A 56 -1.82 -7.05 10.69
N MET A 57 -0.88 -6.19 10.28
CA MET A 57 -0.77 -4.86 10.84
C MET A 57 -1.95 -3.98 10.43
N ASP A 58 -2.63 -3.42 11.42
CA ASP A 58 -3.78 -2.55 11.15
C ASP A 58 -3.33 -1.16 10.74
N GLY A 59 -2.35 -0.62 11.46
CA GLY A 59 -1.84 0.70 11.15
C GLY A 59 -0.65 1.08 12.01
N ALA A 60 -0.84 1.03 13.33
CA ALA A 60 0.22 1.38 14.26
C ALA A 60 1.34 0.33 14.23
N THR A 61 0.98 -0.90 13.89
CA THR A 61 1.95 -1.99 13.82
C THR A 61 2.82 -1.88 12.58
N LEU A 62 2.27 -1.24 11.54
CA LEU A 62 3.00 -1.07 10.29
C LEU A 62 4.09 0.00 10.43
N CYS A 63 3.70 1.15 10.96
CA CYS A 63 4.64 2.25 11.14
C CYS A 63 5.69 1.90 12.19
N ASN A 64 5.32 1.01 13.10
CA ASN A 64 6.23 0.59 14.17
C ASN A 64 7.18 -0.51 13.67
N CYS A 65 6.73 -1.25 12.68
CA CYS A 65 7.54 -2.34 12.11
C CYS A 65 8.93 -1.83 11.73
N ALA A 66 9.83 -2.76 11.43
CA ALA A 66 11.20 -2.41 11.05
C ALA A 66 11.39 -2.52 9.54
N LEU A 67 12.40 -1.82 9.04
CA LEU A 67 12.69 -1.83 7.61
C LEU A 67 12.80 -3.26 7.08
N GLU A 68 13.76 -4.02 7.62
CA GLU A 68 13.96 -5.40 7.22
C GLU A 68 12.65 -6.18 7.27
N GLU A 69 11.85 -5.91 8.30
CA GLU A 69 10.57 -6.59 8.47
C GLU A 69 9.69 -6.42 7.23
N LEU A 70 9.46 -5.18 6.85
CA LEU A 70 8.63 -4.87 5.68
C LEU A 70 9.20 -5.55 4.43
N ARG A 71 10.50 -5.79 4.44
CA ARG A 71 11.17 -6.43 3.31
C ARG A 71 10.94 -7.94 3.32
N LEU A 72 10.63 -8.47 4.50
CA LEU A 72 10.39 -9.90 4.65
C LEU A 72 8.91 -10.23 4.48
N VAL A 73 8.07 -9.20 4.58
CA VAL A 73 6.63 -9.38 4.44
C VAL A 73 6.15 -8.96 3.05
N PHE A 74 6.87 -8.02 2.45
CA PHE A 74 6.53 -7.52 1.12
C PHE A 74 7.68 -7.75 0.14
N GLY A 75 8.53 -8.71 0.45
CA GLY A 75 9.67 -9.01 -0.41
C GLY A 75 10.59 -7.82 -0.57
N PRO A 76 11.25 -7.74 -1.73
CA PRO A 76 12.18 -6.64 -2.04
C PRO A 76 11.47 -5.32 -2.25
N LEU A 77 10.14 -5.36 -2.27
CA LEU A 77 9.34 -4.16 -2.45
C LEU A 77 9.33 -3.30 -1.19
N GLY A 78 9.54 -3.96 -0.05
CA GLY A 78 9.55 -3.24 1.22
C GLY A 78 10.48 -2.04 1.20
N ASP A 79 11.66 -2.22 0.60
CA ASP A 79 12.64 -1.14 0.50
C ASP A 79 12.00 0.13 -0.06
N GLN A 80 11.00 -0.05 -0.91
CA GLN A 80 10.32 1.09 -1.53
C GLN A 80 9.15 1.54 -0.68
N LEU A 81 8.49 0.60 -0.01
CA LEU A 81 7.36 0.91 0.85
C LEU A 81 7.80 1.69 2.08
N HIS A 82 8.98 1.36 2.59
CA HIS A 82 9.52 2.04 3.77
C HIS A 82 9.77 3.51 3.48
N ALA A 83 10.42 3.79 2.35
CA ALA A 83 10.73 5.15 1.96
C ALA A 83 9.47 6.02 1.98
N GLN A 84 8.35 5.44 1.58
CA GLN A 84 7.08 6.16 1.54
C GLN A 84 6.56 6.38 2.96
N LEU A 85 6.44 5.31 3.73
CA LEU A 85 5.95 5.39 5.09
C LEU A 85 6.77 6.38 5.90
N ARG A 86 8.03 6.54 5.54
CA ARG A 86 8.92 7.46 6.24
C ARG A 86 8.49 8.91 6.02
N ASP A 87 7.92 9.18 4.85
CA ASP A 87 7.46 10.52 4.51
C ASP A 87 6.07 10.77 5.07
N LEU A 88 5.27 9.70 5.15
CA LEU A 88 3.91 9.81 5.66
C LEU A 88 3.91 10.17 7.15
N THR A 89 4.66 9.41 7.93
CA THR A 89 4.75 9.65 9.36
C THR A 89 5.24 11.06 9.66
N SER A 90 6.03 11.61 8.75
CA SER A 90 6.57 12.95 8.90
C SER A 90 5.62 14.00 8.32
N SER A 91 4.78 14.58 9.17
CA SER A 91 3.82 15.58 8.73
C SER A 91 2.86 15.00 7.71
N SER A 92 1.65 14.66 8.16
CA SER A 92 0.64 14.09 7.28
C SER A 92 0.40 14.98 6.07
N GLY A 1 2.62 -11.48 -29.08
CA GLY A 1 1.69 -10.43 -29.44
C GLY A 1 1.02 -10.67 -30.78
N SER A 2 0.32 -11.79 -30.89
CA SER A 2 -0.37 -12.15 -32.13
C SER A 2 -1.88 -12.12 -31.94
N SER A 3 -2.34 -11.31 -30.99
CA SER A 3 -3.76 -11.20 -30.70
C SER A 3 -4.03 -10.08 -29.69
N GLY A 4 -3.67 -10.33 -28.44
CA GLY A 4 -3.88 -9.35 -27.39
C GLY A 4 -3.93 -9.97 -26.01
N SER A 5 -4.73 -11.02 -25.88
CA SER A 5 -4.88 -11.71 -24.59
C SER A 5 -5.45 -10.77 -23.53
N SER A 6 -6.69 -10.33 -23.74
CA SER A 6 -7.35 -9.42 -22.81
C SER A 6 -8.84 -9.72 -22.72
N GLY A 7 -9.50 -9.10 -21.75
CA GLY A 7 -10.93 -9.32 -21.58
C GLY A 7 -11.69 -8.01 -21.36
N GLN A 8 -12.59 -8.01 -20.38
CA GLN A 8 -13.38 -6.83 -20.08
C GLN A 8 -12.48 -5.64 -19.77
N MET A 9 -13.04 -4.44 -19.85
CA MET A 9 -12.30 -3.22 -19.56
C MET A 9 -13.20 -2.15 -18.96
N SER A 10 -14.03 -2.56 -18.01
CA SER A 10 -14.95 -1.64 -17.35
C SER A 10 -15.02 -1.93 -15.86
N LEU A 11 -13.91 -2.36 -15.29
CA LEU A 11 -13.84 -2.67 -13.86
C LEU A 11 -13.02 -1.62 -13.11
N GLU A 12 -12.12 -0.97 -13.83
CA GLU A 12 -11.27 0.06 -13.23
C GLU A 12 -12.09 1.29 -12.86
N GLY A 13 -12.08 1.64 -11.57
CA GLY A 13 -12.81 2.79 -11.10
C GLY A 13 -12.79 2.93 -9.59
N THR A 14 -12.28 4.07 -9.11
CA THR A 14 -12.19 4.32 -7.68
C THR A 14 -11.94 5.79 -7.39
N GLU A 15 -12.58 6.31 -6.36
CA GLU A 15 -12.42 7.71 -5.98
C GLU A 15 -11.80 7.84 -4.59
N LYS A 16 -10.81 8.70 -4.46
CA LYS A 16 -10.13 8.91 -3.19
C LYS A 16 -9.48 7.63 -2.69
N ALA A 17 -8.84 7.70 -1.53
CA ALA A 17 -8.18 6.54 -0.95
C ALA A 17 -8.63 6.32 0.49
N SER A 18 -8.90 5.06 0.84
CA SER A 18 -9.34 4.72 2.19
C SER A 18 -8.28 5.09 3.21
N TRP A 19 -7.04 5.26 2.74
CA TRP A 19 -5.93 5.61 3.62
C TRP A 19 -5.46 7.04 3.36
N LEU A 20 -6.31 7.83 2.72
CA LEU A 20 -5.98 9.21 2.41
C LEU A 20 -6.69 10.17 3.36
N GLY A 21 -5.92 10.98 4.07
CA GLY A 21 -6.50 11.94 5.00
C GLY A 21 -6.15 11.61 6.44
N GLU A 22 -5.74 10.37 6.70
CA GLU A 22 -5.38 9.94 8.04
C GLU A 22 -3.94 9.45 8.08
N GLN A 23 -3.26 9.73 9.18
CA GLN A 23 -1.87 9.31 9.34
C GLN A 23 -1.74 7.79 9.27
N PRO A 24 -0.52 7.31 8.99
CA PRO A 24 -0.24 5.87 8.88
C PRO A 24 -0.34 5.16 10.23
N GLN A 25 -0.47 5.93 11.30
CA GLN A 25 -0.57 5.37 12.64
C GLN A 25 -2.01 4.99 12.96
N PHE A 26 -2.95 5.63 12.29
CA PHE A 26 -4.37 5.37 12.51
C PHE A 26 -4.98 4.66 11.31
N TRP A 27 -4.27 3.65 10.79
CA TRP A 27 -4.75 2.89 9.64
C TRP A 27 -5.44 1.60 10.08
N SER A 28 -6.32 1.08 9.23
CA SER A 28 -7.04 -0.14 9.53
C SER A 28 -6.44 -1.33 8.80
N LYS A 29 -6.84 -2.53 9.19
CA LYS A 29 -6.33 -3.75 8.58
C LYS A 29 -6.58 -3.73 7.07
N THR A 30 -7.63 -3.04 6.65
CA THR A 30 -7.97 -2.94 5.23
C THR A 30 -7.17 -1.84 4.55
N GLN A 31 -7.06 -0.69 5.20
CA GLN A 31 -6.33 0.44 4.66
C GLN A 31 -4.91 0.02 4.26
N VAL A 32 -4.24 -0.70 5.15
CA VAL A 32 -2.88 -1.16 4.90
C VAL A 32 -2.79 -1.88 3.56
N LEU A 33 -3.45 -3.03 3.45
CA LEU A 33 -3.44 -3.81 2.23
C LEU A 33 -3.86 -2.96 1.03
N ASP A 34 -4.71 -1.97 1.30
CA ASP A 34 -5.19 -1.07 0.24
C ASP A 34 -4.07 -0.15 -0.24
N TRP A 35 -3.19 0.24 0.67
CA TRP A 35 -2.08 1.12 0.35
C TRP A 35 -0.99 0.36 -0.41
N ILE A 36 -0.84 -0.93 -0.12
CA ILE A 36 0.15 -1.75 -0.78
C ILE A 36 -0.10 -1.83 -2.28
N SER A 37 -1.33 -2.17 -2.66
CA SER A 37 -1.69 -2.28 -4.06
C SER A 37 -1.31 -1.01 -4.82
N TYR A 38 -1.44 0.13 -4.15
CA TYR A 38 -1.10 1.41 -4.76
C TYR A 38 0.37 1.46 -5.15
N GLN A 39 1.24 1.04 -4.23
CA GLN A 39 2.67 1.05 -4.46
C GLN A 39 3.08 -0.12 -5.36
N VAL A 40 2.25 -1.16 -5.37
CA VAL A 40 2.52 -2.34 -6.19
C VAL A 40 2.15 -2.10 -7.65
N GLU A 41 1.19 -1.21 -7.87
CA GLU A 41 0.75 -0.89 -9.22
C GLU A 41 1.56 0.28 -9.80
N LYS A 42 2.10 1.10 -8.92
CA LYS A 42 2.91 2.25 -9.34
C LYS A 42 4.26 1.80 -9.90
N ASN A 43 4.94 0.94 -9.15
CA ASN A 43 6.24 0.43 -9.57
C ASN A 43 6.08 -0.73 -10.56
N LYS A 44 4.83 -1.07 -10.85
CA LYS A 44 4.54 -2.16 -11.78
C LYS A 44 5.06 -3.49 -11.24
N TYR A 45 5.27 -3.56 -9.93
CA TYR A 45 5.76 -4.77 -9.29
C TYR A 45 4.88 -5.97 -9.64
N ASP A 46 5.52 -7.07 -10.01
CA ASP A 46 4.79 -8.29 -10.36
C ASP A 46 3.80 -8.67 -9.27
N ALA A 47 4.14 -8.34 -8.03
CA ALA A 47 3.28 -8.64 -6.89
C ALA A 47 3.12 -10.14 -6.72
N SER A 48 4.09 -10.90 -7.20
CA SER A 48 4.06 -12.36 -7.10
C SER A 48 5.04 -12.86 -6.04
N ALA A 49 5.32 -12.01 -5.06
CA ALA A 49 6.25 -12.37 -3.99
C ALA A 49 5.69 -11.97 -2.63
N ILE A 50 5.08 -10.79 -2.57
CA ILE A 50 4.50 -10.29 -1.33
C ILE A 50 3.52 -11.30 -0.73
N ASP A 51 3.51 -11.40 0.60
CA ASP A 51 2.63 -12.32 1.28
C ASP A 51 1.52 -11.56 2.02
N PHE A 52 0.46 -11.23 1.31
CA PHE A 52 -0.66 -10.50 1.89
C PHE A 52 -1.20 -11.23 3.12
N SER A 53 -1.14 -12.55 3.10
CA SER A 53 -1.62 -13.37 4.21
C SER A 53 -0.87 -13.01 5.50
N ARG A 54 0.36 -12.55 5.35
CA ARG A 54 1.18 -12.17 6.51
C ARG A 54 0.89 -10.74 6.92
N CYS A 55 0.45 -9.92 5.97
CA CYS A 55 0.14 -8.52 6.24
C CYS A 55 -1.11 -8.40 7.11
N ASP A 56 -0.92 -8.50 8.42
CA ASP A 56 -2.03 -8.40 9.37
C ASP A 56 -1.94 -7.11 10.18
N MET A 57 -1.02 -6.24 9.79
CA MET A 57 -0.83 -4.97 10.47
C MET A 57 -2.02 -4.03 10.22
N ASP A 58 -2.62 -3.55 11.30
CA ASP A 58 -3.76 -2.64 11.19
C ASP A 58 -3.32 -1.25 10.76
N GLY A 59 -2.32 -0.71 11.45
CA GLY A 59 -1.82 0.62 11.12
C GLY A 59 -0.63 1.01 11.97
N ALA A 60 -0.82 1.03 13.29
CA ALA A 60 0.24 1.39 14.21
C ALA A 60 1.39 0.39 14.15
N THR A 61 1.06 -0.85 13.81
CA THR A 61 2.06 -1.90 13.71
C THR A 61 2.90 -1.77 12.45
N LEU A 62 2.27 -1.24 11.40
CA LEU A 62 2.95 -1.05 10.12
C LEU A 62 4.11 -0.06 10.26
N CYS A 63 3.81 1.11 10.80
CA CYS A 63 4.83 2.14 10.99
C CYS A 63 5.82 1.72 12.08
N ASN A 64 5.35 0.94 13.04
CA ASN A 64 6.19 0.48 14.14
C ASN A 64 7.13 -0.63 13.67
N CYS A 65 6.70 -1.37 12.65
CA CYS A 65 7.50 -2.46 12.11
C CYS A 65 8.89 -1.99 11.73
N ALA A 66 9.81 -2.94 11.55
CA ALA A 66 11.18 -2.61 11.18
C ALA A 66 11.38 -2.68 9.67
N LEU A 67 12.39 -1.98 9.17
CA LEU A 67 12.69 -1.96 7.75
C LEU A 67 12.79 -3.39 7.19
N GLU A 68 13.74 -4.16 7.72
CA GLU A 68 13.94 -5.53 7.28
C GLU A 68 12.62 -6.31 7.32
N GLU A 69 11.81 -6.03 8.35
CA GLU A 69 10.53 -6.71 8.50
C GLU A 69 9.65 -6.51 7.27
N LEU A 70 9.42 -5.26 6.90
CA LEU A 70 8.61 -4.93 5.75
C LEU A 70 9.16 -5.59 4.48
N ARG A 71 10.46 -5.85 4.48
CA ARG A 71 11.11 -6.47 3.34
C ARG A 71 10.87 -7.99 3.33
N LEU A 72 10.55 -8.53 4.50
CA LEU A 72 10.29 -9.96 4.63
C LEU A 72 8.80 -10.26 4.46
N VAL A 73 7.97 -9.23 4.57
CA VAL A 73 6.53 -9.37 4.43
C VAL A 73 6.06 -8.93 3.05
N PHE A 74 6.80 -8.00 2.46
CA PHE A 74 6.46 -7.48 1.13
C PHE A 74 7.61 -7.70 0.15
N GLY A 75 8.45 -8.68 0.45
CA GLY A 75 9.58 -8.98 -0.41
C GLY A 75 10.53 -7.79 -0.56
N PRO A 76 11.18 -7.71 -1.72
CA PRO A 76 12.13 -6.62 -2.02
C PRO A 76 11.44 -5.28 -2.20
N LEU A 77 10.10 -5.30 -2.22
CA LEU A 77 9.32 -4.09 -2.39
C LEU A 77 9.30 -3.26 -1.11
N GLY A 78 9.51 -3.93 0.02
CA GLY A 78 9.53 -3.24 1.30
C GLY A 78 10.48 -2.05 1.30
N ASP A 79 11.65 -2.23 0.72
CA ASP A 79 12.65 -1.16 0.66
C ASP A 79 12.04 0.11 0.09
N GLN A 80 11.09 -0.05 -0.82
CA GLN A 80 10.43 1.09 -1.45
C GLN A 80 9.25 1.58 -0.60
N LEU A 81 8.56 0.64 0.04
CA LEU A 81 7.42 0.96 0.88
C LEU A 81 7.86 1.75 2.12
N HIS A 82 9.02 1.38 2.65
CA HIS A 82 9.55 2.06 3.83
C HIS A 82 9.81 3.54 3.55
N ALA A 83 10.51 3.81 2.47
CA ALA A 83 10.83 5.19 2.09
C ALA A 83 9.55 6.03 2.00
N GLN A 84 8.44 5.39 1.64
CA GLN A 84 7.17 6.08 1.52
C GLN A 84 6.57 6.36 2.90
N LEU A 85 6.42 5.31 3.70
CA LEU A 85 5.86 5.45 5.04
C LEU A 85 6.66 6.45 5.87
N ARG A 86 7.95 6.56 5.57
CA ARG A 86 8.83 7.48 6.28
C ARG A 86 8.42 8.93 6.02
N ASP A 87 7.86 9.18 4.84
CA ASP A 87 7.42 10.52 4.48
C ASP A 87 6.03 10.81 5.02
N LEU A 88 5.18 9.79 5.04
CA LEU A 88 3.82 9.93 5.54
C LEU A 88 3.82 10.45 6.98
N THR A 89 4.79 9.99 7.77
CA THR A 89 4.91 10.39 9.16
C THR A 89 5.77 11.64 9.29
N SER A 90 6.85 11.69 8.52
CA SER A 90 7.77 12.82 8.55
C SER A 90 7.02 14.13 8.33
N SER A 91 5.96 14.07 7.54
CA SER A 91 5.15 15.25 7.24
C SER A 91 3.69 14.88 7.06
N SER A 92 2.81 15.70 7.61
CA SER A 92 1.37 15.46 7.52
C SER A 92 0.99 14.15 8.18
N GLY A 1 -12.49 -22.84 -22.97
CA GLY A 1 -11.28 -23.11 -22.22
C GLY A 1 -11.57 -23.42 -20.77
N SER A 2 -10.51 -23.67 -20.00
CA SER A 2 -10.66 -23.98 -18.58
C SER A 2 -10.80 -22.70 -17.75
N SER A 3 -12.02 -22.44 -17.29
CA SER A 3 -12.28 -21.25 -16.49
C SER A 3 -13.32 -21.54 -15.41
N GLY A 4 -13.62 -20.53 -14.59
CA GLY A 4 -14.60 -20.70 -13.54
C GLY A 4 -15.61 -19.58 -13.50
N SER A 5 -15.12 -18.34 -13.58
CA SER A 5 -16.00 -17.17 -13.55
C SER A 5 -15.38 -16.02 -14.35
N SER A 6 -16.15 -15.47 -15.28
CA SER A 6 -15.68 -14.36 -16.10
C SER A 6 -15.45 -13.12 -15.25
N GLY A 7 -14.62 -12.21 -15.76
CA GLY A 7 -14.31 -10.99 -15.04
C GLY A 7 -14.94 -9.77 -15.68
N GLN A 8 -14.39 -8.60 -15.38
CA GLN A 8 -14.90 -7.35 -15.93
C GLN A 8 -13.77 -6.37 -16.21
N MET A 9 -13.97 -5.53 -17.22
CA MET A 9 -12.96 -4.54 -17.60
C MET A 9 -13.47 -3.12 -17.37
N SER A 10 -14.28 -2.96 -16.33
CA SER A 10 -14.85 -1.65 -15.99
C SER A 10 -14.76 -1.39 -14.49
N LEU A 11 -14.49 -0.14 -14.13
CA LEU A 11 -14.39 0.25 -12.73
C LEU A 11 -15.65 0.97 -12.28
N GLU A 12 -15.89 0.93 -10.96
CA GLU A 12 -17.07 1.59 -10.40
C GLU A 12 -16.83 1.95 -8.93
N GLY A 13 -17.17 3.19 -8.57
CA GLY A 13 -16.99 3.64 -7.21
C GLY A 13 -15.54 3.58 -6.77
N THR A 14 -14.68 4.34 -7.44
CA THR A 14 -13.26 4.36 -7.11
C THR A 14 -12.75 5.79 -6.98
N GLU A 15 -13.09 6.44 -5.86
CA GLU A 15 -12.66 7.81 -5.61
C GLU A 15 -11.97 7.92 -4.26
N LYS A 16 -10.98 8.80 -4.17
CA LYS A 16 -10.24 9.01 -2.95
C LYS A 16 -9.58 7.72 -2.48
N ALA A 17 -8.84 7.80 -1.38
CA ALA A 17 -8.15 6.64 -0.83
C ALA A 17 -8.55 6.41 0.62
N SER A 18 -8.81 5.14 0.97
CA SER A 18 -9.20 4.79 2.32
C SER A 18 -8.10 5.14 3.32
N TRP A 19 -6.90 5.32 2.81
CA TRP A 19 -5.75 5.66 3.65
C TRP A 19 -5.29 7.09 3.40
N LEU A 20 -6.17 7.89 2.80
CA LEU A 20 -5.85 9.28 2.49
C LEU A 20 -6.60 10.22 3.43
N GLY A 21 -5.84 11.04 4.16
CA GLY A 21 -6.44 11.98 5.09
C GLY A 21 -6.13 11.65 6.54
N GLU A 22 -5.71 10.41 6.78
CA GLU A 22 -5.39 9.97 8.13
C GLU A 22 -3.94 9.48 8.20
N GLN A 23 -3.28 9.76 9.32
CA GLN A 23 -1.89 9.35 9.52
C GLN A 23 -1.77 7.83 9.42
N PRO A 24 -0.53 7.36 9.18
CA PRO A 24 -0.24 5.92 9.06
C PRO A 24 -0.37 5.20 10.40
N GLN A 25 -0.52 5.96 11.47
CA GLN A 25 -0.65 5.40 12.81
C GLN A 25 -2.10 5.00 13.10
N PHE A 26 -3.03 5.65 12.40
CA PHE A 26 -4.45 5.36 12.59
C PHE A 26 -5.03 4.67 11.36
N TRP A 27 -4.32 3.67 10.86
CA TRP A 27 -4.75 2.91 9.69
C TRP A 27 -5.44 1.62 10.11
N SER A 28 -6.24 1.06 9.20
CA SER A 28 -6.96 -0.18 9.48
C SER A 28 -6.32 -1.35 8.72
N LYS A 29 -6.76 -2.56 9.06
CA LYS A 29 -6.25 -3.76 8.41
C LYS A 29 -6.50 -3.72 6.91
N THR A 30 -7.53 -2.98 6.51
CA THR A 30 -7.88 -2.87 5.09
C THR A 30 -7.08 -1.75 4.42
N GLN A 31 -6.94 -0.63 5.12
CA GLN A 31 -6.19 0.51 4.59
C GLN A 31 -4.77 0.09 4.20
N VAL A 32 -4.09 -0.59 5.10
CA VAL A 32 -2.72 -1.03 4.86
C VAL A 32 -2.63 -1.81 3.54
N LEU A 33 -3.30 -2.95 3.50
CA LEU A 33 -3.30 -3.80 2.30
C LEU A 33 -3.75 -3.00 1.08
N ASP A 34 -4.61 -2.02 1.31
CA ASP A 34 -5.12 -1.18 0.23
C ASP A 34 -4.05 -0.21 -0.27
N TRP A 35 -3.13 0.14 0.62
CA TRP A 35 -2.05 1.06 0.28
C TRP A 35 -0.94 0.34 -0.48
N ILE A 36 -0.75 -0.94 -0.15
CA ILE A 36 0.28 -1.74 -0.80
C ILE A 36 0.03 -1.85 -2.29
N SER A 37 -1.18 -2.25 -2.67
CA SER A 37 -1.55 -2.39 -4.07
C SER A 37 -1.21 -1.13 -4.86
N TYR A 38 -1.37 0.02 -4.20
CA TYR A 38 -1.08 1.30 -4.83
C TYR A 38 0.40 1.40 -5.22
N GLN A 39 1.27 1.02 -4.29
CA GLN A 39 2.70 1.06 -4.54
C GLN A 39 3.15 -0.10 -5.41
N VAL A 40 2.35 -1.17 -5.41
CA VAL A 40 2.66 -2.36 -6.20
C VAL A 40 2.29 -2.16 -7.67
N GLU A 41 1.29 -1.32 -7.90
CA GLU A 41 0.83 -1.04 -9.26
C GLU A 41 1.62 0.12 -9.87
N LYS A 42 2.15 0.98 -9.02
CA LYS A 42 2.93 2.13 -9.48
C LYS A 42 4.38 1.74 -9.72
N ASN A 43 4.90 0.85 -8.89
CA ASN A 43 6.28 0.39 -9.00
C ASN A 43 6.40 -0.66 -10.10
N LYS A 44 5.27 -1.02 -10.71
CA LYS A 44 5.26 -2.01 -11.78
C LYS A 44 5.72 -3.37 -11.27
N TYR A 45 5.64 -3.56 -9.95
CA TYR A 45 6.06 -4.82 -9.34
C TYR A 45 5.16 -5.96 -9.78
N ASP A 46 5.75 -7.15 -9.92
CA ASP A 46 4.99 -8.33 -10.32
C ASP A 46 3.94 -8.70 -9.28
N ALA A 47 4.19 -8.31 -8.04
CA ALA A 47 3.27 -8.60 -6.95
C ALA A 47 3.09 -10.11 -6.76
N SER A 48 4.09 -10.88 -7.19
CA SER A 48 4.03 -12.33 -7.07
C SER A 48 4.98 -12.83 -5.99
N ALA A 49 5.24 -11.97 -5.01
CA ALA A 49 6.13 -12.32 -3.91
C ALA A 49 5.48 -12.02 -2.56
N ILE A 50 4.77 -10.91 -2.49
CA ILE A 50 4.08 -10.52 -1.26
C ILE A 50 3.23 -11.66 -0.72
N ASP A 51 3.57 -12.13 0.48
CA ASP A 51 2.83 -13.20 1.12
C ASP A 51 1.37 -12.81 1.35
N PHE A 52 1.16 -11.53 1.67
CA PHE A 52 -0.19 -11.03 1.92
C PHE A 52 -0.88 -11.84 3.03
N SER A 53 -0.08 -12.44 3.89
CA SER A 53 -0.60 -13.25 4.99
C SER A 53 -0.04 -12.80 6.33
N ARG A 54 1.25 -12.45 6.32
CA ARG A 54 1.92 -12.00 7.53
C ARG A 54 1.57 -10.55 7.85
N CYS A 55 1.18 -9.80 6.82
CA CYS A 55 0.81 -8.40 6.99
C CYS A 55 -0.55 -8.27 7.66
N ASP A 56 -0.59 -8.49 8.97
CA ASP A 56 -1.83 -8.40 9.73
C ASP A 56 -1.88 -7.10 10.53
N MET A 57 -0.92 -6.22 10.28
CA MET A 57 -0.87 -4.94 10.97
C MET A 57 -1.96 -4.00 10.49
N ASP A 58 -2.77 -3.50 11.42
CA ASP A 58 -3.85 -2.58 11.08
C ASP A 58 -3.31 -1.22 10.69
N GLY A 59 -2.33 -0.74 11.46
CA GLY A 59 -1.74 0.57 11.18
C GLY A 59 -0.66 0.94 12.18
N ALA A 60 -1.04 1.04 13.45
CA ALA A 60 -0.10 1.39 14.50
C ALA A 60 1.10 0.45 14.50
N THR A 61 0.87 -0.79 14.08
CA THR A 61 1.94 -1.79 14.03
C THR A 61 2.80 -1.61 12.79
N LEU A 62 2.23 -1.01 11.75
CA LEU A 62 2.94 -0.77 10.51
C LEU A 62 4.02 0.30 10.70
N CYS A 63 3.64 1.41 11.32
CA CYS A 63 4.57 2.50 11.56
C CYS A 63 5.65 2.10 12.56
N ASN A 64 5.33 1.11 13.39
CA ASN A 64 6.28 0.63 14.39
C ASN A 64 7.20 -0.45 13.80
N CYS A 65 6.71 -1.13 12.77
CA CYS A 65 7.48 -2.19 12.12
C CYS A 65 8.86 -1.68 11.72
N ALA A 66 9.75 -2.61 11.37
CA ALA A 66 11.10 -2.26 10.97
C ALA A 66 11.28 -2.38 9.46
N LEU A 67 12.30 -1.70 8.94
CA LEU A 67 12.59 -1.73 7.50
C LEU A 67 12.68 -3.17 7.00
N GLU A 68 13.63 -3.92 7.55
CA GLU A 68 13.82 -5.31 7.15
C GLU A 68 12.51 -6.10 7.22
N GLU A 69 11.72 -5.81 8.25
CA GLU A 69 10.44 -6.48 8.44
C GLU A 69 9.56 -6.33 7.20
N LEU A 70 9.35 -5.09 6.78
CA LEU A 70 8.53 -4.81 5.60
C LEU A 70 9.10 -5.50 4.36
N ARG A 71 10.40 -5.74 4.38
CA ARG A 71 11.08 -6.39 3.26
C ARG A 71 10.87 -7.90 3.31
N LEU A 72 10.55 -8.41 4.48
CA LEU A 72 10.34 -9.84 4.66
C LEU A 72 8.86 -10.19 4.50
N VAL A 73 8.00 -9.17 4.57
CA VAL A 73 6.56 -9.37 4.42
C VAL A 73 6.10 -8.98 3.02
N PHE A 74 6.81 -8.04 2.41
CA PHE A 74 6.47 -7.57 1.07
C PHE A 74 7.63 -7.80 0.10
N GLY A 75 8.50 -8.75 0.43
CA GLY A 75 9.62 -9.05 -0.42
C GLY A 75 10.54 -7.86 -0.60
N PRO A 76 11.21 -7.78 -1.76
CA PRO A 76 12.14 -6.69 -2.08
C PRO A 76 11.40 -5.37 -2.31
N LEU A 77 10.07 -5.42 -2.34
CA LEU A 77 9.27 -4.23 -2.55
C LEU A 77 9.24 -3.37 -1.29
N GLY A 78 9.45 -3.99 -0.15
CA GLY A 78 9.46 -3.25 1.10
C GLY A 78 10.37 -2.05 1.08
N ASP A 79 11.54 -2.21 0.45
CA ASP A 79 12.51 -1.12 0.36
C ASP A 79 11.87 0.12 -0.23
N GLN A 80 10.85 -0.07 -1.06
CA GLN A 80 10.16 1.05 -1.69
C GLN A 80 9.02 1.54 -0.81
N LEU A 81 8.39 0.61 -0.09
CA LEU A 81 7.28 0.95 0.81
C LEU A 81 7.77 1.76 2.00
N HIS A 82 8.80 1.26 2.66
CA HIS A 82 9.37 1.93 3.83
C HIS A 82 9.68 3.39 3.51
N ALA A 83 10.30 3.62 2.35
CA ALA A 83 10.65 4.97 1.93
C ALA A 83 9.45 5.90 2.00
N GLN A 84 8.30 5.42 1.50
CA GLN A 84 7.08 6.22 1.51
C GLN A 84 6.58 6.44 2.94
N LEU A 85 6.45 5.36 3.68
CA LEU A 85 5.98 5.43 5.06
C LEU A 85 6.84 6.39 5.87
N ARG A 86 8.11 6.49 5.51
CA ARG A 86 9.04 7.38 6.21
C ARG A 86 8.64 8.84 6.03
N ASP A 87 7.97 9.13 4.91
CA ASP A 87 7.53 10.48 4.61
C ASP A 87 6.17 10.77 5.24
N LEU A 88 5.33 9.74 5.28
CA LEU A 88 3.99 9.87 5.85
C LEU A 88 4.06 10.16 7.34
N THR A 89 4.87 9.39 8.05
CA THR A 89 5.02 9.57 9.49
C THR A 89 5.79 10.84 9.81
N SER A 90 6.76 11.17 8.97
CA SER A 90 7.57 12.36 9.17
C SER A 90 6.80 13.61 8.76
N SER A 91 6.41 14.41 9.76
CA SER A 91 5.66 15.64 9.50
C SER A 91 5.73 16.58 10.70
N SER A 92 5.50 17.86 10.46
CA SER A 92 5.56 18.86 11.52
C SER A 92 4.37 18.70 12.47
N GLY A 1 -40.21 14.45 -25.62
CA GLY A 1 -39.78 13.07 -25.59
C GLY A 1 -40.12 12.33 -26.88
N SER A 2 -39.17 12.31 -27.81
CA SER A 2 -39.38 11.63 -29.09
C SER A 2 -38.05 11.19 -29.69
N SER A 3 -37.06 12.07 -29.62
CA SER A 3 -35.73 11.78 -30.15
C SER A 3 -34.89 10.99 -29.15
N GLY A 4 -34.97 11.39 -27.88
CA GLY A 4 -34.21 10.71 -26.85
C GLY A 4 -33.05 11.56 -26.33
N SER A 5 -32.11 10.91 -25.66
CA SER A 5 -30.95 11.60 -25.11
C SER A 5 -29.66 11.03 -25.69
N SER A 6 -28.54 11.69 -25.39
CA SER A 6 -27.24 11.26 -25.89
C SER A 6 -26.80 9.97 -25.19
N GLY A 7 -26.72 10.02 -23.87
CA GLY A 7 -26.31 8.86 -23.10
C GLY A 7 -24.81 8.62 -23.17
N GLN A 8 -24.07 9.26 -22.27
CA GLN A 8 -22.61 9.12 -22.23
C GLN A 8 -22.20 8.20 -21.09
N MET A 9 -21.17 7.40 -21.34
CA MET A 9 -20.66 6.47 -20.34
C MET A 9 -19.78 7.20 -19.32
N SER A 10 -20.40 7.68 -18.25
CA SER A 10 -19.67 8.39 -17.20
C SER A 10 -19.97 7.81 -15.83
N LEU A 11 -19.20 6.81 -15.42
CA LEU A 11 -19.39 6.17 -14.13
C LEU A 11 -18.06 5.92 -13.44
N GLU A 12 -18.06 5.93 -12.11
CA GLU A 12 -16.85 5.70 -11.34
C GLU A 12 -17.00 4.47 -10.45
N GLY A 13 -15.87 3.92 -10.02
CA GLY A 13 -15.90 2.74 -9.17
C GLY A 13 -15.43 3.04 -7.76
N THR A 14 -14.46 3.95 -7.63
CA THR A 14 -13.94 4.31 -6.33
C THR A 14 -13.17 5.63 -6.40
N GLU A 15 -13.43 6.52 -5.43
CA GLU A 15 -12.76 7.81 -5.39
C GLU A 15 -11.94 7.95 -4.11
N LYS A 16 -10.90 8.79 -4.18
CA LYS A 16 -10.03 9.01 -3.05
C LYS A 16 -9.41 7.69 -2.56
N ALA A 17 -8.63 7.78 -1.49
CA ALA A 17 -7.98 6.59 -0.92
C ALA A 17 -8.41 6.37 0.52
N SER A 18 -8.69 5.11 0.86
CA SER A 18 -9.11 4.76 2.21
C SER A 18 -8.04 5.11 3.23
N TRP A 19 -6.82 5.29 2.75
CA TRP A 19 -5.70 5.63 3.62
C TRP A 19 -5.23 7.06 3.38
N LEU A 20 -6.08 7.85 2.75
CA LEU A 20 -5.76 9.25 2.45
C LEU A 20 -6.52 10.19 3.39
N GLY A 21 -5.77 11.01 4.12
CA GLY A 21 -6.38 11.95 5.05
C GLY A 21 -6.09 11.61 6.49
N GLU A 22 -5.68 10.38 6.75
CA GLU A 22 -5.36 9.94 8.10
C GLU A 22 -3.93 9.44 8.19
N GLN A 23 -3.27 9.73 9.31
CA GLN A 23 -1.89 9.31 9.52
C GLN A 23 -1.76 7.79 9.44
N PRO A 24 -0.53 7.32 9.21
CA PRO A 24 -0.25 5.89 9.10
C PRO A 24 -0.37 5.16 10.44
N GLN A 25 -0.55 5.93 11.50
CA GLN A 25 -0.69 5.37 12.85
C GLN A 25 -2.13 4.98 13.12
N PHE A 26 -3.05 5.63 12.42
CA PHE A 26 -4.48 5.34 12.59
C PHE A 26 -5.05 4.64 11.36
N TRP A 27 -4.32 3.64 10.87
CA TRP A 27 -4.76 2.89 9.70
C TRP A 27 -5.46 1.59 10.11
N SER A 28 -6.21 1.02 9.19
CA SER A 28 -6.94 -0.22 9.46
C SER A 28 -6.31 -1.39 8.71
N LYS A 29 -6.72 -2.61 9.05
CA LYS A 29 -6.21 -3.81 8.41
C LYS A 29 -6.45 -3.77 6.90
N THR A 30 -7.47 -3.03 6.49
CA THR A 30 -7.80 -2.90 5.08
C THR A 30 -7.00 -1.79 4.42
N GLN A 31 -6.89 -0.65 5.10
CA GLN A 31 -6.15 0.48 4.57
C GLN A 31 -4.73 0.07 4.19
N VAL A 32 -4.04 -0.59 5.11
CA VAL A 32 -2.68 -1.05 4.87
C VAL A 32 -2.58 -1.82 3.57
N LEU A 33 -3.27 -2.96 3.51
CA LEU A 33 -3.26 -3.81 2.32
C LEU A 33 -3.65 -3.00 1.08
N ASP A 34 -4.61 -2.10 1.25
CA ASP A 34 -5.08 -1.27 0.14
C ASP A 34 -3.97 -0.33 -0.33
N TRP A 35 -3.11 0.08 0.60
CA TRP A 35 -2.01 0.98 0.29
C TRP A 35 -0.91 0.26 -0.47
N ILE A 36 -0.73 -1.03 -0.17
CA ILE A 36 0.29 -1.83 -0.82
C ILE A 36 0.04 -1.91 -2.33
N SER A 37 -1.17 -2.29 -2.71
CA SER A 37 -1.53 -2.41 -4.11
C SER A 37 -1.19 -1.13 -4.87
N TYR A 38 -1.35 0.01 -4.20
CA TYR A 38 -1.06 1.30 -4.81
C TYR A 38 0.41 1.40 -5.19
N GLN A 39 1.29 1.01 -4.26
CA GLN A 39 2.72 1.06 -4.50
C GLN A 39 3.17 -0.10 -5.40
N VAL A 40 2.37 -1.15 -5.42
CA VAL A 40 2.68 -2.33 -6.24
C VAL A 40 2.29 -2.09 -7.70
N GLU A 41 1.28 -1.24 -7.91
CA GLU A 41 0.82 -0.94 -9.25
C GLU A 41 1.58 0.25 -9.84
N LYS A 42 2.09 1.11 -8.96
CA LYS A 42 2.85 2.28 -9.38
C LYS A 42 4.21 1.89 -9.94
N ASN A 43 4.94 1.08 -9.18
CA ASN A 43 6.25 0.62 -9.60
C ASN A 43 6.16 -0.54 -10.58
N LYS A 44 4.92 -0.96 -10.86
CA LYS A 44 4.68 -2.06 -11.77
C LYS A 44 5.28 -3.36 -11.24
N TYR A 45 5.50 -3.41 -9.92
CA TYR A 45 6.06 -4.59 -9.29
C TYR A 45 5.28 -5.83 -9.66
N ASP A 46 6.00 -6.92 -9.94
CA ASP A 46 5.38 -8.19 -10.31
C ASP A 46 4.31 -8.58 -9.30
N ALA A 47 4.53 -8.21 -8.03
CA ALA A 47 3.59 -8.53 -6.97
C ALA A 47 3.45 -10.03 -6.78
N SER A 48 4.50 -10.77 -7.18
CA SER A 48 4.49 -12.23 -7.07
C SER A 48 5.39 -12.67 -5.93
N ALA A 49 5.57 -11.81 -4.93
CA ALA A 49 6.41 -12.12 -3.78
C ALA A 49 5.66 -11.88 -2.48
N ILE A 50 4.86 -10.82 -2.44
CA ILE A 50 4.08 -10.49 -1.26
C ILE A 50 3.20 -11.65 -0.83
N ASP A 51 3.38 -12.09 0.41
CA ASP A 51 2.59 -13.20 0.95
C ASP A 51 1.16 -12.77 1.21
N PHE A 52 0.97 -11.50 1.54
CA PHE A 52 -0.36 -10.97 1.81
C PHE A 52 -1.05 -11.77 2.91
N SER A 53 -0.26 -12.39 3.77
CA SER A 53 -0.79 -13.20 4.86
C SER A 53 -0.19 -12.77 6.19
N ARG A 54 1.09 -12.45 6.18
CA ARG A 54 1.79 -12.03 7.39
C ARG A 54 1.45 -10.58 7.74
N CYS A 55 1.07 -9.81 6.72
CA CYS A 55 0.71 -8.41 6.92
C CYS A 55 -0.64 -8.28 7.60
N ASP A 56 -0.66 -8.51 8.92
CA ASP A 56 -1.89 -8.41 9.70
C ASP A 56 -1.92 -7.12 10.50
N MET A 57 -0.97 -6.23 10.24
CA MET A 57 -0.89 -4.96 10.94
C MET A 57 -1.99 -4.01 10.47
N ASP A 58 -2.78 -3.51 11.41
CA ASP A 58 -3.86 -2.59 11.09
C ASP A 58 -3.33 -1.22 10.71
N GLY A 59 -2.36 -0.73 11.47
CA GLY A 59 -1.77 0.56 11.19
C GLY A 59 -0.68 0.93 12.17
N ALA A 60 -1.03 1.01 13.45
CA ALA A 60 -0.07 1.35 14.49
C ALA A 60 1.14 0.41 14.46
N THR A 61 0.89 -0.83 14.06
CA THR A 61 1.96 -1.83 13.99
C THR A 61 2.81 -1.64 12.74
N LEU A 62 2.22 -1.03 11.72
CA LEU A 62 2.94 -0.78 10.47
C LEU A 62 4.00 0.30 10.65
N CYS A 63 3.60 1.41 11.27
CA CYS A 63 4.53 2.52 11.51
C CYS A 63 5.61 2.11 12.51
N ASN A 64 5.29 1.13 13.35
CA ASN A 64 6.24 0.66 14.35
C ASN A 64 7.15 -0.42 13.79
N CYS A 65 6.67 -1.11 12.76
CA CYS A 65 7.44 -2.18 12.12
C CYS A 65 8.83 -1.67 11.73
N ALA A 66 9.72 -2.59 11.40
CA ALA A 66 11.07 -2.25 11.00
C ALA A 66 11.26 -2.37 9.49
N LEU A 67 12.28 -1.70 8.97
CA LEU A 67 12.56 -1.72 7.54
C LEU A 67 12.67 -3.16 7.03
N GLU A 68 13.61 -3.91 7.58
CA GLU A 68 13.83 -5.29 7.19
C GLU A 68 12.52 -6.08 7.26
N GLU A 69 11.71 -5.79 8.27
CA GLU A 69 10.43 -6.47 8.45
C GLU A 69 9.56 -6.32 7.20
N LEU A 70 9.33 -5.08 6.79
CA LEU A 70 8.51 -4.80 5.62
C LEU A 70 9.07 -5.49 4.38
N ARG A 71 10.38 -5.74 4.40
CA ARG A 71 11.05 -6.40 3.28
C ARG A 71 10.83 -7.91 3.33
N LEU A 72 10.51 -8.42 4.51
CA LEU A 72 10.28 -9.85 4.69
C LEU A 72 8.79 -10.18 4.53
N VAL A 73 7.94 -9.15 4.59
CA VAL A 73 6.50 -9.35 4.45
C VAL A 73 6.04 -8.95 3.05
N PHE A 74 6.76 -8.02 2.44
CA PHE A 74 6.43 -7.55 1.09
C PHE A 74 7.58 -7.79 0.12
N GLY A 75 8.43 -8.74 0.46
CA GLY A 75 9.57 -9.06 -0.38
C GLY A 75 10.49 -7.87 -0.56
N PRO A 76 11.16 -7.81 -1.73
CA PRO A 76 12.09 -6.73 -2.05
C PRO A 76 11.38 -5.40 -2.29
N LEU A 77 10.05 -5.45 -2.31
CA LEU A 77 9.25 -4.25 -2.53
C LEU A 77 9.23 -3.37 -1.28
N GLY A 78 9.44 -3.99 -0.13
CA GLY A 78 9.45 -3.26 1.12
C GLY A 78 10.38 -2.07 1.08
N ASP A 79 11.55 -2.24 0.49
CA ASP A 79 12.53 -1.17 0.39
C ASP A 79 11.90 0.09 -0.21
N GLN A 80 10.90 -0.09 -1.05
CA GLN A 80 10.21 1.03 -1.69
C GLN A 80 9.05 1.51 -0.83
N LEU A 81 8.43 0.58 -0.10
CA LEU A 81 7.30 0.91 0.77
C LEU A 81 7.76 1.73 1.97
N HIS A 82 8.79 1.25 2.64
CA HIS A 82 9.33 1.95 3.81
C HIS A 82 9.63 3.41 3.48
N ALA A 83 10.23 3.65 2.33
CA ALA A 83 10.56 4.99 1.90
C ALA A 83 9.35 5.92 1.98
N GLN A 84 8.21 5.43 1.48
CA GLN A 84 6.97 6.22 1.50
C GLN A 84 6.48 6.41 2.93
N LEU A 85 6.46 5.33 3.71
CA LEU A 85 6.01 5.38 5.08
C LEU A 85 6.84 6.36 5.89
N ARG A 86 8.11 6.49 5.53
CA ARG A 86 9.02 7.40 6.22
C ARG A 86 8.59 8.85 6.01
N ASP A 87 7.98 9.13 4.87
CA ASP A 87 7.51 10.48 4.56
C ASP A 87 6.18 10.76 5.23
N LEU A 88 5.32 9.75 5.31
CA LEU A 88 4.01 9.90 5.93
C LEU A 88 4.14 10.27 7.40
N THR A 89 4.98 9.52 8.12
CA THR A 89 5.19 9.78 9.54
C THR A 89 6.07 11.00 9.76
N SER A 90 7.29 10.95 9.21
CA SER A 90 8.23 12.06 9.35
C SER A 90 8.03 13.08 8.23
N SER A 91 7.50 14.24 8.59
CA SER A 91 7.25 15.29 7.61
C SER A 91 8.05 16.55 7.97
N SER A 92 9.22 16.70 7.36
CA SER A 92 10.06 17.86 7.61
C SER A 92 9.58 19.08 6.83
N GLY A 1 -22.17 15.40 -35.83
CA GLY A 1 -22.24 16.73 -35.24
C GLY A 1 -22.37 16.68 -33.72
N SER A 2 -22.17 17.83 -33.08
CA SER A 2 -22.25 17.91 -31.63
C SER A 2 -21.31 16.90 -30.97
N SER A 3 -21.41 16.79 -29.65
CA SER A 3 -20.57 15.85 -28.90
C SER A 3 -19.09 16.09 -29.21
N GLY A 4 -18.76 17.32 -29.56
CA GLY A 4 -17.38 17.66 -29.87
C GLY A 4 -17.01 19.07 -29.47
N SER A 5 -15.92 19.19 -28.71
CA SER A 5 -15.47 20.50 -28.24
C SER A 5 -13.94 20.58 -28.23
N SER A 6 -13.41 21.72 -27.83
CA SER A 6 -11.97 21.92 -27.77
C SER A 6 -11.61 22.91 -26.67
N GLY A 7 -10.44 22.70 -26.06
CA GLY A 7 -10.00 23.58 -24.99
C GLY A 7 -9.04 22.90 -24.03
N GLN A 8 -8.00 23.61 -23.62
CA GLN A 8 -7.01 23.07 -22.70
C GLN A 8 -7.27 23.53 -21.28
N MET A 9 -6.46 23.07 -20.34
CA MET A 9 -6.59 23.45 -18.94
C MET A 9 -7.97 23.06 -18.41
N SER A 10 -8.53 21.99 -18.96
CA SER A 10 -9.85 21.52 -18.54
C SER A 10 -9.71 20.38 -17.52
N LEU A 11 -8.88 19.41 -17.84
CA LEU A 11 -8.66 18.26 -16.96
C LEU A 11 -7.40 18.46 -16.13
N GLU A 12 -7.43 17.96 -14.89
CA GLU A 12 -6.28 18.08 -13.99
C GLU A 12 -5.94 16.72 -13.37
N GLY A 13 -6.85 16.21 -12.55
CA GLY A 13 -6.63 14.93 -11.91
C GLY A 13 -6.93 14.97 -10.42
N THR A 14 -7.73 14.02 -9.96
CA THR A 14 -8.10 13.94 -8.55
C THR A 14 -8.51 12.52 -8.16
N GLU A 15 -7.64 11.84 -7.42
CA GLU A 15 -7.92 10.48 -6.99
C GLU A 15 -8.03 10.40 -5.47
N LYS A 16 -8.92 9.54 -4.99
CA LYS A 16 -9.12 9.37 -3.56
C LYS A 16 -8.41 8.11 -3.05
N ALA A 17 -8.61 7.80 -1.77
CA ALA A 17 -7.99 6.63 -1.17
C ALA A 17 -8.48 6.43 0.27
N SER A 18 -8.79 5.19 0.62
CA SER A 18 -9.26 4.88 1.96
C SER A 18 -8.20 5.21 3.00
N TRP A 19 -6.96 5.36 2.55
CA TRP A 19 -5.86 5.68 3.45
C TRP A 19 -5.35 7.10 3.19
N LEU A 20 -6.16 7.90 2.53
CA LEU A 20 -5.80 9.28 2.21
C LEU A 20 -6.49 10.26 3.15
N GLY A 21 -5.71 11.04 3.88
CA GLY A 21 -6.27 12.00 4.81
C GLY A 21 -5.92 11.69 6.24
N GLU A 22 -5.52 10.45 6.51
CA GLU A 22 -5.17 10.02 7.85
C GLU A 22 -3.74 9.49 7.89
N GLN A 23 -3.04 9.77 8.99
CA GLN A 23 -1.66 9.31 9.15
C GLN A 23 -1.58 7.79 9.09
N PRO A 24 -0.37 7.28 8.82
CA PRO A 24 -0.13 5.84 8.72
C PRO A 24 -0.23 5.14 10.08
N GLN A 25 -0.33 5.93 11.14
CA GLN A 25 -0.43 5.39 12.49
C GLN A 25 -1.88 5.06 12.83
N PHE A 26 -2.82 5.71 12.15
CA PHE A 26 -4.24 5.48 12.38
C PHE A 26 -4.88 4.78 11.19
N TRP A 27 -4.21 3.75 10.69
CA TRP A 27 -4.71 2.99 9.55
C TRP A 27 -5.42 1.73 10.02
N SER A 28 -6.25 1.16 9.14
CA SER A 28 -7.00 -0.05 9.46
C SER A 28 -6.41 -1.26 8.74
N LYS A 29 -6.81 -2.45 9.19
CA LYS A 29 -6.31 -3.68 8.58
C LYS A 29 -6.59 -3.71 7.08
N THR A 30 -7.61 -2.97 6.65
CA THR A 30 -7.97 -2.90 5.25
C THR A 30 -7.16 -1.82 4.53
N GLN A 31 -7.04 -0.66 5.15
CA GLN A 31 -6.29 0.45 4.58
C GLN A 31 -4.87 0.02 4.21
N VAL A 32 -4.24 -0.71 5.11
CA VAL A 32 -2.87 -1.18 4.88
C VAL A 32 -2.77 -1.91 3.55
N LEU A 33 -3.42 -3.06 3.44
CA LEU A 33 -3.40 -3.84 2.21
C LEU A 33 -3.81 -3.00 1.02
N ASP A 34 -4.76 -2.09 1.23
CA ASP A 34 -5.24 -1.21 0.17
C ASP A 34 -4.13 -0.26 -0.29
N TRP A 35 -3.25 0.09 0.63
CA TRP A 35 -2.15 1.00 0.33
C TRP A 35 -1.04 0.27 -0.43
N ILE A 36 -0.87 -1.01 -0.14
CA ILE A 36 0.15 -1.82 -0.79
C ILE A 36 -0.07 -1.88 -2.29
N SER A 37 -1.29 -2.23 -2.70
CA SER A 37 -1.63 -2.32 -4.11
C SER A 37 -1.24 -1.04 -4.85
N TYR A 38 -1.40 0.09 -4.18
CA TYR A 38 -1.06 1.38 -4.77
C TYR A 38 0.42 1.44 -5.13
N GLN A 39 1.26 1.04 -4.19
CA GLN A 39 2.71 1.05 -4.40
C GLN A 39 3.13 -0.10 -5.30
N VAL A 40 2.32 -1.14 -5.34
CA VAL A 40 2.62 -2.31 -6.17
C VAL A 40 2.27 -2.05 -7.63
N GLU A 41 1.31 -1.17 -7.85
CA GLU A 41 0.88 -0.83 -9.21
C GLU A 41 1.67 0.36 -9.75
N LYS A 42 2.17 1.19 -8.84
CA LYS A 42 2.94 2.37 -9.22
C LYS A 42 4.31 1.97 -9.75
N ASN A 43 5.01 1.13 -8.98
CA ASN A 43 6.34 0.68 -9.38
C ASN A 43 6.24 -0.48 -10.38
N LYS A 44 5.02 -0.87 -10.70
CA LYS A 44 4.79 -1.95 -11.64
C LYS A 44 5.34 -3.27 -11.10
N TYR A 45 5.51 -3.34 -9.80
CA TYR A 45 6.03 -4.54 -9.15
C TYR A 45 5.24 -5.77 -9.57
N ASP A 46 5.95 -6.85 -9.86
CA ASP A 46 5.32 -8.10 -10.27
C ASP A 46 4.23 -8.51 -9.29
N ALA A 47 4.43 -8.18 -8.02
CA ALA A 47 3.47 -8.51 -6.97
C ALA A 47 3.34 -10.02 -6.81
N SER A 48 4.37 -10.75 -7.23
CA SER A 48 4.36 -12.21 -7.13
C SER A 48 5.28 -12.68 -6.01
N ALA A 49 5.48 -11.83 -5.01
CA ALA A 49 6.33 -12.16 -3.88
C ALA A 49 5.63 -11.90 -2.55
N ILE A 50 4.88 -10.80 -2.51
CA ILE A 50 4.14 -10.43 -1.30
C ILE A 50 3.22 -11.55 -0.86
N ASP A 51 3.38 -11.98 0.40
CA ASP A 51 2.57 -13.04 0.95
C ASP A 51 1.14 -12.56 1.22
N PHE A 52 1.02 -11.28 1.58
CA PHE A 52 -0.29 -10.69 1.85
C PHE A 52 -1.01 -11.49 2.95
N SER A 53 -0.25 -12.16 3.79
CA SER A 53 -0.82 -12.96 4.87
C SER A 53 -0.20 -12.59 6.22
N ARG A 54 1.11 -12.32 6.20
CA ARG A 54 1.83 -11.95 7.41
C ARG A 54 1.54 -10.50 7.79
N CYS A 55 1.15 -9.70 6.80
CA CYS A 55 0.85 -8.30 7.03
C CYS A 55 -0.48 -8.13 7.75
N ASP A 56 -0.48 -8.42 9.06
CA ASP A 56 -1.69 -8.31 9.86
C ASP A 56 -1.72 -6.98 10.60
N MET A 57 -0.80 -6.09 10.26
CA MET A 57 -0.73 -4.77 10.89
C MET A 57 -1.91 -3.90 10.46
N ASP A 58 -2.64 -3.39 11.45
CA ASP A 58 -3.79 -2.54 11.17
C ASP A 58 -3.34 -1.15 10.72
N GLY A 59 -2.36 -0.59 11.42
CA GLY A 59 -1.87 0.73 11.07
C GLY A 59 -0.70 1.15 11.93
N ALA A 60 -0.89 1.11 13.24
CA ALA A 60 0.16 1.50 14.18
C ALA A 60 1.27 0.45 14.23
N THR A 61 0.92 -0.79 13.88
CA THR A 61 1.88 -1.88 13.89
C THR A 61 2.76 -1.85 12.64
N LEU A 62 2.23 -1.25 11.57
CA LEU A 62 2.97 -1.15 10.32
C LEU A 62 4.05 -0.07 10.41
N CYS A 63 3.64 1.13 10.81
CA CYS A 63 4.57 2.25 10.93
C CYS A 63 5.63 1.96 12.00
N ASN A 64 5.28 1.11 12.95
CA ASN A 64 6.20 0.75 14.02
C ASN A 64 7.17 -0.34 13.58
N CYS A 65 6.73 -1.15 12.61
CA CYS A 65 7.56 -2.23 12.09
C CYS A 65 8.93 -1.73 11.68
N ALA A 66 9.85 -2.65 11.40
CA ALA A 66 11.19 -2.29 11.00
C ALA A 66 11.38 -2.42 9.49
N LEU A 67 12.40 -1.76 8.97
CA LEU A 67 12.68 -1.80 7.54
C LEU A 67 12.77 -3.23 7.04
N GLU A 68 13.70 -3.99 7.59
CA GLU A 68 13.89 -5.39 7.21
C GLU A 68 12.57 -6.15 7.28
N GLU A 69 11.80 -5.88 8.33
CA GLU A 69 10.51 -6.54 8.52
C GLU A 69 9.63 -6.39 7.28
N LEU A 70 9.41 -5.15 6.87
CA LEU A 70 8.58 -4.86 5.71
C LEU A 70 9.15 -5.54 4.46
N ARG A 71 10.46 -5.78 4.47
CA ARG A 71 11.12 -6.42 3.34
C ARG A 71 10.91 -7.93 3.37
N LEU A 72 10.59 -8.45 4.55
CA LEU A 72 10.35 -9.89 4.72
C LEU A 72 8.88 -10.22 4.54
N VAL A 73 8.03 -9.20 4.62
CA VAL A 73 6.59 -9.39 4.47
C VAL A 73 6.13 -8.99 3.08
N PHE A 74 6.83 -8.04 2.48
CA PHE A 74 6.49 -7.56 1.14
C PHE A 74 7.65 -7.79 0.17
N GLY A 75 8.51 -8.74 0.50
CA GLY A 75 9.65 -9.04 -0.35
C GLY A 75 10.56 -7.85 -0.52
N PRO A 76 11.24 -7.77 -1.68
CA PRO A 76 12.17 -6.68 -2.00
C PRO A 76 11.45 -5.35 -2.22
N LEU A 77 10.11 -5.41 -2.23
CA LEU A 77 9.31 -4.21 -2.44
C LEU A 77 9.28 -3.35 -1.17
N GLY A 78 9.50 -3.98 -0.03
CA GLY A 78 9.49 -3.26 1.22
C GLY A 78 10.42 -2.06 1.21
N ASP A 79 11.60 -2.23 0.62
CA ASP A 79 12.58 -1.15 0.54
C ASP A 79 11.94 0.10 -0.05
N GLN A 80 10.96 -0.09 -0.92
CA GLN A 80 10.27 1.03 -1.56
C GLN A 80 9.10 1.51 -0.71
N LEU A 81 8.46 0.58 -0.03
CA LEU A 81 7.31 0.91 0.82
C LEU A 81 7.76 1.71 2.05
N HIS A 82 8.94 1.37 2.57
CA HIS A 82 9.49 2.05 3.73
C HIS A 82 9.70 3.53 3.44
N ALA A 83 10.27 3.83 2.28
CA ALA A 83 10.54 5.21 1.88
C ALA A 83 9.28 6.06 2.00
N GLN A 84 8.15 5.52 1.56
CA GLN A 84 6.89 6.23 1.62
C GLN A 84 6.43 6.41 3.06
N LEU A 85 6.31 5.30 3.79
CA LEU A 85 5.89 5.32 5.18
C LEU A 85 6.76 6.28 5.99
N ARG A 86 8.00 6.45 5.56
CA ARG A 86 8.93 7.34 6.25
C ARG A 86 8.54 8.80 6.06
N ASP A 87 8.11 9.13 4.85
CA ASP A 87 7.70 10.50 4.54
C ASP A 87 6.32 10.80 5.11
N LEU A 88 5.47 9.78 5.16
CA LEU A 88 4.11 9.94 5.69
C LEU A 88 4.14 10.30 7.17
N THR A 89 5.05 9.67 7.91
CA THR A 89 5.18 9.92 9.33
C THR A 89 5.99 11.19 9.59
N SER A 90 7.26 11.16 9.20
CA SER A 90 8.14 12.31 9.39
C SER A 90 8.19 12.72 10.86
N SER A 91 8.05 11.74 11.75
CA SER A 91 8.07 12.00 13.19
C SER A 91 6.91 12.90 13.59
N SER A 92 6.66 12.98 14.89
CA SER A 92 5.57 13.80 15.41
C SER A 92 6.08 14.75 16.49
#